data_2KH4
# 
_entry.id   2KH4 
# 
_audit_conform.dict_name       mmcif_pdbx.dic 
_audit_conform.dict_version    5.391 
_audit_conform.dict_location   http://mmcif.pdb.org/dictionaries/ascii/mmcif_pdbx.dic 
# 
loop_
_database_2.database_id 
_database_2.database_code 
_database_2.pdbx_database_accession 
_database_2.pdbx_DOI 
PDB   2KH4         pdb_00002kh4 10.2210/pdb2kh4/pdb 
RCSB  RCSB101113   ?            ?                   
WWPDB D_1000101113 ?            ?                   
BMRB  16223        ?            10.13018/BMR16223   
# 
loop_
_pdbx_audit_revision_history.ordinal 
_pdbx_audit_revision_history.data_content_type 
_pdbx_audit_revision_history.major_revision 
_pdbx_audit_revision_history.minor_revision 
_pdbx_audit_revision_history.revision_date 
1 'Structure model' 1 0 2009-12-15 
2 'Structure model' 1 1 2011-07-13 
3 'Structure model' 1 2 2020-02-26 
4 'Structure model' 1 3 2024-05-01 
# 
_pdbx_audit_revision_details.ordinal             1 
_pdbx_audit_revision_details.revision_ordinal    1 
_pdbx_audit_revision_details.data_content_type   'Structure model' 
_pdbx_audit_revision_details.provider            repository 
_pdbx_audit_revision_details.type                'Initial release' 
_pdbx_audit_revision_details.description         ? 
_pdbx_audit_revision_details.details             ? 
# 
loop_
_pdbx_audit_revision_group.ordinal 
_pdbx_audit_revision_group.revision_ordinal 
_pdbx_audit_revision_group.data_content_type 
_pdbx_audit_revision_group.group 
1 2 'Structure model' 'Version format compliance' 
2 3 'Structure model' 'Data collection'           
3 3 'Structure model' 'Database references'       
4 3 'Structure model' 'Derived calculations'      
5 3 'Structure model' Other                       
6 4 'Structure model' 'Data collection'           
7 4 'Structure model' 'Database references'       
# 
loop_
_pdbx_audit_revision_category.ordinal 
_pdbx_audit_revision_category.revision_ordinal 
_pdbx_audit_revision_category.data_content_type 
_pdbx_audit_revision_category.category 
1 3 'Structure model' database_2           
2 3 'Structure model' pdbx_database_status 
3 3 'Structure model' pdbx_nmr_software    
4 3 'Structure model' struct_conn          
5 4 'Structure model' chem_comp_atom       
6 4 'Structure model' chem_comp_bond       
7 4 'Structure model' database_2           
# 
loop_
_pdbx_audit_revision_item.ordinal 
_pdbx_audit_revision_item.revision_ordinal 
_pdbx_audit_revision_item.data_content_type 
_pdbx_audit_revision_item.item 
1 3 'Structure model' '_pdbx_database_status.status_code_cs' 
2 3 'Structure model' '_pdbx_nmr_software.name'              
3 3 'Structure model' '_struct_conn.pdbx_leaving_atom_flag'  
4 4 'Structure model' '_database_2.pdbx_DOI'                 
5 4 'Structure model' '_database_2.pdbx_database_accession'  
# 
_database_PDB_caveat.id     1 
_database_PDB_caveat.text   
;Chirality error at C1' center of FAG in Chain A
;
# 
_pdbx_database_status.deposit_site                    BMRB 
_pdbx_database_status.entry_id                        2KH4 
_pdbx_database_status.process_site                    RCSB 
_pdbx_database_status.recvd_initial_deposition_date   2009-03-24 
_pdbx_database_status.SG_entry                        ? 
_pdbx_database_status.status_code                     REL 
_pdbx_database_status.status_code_mr                  REL 
_pdbx_database_status.status_code_sf                  ? 
_pdbx_database_status.status_code_cs                  REL 
_pdbx_database_status.methods_development_category    ? 
_pdbx_database_status.pdb_format_compatible           Y 
_pdbx_database_status.status_code_nmr_data            ? 
# 
loop_
_pdbx_database_related.db_name 
_pdbx_database_related.db_id 
_pdbx_database_related.content_type 
_pdbx_database_related.details 
PDB  2KH3  unspecified . 
BMRB 16223 unspecified . 
# 
_audit_author.name           'Brown, K.L.' 
_audit_author.pdbx_ordinal   1 
# 
_citation.id                        primary 
_citation.title                     
;Structural perturbations induced by the alpha-anomer of the aflatoxin B(1) formamidopyrimidine adduct in duplex and single-strand DNA
;
_citation.journal_abbrev            J.Am.Chem.Soc. 
_citation.journal_volume            131 
_citation.page_first                16096 
_citation.page_last                 16107 
_citation.year                      2009 
_citation.journal_id_ASTM           JACSAT 
_citation.country                   US 
_citation.journal_id_ISSN           0002-7863 
_citation.journal_id_CSD            0004 
_citation.book_publisher            ? 
_citation.pdbx_database_id_PubMed   19831353 
_citation.pdbx_database_id_DOI      10.1021/ja902052v 
# 
loop_
_citation_author.citation_id 
_citation_author.name 
_citation_author.ordinal 
_citation_author.identifier_ORCID 
primary 'Brown, K.L.'   1 ? 
primary 'Voehler, M.W.' 2 ? 
primary 'Magee, S.M.'   3 ? 
primary 'Harris, C.M.'  4 ? 
primary 'Harris, T.M.'  5 ? 
primary 'Stone, M.P.'   6 ? 
# 
_entity.id                         1 
_entity.type                       polymer 
_entity.src_method                 syn 
_entity.pdbx_description           "5'-D(*CP*TP*(FAG)P*A)-3'" 
_entity.formula_weight             1537.118 
_entity.pdbx_number_of_molecules   1 
_entity.pdbx_ec                    ? 
_entity.pdbx_mutation              ? 
_entity.pdbx_fragment              ? 
_entity.details                    ? 
# 
_entity_poly.entity_id                      1 
_entity_poly.type                           polydeoxyribonucleotide 
_entity_poly.nstd_linkage                   no 
_entity_poly.nstd_monomer                   yes 
_entity_poly.pdbx_seq_one_letter_code       '(DC)(DT)(FAG)(DA)' 
_entity_poly.pdbx_seq_one_letter_code_can   CTNA 
_entity_poly.pdbx_strand_id                 A 
_entity_poly.pdbx_target_identifier         ? 
# 
loop_
_entity_poly_seq.entity_id 
_entity_poly_seq.num 
_entity_poly_seq.mon_id 
_entity_poly_seq.hetero 
1 1 DC  n 
1 2 DT  n 
1 3 FAG n 
1 4 DA  n 
# 
loop_
_chem_comp.id 
_chem_comp.type 
_chem_comp.mon_nstd_flag 
_chem_comp.name 
_chem_comp.pdbx_synonyms 
_chem_comp.formula 
_chem_comp.formula_weight 
DA  'DNA linking' y "2'-DEOXYADENOSINE-5'-MONOPHOSPHATE" ? 'C10 H14 N5 O6 P'  331.222 
DC  'DNA linking' y "2'-DEOXYCYTIDINE-5'-MONOPHOSPHATE" ? 'C9 H14 N3 O7 P'   307.197 
DT  'DNA linking' y "THYMIDINE-5'-MONOPHOSPHATE" ? 'C10 H15 N2 O8 P'  322.208 
FAG 'DNA linking' . 
;[1',2'-DIDEOXY[2-AMINO-5-([9-HYDROXY-AFLATOXINB2-8-YL]-FORMYL-AMINO)-6-OXO-1,6-IHYDRO-PYRIMIDIN-4-YLAMINO]-RIBOFURANOSE]-5-MONOPHOSPHATE GROUP
;
? 'C27 H28 N5 O15 P' 693.509 
# 
loop_
_pdbx_poly_seq_scheme.asym_id 
_pdbx_poly_seq_scheme.entity_id 
_pdbx_poly_seq_scheme.seq_id 
_pdbx_poly_seq_scheme.mon_id 
_pdbx_poly_seq_scheme.ndb_seq_num 
_pdbx_poly_seq_scheme.pdb_seq_num 
_pdbx_poly_seq_scheme.auth_seq_num 
_pdbx_poly_seq_scheme.pdb_mon_id 
_pdbx_poly_seq_scheme.auth_mon_id 
_pdbx_poly_seq_scheme.pdb_strand_id 
_pdbx_poly_seq_scheme.pdb_ins_code 
_pdbx_poly_seq_scheme.hetero 
A 1 1 DC  1 1 1 DC  DC  A . n 
A 1 2 DT  2 2 2 DT  DT  A . n 
A 1 3 FAG 3 3 3 FAG FAG A . n 
A 1 4 DA  4 4 4 DA  DA  A . n 
# 
_cell.entry_id           2KH4 
_cell.length_a           1.000 
_cell.length_b           1.000 
_cell.length_c           1.000 
_cell.angle_alpha        90.00 
_cell.angle_beta         90.00 
_cell.angle_gamma        90.00 
_cell.Z_PDB              1 
_cell.pdbx_unique_axis   ? 
# 
_symmetry.entry_id                         2KH4 
_symmetry.space_group_name_H-M             'P 1' 
_symmetry.pdbx_full_space_group_name_H-M   ? 
_symmetry.cell_setting                     ? 
_symmetry.Int_Tables_number                1 
# 
_exptl.absorpt_coefficient_mu     ? 
_exptl.absorpt_correction_T_max   ? 
_exptl.absorpt_correction_T_min   ? 
_exptl.absorpt_correction_type    ? 
_exptl.absorpt_process_details    ? 
_exptl.crystals_number            ? 
_exptl.details                    ? 
_exptl.entry_id                   2KH4 
_exptl.method                     'SOLUTION NMR' 
_exptl.method_details             ? 
# 
_struct.entry_id                  2KH4 
_struct.title                     'Aflatoxin Formamidopyrimidine alpha anomer in single strand DNA' 
_struct.pdbx_model_details        'closest to the average, model 1' 
_struct.pdbx_CASP_flag            ? 
_struct.pdbx_model_type_details   ? 
# 
_struct_keywords.entry_id        2KH4 
_struct_keywords.pdbx_keywords   DNA 
_struct_keywords.text            'Aflatoxin, Formamidopyrimidine, alpha anomer, DNA' 
# 
_struct_asym.id                            A 
_struct_asym.pdbx_blank_PDB_chainid_flag   N 
_struct_asym.pdbx_modified                 N 
_struct_asym.entity_id                     1 
_struct_asym.details                       ? 
# 
_struct_ref.id                         1 
_struct_ref.db_name                    PDB 
_struct_ref.db_code                    2KH4 
_struct_ref.pdbx_db_accession          2KH4 
_struct_ref.entity_id                  1 
_struct_ref.pdbx_align_begin           1 
_struct_ref.pdbx_seq_one_letter_code   CTXA 
_struct_ref.pdbx_db_isoform            ? 
# 
_struct_ref_seq.align_id                      1 
_struct_ref_seq.ref_id                        1 
_struct_ref_seq.pdbx_PDB_id_code              2KH4 
_struct_ref_seq.pdbx_strand_id                A 
_struct_ref_seq.seq_align_beg                 1 
_struct_ref_seq.pdbx_seq_align_beg_ins_code   ? 
_struct_ref_seq.seq_align_end                 4 
_struct_ref_seq.pdbx_seq_align_end_ins_code   ? 
_struct_ref_seq.pdbx_db_accession             2KH4 
_struct_ref_seq.db_align_beg                  1 
_struct_ref_seq.pdbx_db_align_beg_ins_code    ? 
_struct_ref_seq.db_align_end                  4 
_struct_ref_seq.pdbx_db_align_end_ins_code    ? 
_struct_ref_seq.pdbx_auth_seq_align_beg       1 
_struct_ref_seq.pdbx_auth_seq_align_end       4 
# 
_pdbx_struct_assembly.id                   1 
_pdbx_struct_assembly.details              author_defined_assembly 
_pdbx_struct_assembly.method_details       ? 
_pdbx_struct_assembly.oligomeric_details   monomeric 
_pdbx_struct_assembly.oligomeric_count     1 
# 
_pdbx_struct_assembly_gen.assembly_id       1 
_pdbx_struct_assembly_gen.oper_expression   1 
_pdbx_struct_assembly_gen.asym_id_list      A 
# 
_pdbx_struct_oper_list.id                   1 
_pdbx_struct_oper_list.type                 'identity operation' 
_pdbx_struct_oper_list.name                 1_555 
_pdbx_struct_oper_list.symmetry_operation   x,y,z 
_pdbx_struct_oper_list.matrix[1][1]         1.0000000000 
_pdbx_struct_oper_list.matrix[1][2]         0.0000000000 
_pdbx_struct_oper_list.matrix[1][3]         0.0000000000 
_pdbx_struct_oper_list.vector[1]            0.0000000000 
_pdbx_struct_oper_list.matrix[2][1]         0.0000000000 
_pdbx_struct_oper_list.matrix[2][2]         1.0000000000 
_pdbx_struct_oper_list.matrix[2][3]         0.0000000000 
_pdbx_struct_oper_list.vector[2]            0.0000000000 
_pdbx_struct_oper_list.matrix[3][1]         0.0000000000 
_pdbx_struct_oper_list.matrix[3][2]         0.0000000000 
_pdbx_struct_oper_list.matrix[3][3]         1.0000000000 
_pdbx_struct_oper_list.vector[3]            0.0000000000 
# 
_struct_biol.id        1 
_struct_biol.details   ? 
# 
loop_
_struct_conn.id 
_struct_conn.conn_type_id 
_struct_conn.pdbx_leaving_atom_flag 
_struct_conn.pdbx_PDB_id 
_struct_conn.ptnr1_label_asym_id 
_struct_conn.ptnr1_label_comp_id 
_struct_conn.ptnr1_label_seq_id 
_struct_conn.ptnr1_label_atom_id 
_struct_conn.pdbx_ptnr1_label_alt_id 
_struct_conn.pdbx_ptnr1_PDB_ins_code 
_struct_conn.pdbx_ptnr1_standard_comp_id 
_struct_conn.ptnr1_symmetry 
_struct_conn.ptnr2_label_asym_id 
_struct_conn.ptnr2_label_comp_id 
_struct_conn.ptnr2_label_seq_id 
_struct_conn.ptnr2_label_atom_id 
_struct_conn.pdbx_ptnr2_label_alt_id 
_struct_conn.pdbx_ptnr2_PDB_ins_code 
_struct_conn.ptnr1_auth_asym_id 
_struct_conn.ptnr1_auth_comp_id 
_struct_conn.ptnr1_auth_seq_id 
_struct_conn.ptnr2_auth_asym_id 
_struct_conn.ptnr2_auth_comp_id 
_struct_conn.ptnr2_auth_seq_id 
_struct_conn.ptnr2_symmetry 
_struct_conn.pdbx_ptnr3_label_atom_id 
_struct_conn.pdbx_ptnr3_label_seq_id 
_struct_conn.pdbx_ptnr3_label_comp_id 
_struct_conn.pdbx_ptnr3_label_asym_id 
_struct_conn.pdbx_ptnr3_label_alt_id 
_struct_conn.pdbx_ptnr3_PDB_ins_code 
_struct_conn.details 
_struct_conn.pdbx_dist_value 
_struct_conn.pdbx_value_order 
_struct_conn.pdbx_role 
covale1 covale both ? A DT  2 "O3'" ? ? ? 1_555 A FAG 3 P ? ? A DT  2 A FAG 3 1_555 ? ? ? ? ? ? ? 1.609 ? ? 
covale2 covale one  ? A FAG 3 "O3'" ? ? ? 1_555 A DA  4 P ? ? A FAG 3 A DA  4 1_555 ? ? ? ? ? ? ? 1.607 ? ? 
# 
_struct_conn_type.id          covale 
_struct_conn_type.criteria    ? 
_struct_conn_type.reference   ? 
# 
loop_
_pdbx_validate_rmsd_bond.id 
_pdbx_validate_rmsd_bond.PDB_model_num 
_pdbx_validate_rmsd_bond.auth_atom_id_1 
_pdbx_validate_rmsd_bond.auth_asym_id_1 
_pdbx_validate_rmsd_bond.auth_comp_id_1 
_pdbx_validate_rmsd_bond.auth_seq_id_1 
_pdbx_validate_rmsd_bond.PDB_ins_code_1 
_pdbx_validate_rmsd_bond.label_alt_id_1 
_pdbx_validate_rmsd_bond.auth_atom_id_2 
_pdbx_validate_rmsd_bond.auth_asym_id_2 
_pdbx_validate_rmsd_bond.auth_comp_id_2 
_pdbx_validate_rmsd_bond.auth_seq_id_2 
_pdbx_validate_rmsd_bond.PDB_ins_code_2 
_pdbx_validate_rmsd_bond.label_alt_id_2 
_pdbx_validate_rmsd_bond.bond_value 
_pdbx_validate_rmsd_bond.bond_target_value 
_pdbx_validate_rmsd_bond.bond_deviation 
_pdbx_validate_rmsd_bond.bond_standard_deviation 
_pdbx_validate_rmsd_bond.linker_flag 
1  1 C5    A DC 1 ? ? C6    A DC 1 ? ? 1.426 1.339 0.087  0.008 N 
2  1 C5    A DT 2 ? ? C6    A DT 2 ? ? 1.430 1.339 0.091  0.007 N 
3  1 P     A DA 4 ? ? OP1   A DA 4 ? ? 1.383 1.485 -0.102 0.017 N 
4  2 C5    A DC 1 ? ? C6    A DC 1 ? ? 1.424 1.339 0.085  0.008 N 
5  2 C5    A DT 2 ? ? C6    A DT 2 ? ? 1.427 1.339 0.088  0.007 N 
6  3 "O5'" A DC 1 ? ? "C5'" A DC 1 ? ? 0.970 1.418 -0.448 0.025 N 
7  3 "C5'" A DC 1 ? ? "C4'" A DC 1 ? ? 1.426 1.509 -0.083 0.011 N 
8  3 "C3'" A DC 1 ? ? "C2'" A DC 1 ? ? 1.436 1.516 -0.080 0.008 N 
9  3 "O3'" A DC 1 ? ? "C3'" A DC 1 ? ? 1.380 1.419 -0.039 0.006 N 
10 3 C5    A DC 1 ? ? C6    A DC 1 ? ? 1.425 1.339 0.086  0.008 N 
11 3 "O3'" A DC 1 ? ? P     A DT 2 ? ? 1.525 1.607 -0.082 0.012 Y 
12 3 C5    A DT 2 ? ? C6    A DT 2 ? ? 1.428 1.339 0.089  0.007 N 
13 4 C5    A DC 1 ? ? C6    A DC 1 ? ? 1.424 1.339 0.085  0.008 N 
14 4 C5    A DT 2 ? ? C6    A DT 2 ? ? 1.429 1.339 0.090  0.007 N 
15 4 "C3'" A DA 4 ? ? "C2'" A DA 4 ? ? 1.401 1.516 -0.115 0.008 N 
16 4 "C2'" A DA 4 ? ? "C1'" A DA 4 ? ? 1.439 1.518 -0.079 0.010 N 
17 4 "O4'" A DA 4 ? ? "C4'" A DA 4 ? ? 1.353 1.446 -0.093 0.010 N 
18 4 "O3'" A DA 4 ? ? "C3'" A DA 4 ? ? 1.303 1.419 -0.116 0.006 N 
19 5 C5    A DC 1 ? ? C6    A DC 1 ? ? 1.426 1.339 0.087  0.008 N 
20 5 C5    A DT 2 ? ? C6    A DT 2 ? ? 1.428 1.339 0.089  0.007 N 
21 5 "C3'" A DA 4 ? ? "C2'" A DA 4 ? ? 1.401 1.516 -0.115 0.008 N 
22 5 "O3'" A DA 4 ? ? "C3'" A DA 4 ? ? 1.283 1.419 -0.136 0.006 N 
23 6 C5    A DC 1 ? ? C6    A DC 1 ? ? 1.426 1.339 0.087  0.008 N 
24 6 C5    A DT 2 ? ? C6    A DT 2 ? ? 1.428 1.339 0.089  0.007 N 
25 7 "C3'" A DC 1 ? ? "C2'" A DC 1 ? ? 1.448 1.516 -0.068 0.008 N 
26 7 C5    A DC 1 ? ? C6    A DC 1 ? ? 1.426 1.339 0.087  0.008 N 
27 7 C5    A DT 2 ? ? C6    A DT 2 ? ? 1.429 1.339 0.090  0.007 N 
28 8 C5    A DC 1 ? ? C6    A DC 1 ? ? 1.425 1.339 0.086  0.008 N 
29 8 C5    A DT 2 ? ? C6    A DT 2 ? ? 1.429 1.339 0.090  0.007 N 
30 8 P     A DA 4 ? ? OP1   A DA 4 ? ? 1.340 1.485 -0.145 0.017 N 
31 8 P     A DA 4 ? ? OP2   A DA 4 ? ? 1.274 1.485 -0.211 0.017 N 
32 8 P     A DA 4 ? ? "O5'" A DA 4 ? ? 1.446 1.593 -0.147 0.010 N 
# 
loop_
_pdbx_validate_rmsd_angle.id 
_pdbx_validate_rmsd_angle.PDB_model_num 
_pdbx_validate_rmsd_angle.auth_atom_id_1 
_pdbx_validate_rmsd_angle.auth_asym_id_1 
_pdbx_validate_rmsd_angle.auth_comp_id_1 
_pdbx_validate_rmsd_angle.auth_seq_id_1 
_pdbx_validate_rmsd_angle.PDB_ins_code_1 
_pdbx_validate_rmsd_angle.label_alt_id_1 
_pdbx_validate_rmsd_angle.auth_atom_id_2 
_pdbx_validate_rmsd_angle.auth_asym_id_2 
_pdbx_validate_rmsd_angle.auth_comp_id_2 
_pdbx_validate_rmsd_angle.auth_seq_id_2 
_pdbx_validate_rmsd_angle.PDB_ins_code_2 
_pdbx_validate_rmsd_angle.label_alt_id_2 
_pdbx_validate_rmsd_angle.auth_atom_id_3 
_pdbx_validate_rmsd_angle.auth_asym_id_3 
_pdbx_validate_rmsd_angle.auth_comp_id_3 
_pdbx_validate_rmsd_angle.auth_seq_id_3 
_pdbx_validate_rmsd_angle.PDB_ins_code_3 
_pdbx_validate_rmsd_angle.label_alt_id_3 
_pdbx_validate_rmsd_angle.angle_value 
_pdbx_validate_rmsd_angle.angle_target_value 
_pdbx_validate_rmsd_angle.angle_deviation 
_pdbx_validate_rmsd_angle.angle_standard_deviation 
_pdbx_validate_rmsd_angle.linker_flag 
1  1 "O4'" A DC 1 ? ? "C4'" A DC 1 ? ? "C3'" A DC 1 ? ? 112.49 106.00 6.49   0.60 N 
2  1 "C4'" A DC 1 ? ? "C3'" A DC 1 ? ? "C2'" A DC 1 ? ? 96.07  102.20 -6.13  0.70 N 
3  1 "C3'" A DC 1 ? ? "C2'" A DC 1 ? ? "C1'" A DC 1 ? ? 111.24 102.50 8.74   1.20 N 
4  1 "O4'" A DC 1 ? ? "C1'" A DC 1 ? ? N1    A DC 1 ? ? 112.80 108.30 4.50   0.30 N 
5  1 "O4'" A DT 2 ? ? "C1'" A DT 2 ? ? N1    A DT 2 ? ? 113.01 108.30 4.71   0.30 N 
6  1 N3    A DT 2 ? ? C4    A DT 2 ? ? O4    A DT 2 ? ? 124.23 119.90 4.33   0.60 N 
7  1 C5    A DT 2 ? ? C4    A DT 2 ? ? O4    A DT 2 ? ? 120.66 124.90 -4.24  0.70 N 
8  1 "O5'" A DA 4 ? ? "C5'" A DA 4 ? ? "C4'" A DA 4 ? ? 103.47 109.40 -5.93  0.80 N 
9  1 "O4'" A DA 4 ? ? "C1'" A DA 4 ? ? "C2'" A DA 4 ? ? 101.06 105.90 -4.84  0.80 N 
10 1 "O4'" A DA 4 ? ? "C1'" A DA 4 ? ? N9    A DA 4 ? ? 114.51 108.30 6.21   0.30 N 
11 2 "O4'" A DC 1 ? ? "C1'" A DC 1 ? ? N1    A DC 1 ? ? 110.41 108.30 2.11   0.30 N 
12 2 "O4'" A DT 2 ? ? "C1'" A DT 2 ? ? N1    A DT 2 ? ? 112.88 108.30 4.58   0.30 N 
13 2 N3    A DT 2 ? ? C4    A DT 2 ? ? O4    A DT 2 ? ? 124.40 119.90 4.50   0.60 N 
14 2 C5    A DT 2 ? ? C4    A DT 2 ? ? O4    A DT 2 ? ? 120.53 124.90 -4.37  0.70 N 
15 2 "O4'" A DA 4 ? ? "C1'" A DA 4 ? ? N9    A DA 4 ? ? 111.96 108.30 3.66   0.30 N 
16 2 C4    A DA 4 ? ? C5    A DA 4 ? ? C6    A DA 4 ? ? 113.98 117.00 -3.02  0.50 N 
17 3 "O4'" A DC 1 ? ? "C1'" A DC 1 ? ? N1    A DC 1 ? ? 111.36 108.30 3.06   0.30 N 
18 3 "O4'" A DT 2 ? ? "C1'" A DT 2 ? ? N1    A DT 2 ? ? 113.10 108.30 4.80   0.30 N 
19 3 N3    A DT 2 ? ? C4    A DT 2 ? ? O4    A DT 2 ? ? 124.31 119.90 4.41   0.60 N 
20 3 C5    A DT 2 ? ? C4    A DT 2 ? ? O4    A DT 2 ? ? 120.59 124.90 -4.31  0.70 N 
21 3 "O4'" A DA 4 ? ? "C1'" A DA 4 ? ? N9    A DA 4 ? ? 113.34 108.30 5.04   0.30 N 
22 4 "O4'" A DC 1 ? ? "C1'" A DC 1 ? ? N1    A DC 1 ? ? 111.76 108.30 3.46   0.30 N 
23 4 "O4'" A DT 2 ? ? "C1'" A DT 2 ? ? N1    A DT 2 ? ? 112.63 108.30 4.33   0.30 N 
24 4 N3    A DT 2 ? ? C4    A DT 2 ? ? O4    A DT 2 ? ? 124.15 119.90 4.25   0.60 N 
25 4 C5    A DT 2 ? ? C4    A DT 2 ? ? O4    A DT 2 ? ? 120.64 124.90 -4.26  0.70 N 
26 4 "O4'" A DA 4 ? ? "C1'" A DA 4 ? ? N9    A DA 4 ? ? 112.96 108.30 4.66   0.30 N 
27 5 "O4'" A DC 1 ? ? "C1'" A DC 1 ? ? N1    A DC 1 ? ? 111.12 108.30 2.82   0.30 N 
28 5 "O4'" A DT 2 ? ? "C1'" A DT 2 ? ? N1    A DT 2 ? ? 112.82 108.30 4.52   0.30 N 
29 5 N3    A DT 2 ? ? C4    A DT 2 ? ? O4    A DT 2 ? ? 124.25 119.90 4.35   0.60 N 
30 5 C5    A DT 2 ? ? C4    A DT 2 ? ? O4    A DT 2 ? ? 120.66 124.90 -4.24  0.70 N 
31 5 "O4'" A DA 4 ? ? "C1'" A DA 4 ? ? N9    A DA 4 ? ? 112.39 108.30 4.09   0.30 N 
32 6 "O4'" A DC 1 ? ? "C1'" A DC 1 ? ? N1    A DC 1 ? ? 112.18 108.30 3.88   0.30 N 
33 6 "O4'" A DT 2 ? ? "C1'" A DT 2 ? ? N1    A DT 2 ? ? 112.75 108.30 4.45   0.30 N 
34 6 N3    A DT 2 ? ? C4    A DT 2 ? ? O4    A DT 2 ? ? 124.18 119.90 4.28   0.60 N 
35 6 C5    A DT 2 ? ? C4    A DT 2 ? ? O4    A DT 2 ? ? 120.63 124.90 -4.27  0.70 N 
36 6 "O4'" A DA 4 ? ? "C1'" A DA 4 ? ? N9    A DA 4 ? ? 111.89 108.30 3.59   0.30 N 
37 7 "O4'" A DC 1 ? ? "C1'" A DC 1 ? ? N1    A DC 1 ? ? 112.53 108.30 4.23   0.30 N 
38 7 "O4'" A DT 2 ? ? "C1'" A DT 2 ? ? N1    A DT 2 ? ? 112.26 108.30 3.96   0.30 N 
39 7 N3    A DT 2 ? ? C4    A DT 2 ? ? O4    A DT 2 ? ? 124.28 119.90 4.38   0.60 N 
40 7 C5    A DT 2 ? ? C4    A DT 2 ? ? O4    A DT 2 ? ? 120.54 124.90 -4.36  0.70 N 
41 7 "O4'" A DA 4 ? ? "C1'" A DA 4 ? ? N9    A DA 4 ? ? 113.05 108.30 4.75   0.30 N 
42 8 "C5'" A DC 1 ? ? "C4'" A DC 1 ? ? "C3'" A DC 1 ? ? 100.80 114.10 -13.30 1.80 N 
43 8 "O4'" A DC 1 ? ? "C1'" A DC 1 ? ? N1    A DC 1 ? ? 112.63 108.30 4.33   0.30 N 
44 8 "O4'" A DT 2 ? ? "C1'" A DT 2 ? ? N1    A DT 2 ? ? 112.70 108.30 4.40   0.30 N 
45 8 N3    A DT 2 ? ? C4    A DT 2 ? ? O4    A DT 2 ? ? 124.31 119.90 4.41   0.60 N 
46 8 C5    A DT 2 ? ? C4    A DT 2 ? ? O4    A DT 2 ? ? 120.60 124.90 -4.30  0.70 N 
47 8 "O4'" A DA 4 ? ? "C1'" A DA 4 ? ? N9    A DA 4 ? ? 112.17 108.30 3.87   0.30 N 
# 
loop_
_pdbx_validate_chiral.id 
_pdbx_validate_chiral.PDB_model_num 
_pdbx_validate_chiral.auth_atom_id 
_pdbx_validate_chiral.label_alt_id 
_pdbx_validate_chiral.auth_asym_id 
_pdbx_validate_chiral.auth_comp_id 
_pdbx_validate_chiral.auth_seq_id 
_pdbx_validate_chiral.PDB_ins_code 
_pdbx_validate_chiral.details 
_pdbx_validate_chiral.omega 
1 1 "C1'" ? A FAG 3 ? 'WRONG HAND' . 
2 2 "C1'" ? A FAG 3 ? 'WRONG HAND' . 
3 3 "C1'" ? A FAG 3 ? 'WRONG HAND' . 
4 4 "C1'" ? A FAG 3 ? 'WRONG HAND' . 
5 5 "C1'" ? A FAG 3 ? 'WRONG HAND' . 
6 6 "C1'" ? A FAG 3 ? 'WRONG HAND' . 
7 7 "C1'" ? A FAG 3 ? 'WRONG HAND' . 
8 8 "C1'" ? A FAG 3 ? 'WRONG HAND' . 
# 
_pdbx_nmr_ensemble.average_constraint_violations_per_residue     ? 
_pdbx_nmr_ensemble.average_constraints_per_residue               ? 
_pdbx_nmr_ensemble.average_distance_constraint_violation         ? 
_pdbx_nmr_ensemble.average_torsion_angle_constraint_violation    ? 
_pdbx_nmr_ensemble.conformer_selection_criteria                  'back calculated data agree with experimental NOESY spectrum' 
_pdbx_nmr_ensemble.conformers_calculated_total_number            8 
_pdbx_nmr_ensemble.conformers_submitted_total_number             8 
_pdbx_nmr_ensemble.distance_constraint_violation_method          ? 
_pdbx_nmr_ensemble.entry_id                                      2KH4 
_pdbx_nmr_ensemble.maximum_distance_constraint_violation         ? 
_pdbx_nmr_ensemble.maximum_lower_distance_constraint_violation   ? 
_pdbx_nmr_ensemble.maximum_torsion_angle_constraint_violation    ? 
_pdbx_nmr_ensemble.maximum_upper_distance_constraint_violation   ? 
_pdbx_nmr_ensemble.torsion_angle_constraint_violation_method     ? 
# 
_pdbx_nmr_representative.conformer_id         1 
_pdbx_nmr_representative.entry_id             2KH4 
_pdbx_nmr_representative.selection_criteria   'closest to the average' 
# 
loop_
_pdbx_nmr_sample_details.contents 
_pdbx_nmr_sample_details.solution_id 
_pdbx_nmr_sample_details.solvent_system 
;0.4 mM (5'-D(*DCP*DTP*(FAG)P*DA)-3')-1, 100% D2O
;
1 '100% D2O'        
;0.4 mM (5'-D(*DCP*DTP*(FAG)P*DA)-3')-2, 90% H2O/10% D2O
;
2 '90% H2O/10% D2O' 
# 
loop_
_pdbx_nmr_exptl_sample.component 
_pdbx_nmr_exptl_sample.concentration 
_pdbx_nmr_exptl_sample.concentration_range 
_pdbx_nmr_exptl_sample.concentration_units 
_pdbx_nmr_exptl_sample.isotopic_labeling 
_pdbx_nmr_exptl_sample.solution_id 
"5'-D(*DCP*DTP*(FAG)P*DA)-3'-1" 0.4 ? mM ? 1 
"5'-D(*DCP*DTP*(FAG)P*DA)-3'-2" 0.4 ? mM ? 2 
# 
_pdbx_nmr_exptl_sample_conditions.conditions_id       1 
_pdbx_nmr_exptl_sample_conditions.ionic_strength      0.1 
_pdbx_nmr_exptl_sample_conditions.pH                  8.7 
_pdbx_nmr_exptl_sample_conditions.pressure            ambient 
_pdbx_nmr_exptl_sample_conditions.pressure_units      ? 
_pdbx_nmr_exptl_sample_conditions.temperature         278 
_pdbx_nmr_exptl_sample_conditions.temperature_units   K 
# 
loop_
_pdbx_nmr_exptl.conditions_id 
_pdbx_nmr_exptl.experiment_id 
_pdbx_nmr_exptl.solution_id 
_pdbx_nmr_exptl.type 
1 1 1 '2D 1H-1H NOESY' 
1 2 1 '2D 1H-1H COSY'  
1 3 2 '2D 1H-1H NOESY' 
# 
_pdbx_nmr_refine.entry_id           2KH4 
_pdbx_nmr_refine.method             'molecular dynamics' 
_pdbx_nmr_refine.details            ? 
_pdbx_nmr_refine.software_ordinal   1 
# 
loop_
_pdbx_nmr_software.authors 
_pdbx_nmr_software.classification 
_pdbx_nmr_software.name 
_pdbx_nmr_software.version 
_pdbx_nmr_software.ordinal 
'Case, Darden, Cheatham, III, Simmerling, Wang, Duke, Luo, ... and Kollm' refinement                  Amber     9 1 
Goddard                                                                   'chemical shift assignment' Sparky    ? 2 
Goddard                                                                   'data analysis'             Sparky    ? 3 
'Bruker Biospin'                                                          processing                  TopSpin   ? 4 
'Borgias, B.A. & James, T.L.'                                             'restraint generation'      MARDIGRAS ? 5 
'James T.L.'                                                              'structure validation'      CORMA     ? 6 
'Lavery, R. and Sklenar, H'                                               'data analysis'             Curves    ? 7 
# 
loop_
_chem_comp_atom.comp_id 
_chem_comp_atom.atom_id 
_chem_comp_atom.type_symbol 
_chem_comp_atom.pdbx_aromatic_flag 
_chem_comp_atom.pdbx_stereo_config 
_chem_comp_atom.pdbx_ordinal 
DA  OP3    O N N 1   
DA  P      P N N 2   
DA  OP1    O N N 3   
DA  OP2    O N N 4   
DA  "O5'"  O N N 5   
DA  "C5'"  C N N 6   
DA  "C4'"  C N R 7   
DA  "O4'"  O N N 8   
DA  "C3'"  C N S 9   
DA  "O3'"  O N N 10  
DA  "C2'"  C N N 11  
DA  "C1'"  C N R 12  
DA  N9     N Y N 13  
DA  C8     C Y N 14  
DA  N7     N Y N 15  
DA  C5     C Y N 16  
DA  C6     C Y N 17  
DA  N6     N N N 18  
DA  N1     N Y N 19  
DA  C2     C Y N 20  
DA  N3     N Y N 21  
DA  C4     C Y N 22  
DA  HOP3   H N N 23  
DA  HOP2   H N N 24  
DA  "H5'"  H N N 25  
DA  "H5''" H N N 26  
DA  "H4'"  H N N 27  
DA  "H3'"  H N N 28  
DA  "HO3'" H N N 29  
DA  "H2'"  H N N 30  
DA  "H2''" H N N 31  
DA  "H1'"  H N N 32  
DA  H8     H N N 33  
DA  H61    H N N 34  
DA  H62    H N N 35  
DA  H2     H N N 36  
DC  OP3    O N N 37  
DC  P      P N N 38  
DC  OP1    O N N 39  
DC  OP2    O N N 40  
DC  "O5'"  O N N 41  
DC  "C5'"  C N N 42  
DC  "C4'"  C N R 43  
DC  "O4'"  O N N 44  
DC  "C3'"  C N S 45  
DC  "O3'"  O N N 46  
DC  "C2'"  C N N 47  
DC  "C1'"  C N R 48  
DC  N1     N N N 49  
DC  C2     C N N 50  
DC  O2     O N N 51  
DC  N3     N N N 52  
DC  C4     C N N 53  
DC  N4     N N N 54  
DC  C5     C N N 55  
DC  C6     C N N 56  
DC  HOP3   H N N 57  
DC  HOP2   H N N 58  
DC  "H5'"  H N N 59  
DC  "H5''" H N N 60  
DC  "H4'"  H N N 61  
DC  "H3'"  H N N 62  
DC  "HO3'" H N N 63  
DC  "H2'"  H N N 64  
DC  "H2''" H N N 65  
DC  "H1'"  H N N 66  
DC  H41    H N N 67  
DC  H42    H N N 68  
DC  H5     H N N 69  
DC  H6     H N N 70  
DT  OP3    O N N 71  
DT  P      P N N 72  
DT  OP1    O N N 73  
DT  OP2    O N N 74  
DT  "O5'"  O N N 75  
DT  "C5'"  C N N 76  
DT  "C4'"  C N R 77  
DT  "O4'"  O N N 78  
DT  "C3'"  C N S 79  
DT  "O3'"  O N N 80  
DT  "C2'"  C N N 81  
DT  "C1'"  C N R 82  
DT  N1     N N N 83  
DT  C2     C N N 84  
DT  O2     O N N 85  
DT  N3     N N N 86  
DT  C4     C N N 87  
DT  O4     O N N 88  
DT  C5     C N N 89  
DT  C7     C N N 90  
DT  C6     C N N 91  
DT  HOP3   H N N 92  
DT  HOP2   H N N 93  
DT  "H5'"  H N N 94  
DT  "H5''" H N N 95  
DT  "H4'"  H N N 96  
DT  "H3'"  H N N 97  
DT  "HO3'" H N N 98  
DT  "H2'"  H N N 99  
DT  "H2''" H N N 100 
DT  "H1'"  H N N 101 
DT  H3     H N N 102 
DT  H71    H N N 103 
DT  H72    H N N 104 
DT  H73    H N N 105 
DT  H6     H N N 106 
FAG C3A    C N N 107 
FAG C3     C N N 108 
FAG C2A    C N N 109 
FAG C1     C N N 110 
FAG O1     O N N 111 
FAG P      P N N 112 
FAG O1P    O N N 113 
FAG O2P    O N N 114 
FAG "O5'"  O N N 115 
FAG "C5'"  C N N 116 
FAG "C4'"  C N R 117 
FAG "O4'"  O N N 118 
FAG "C1'"  C N R 119 
FAG N9     N N N 120 
FAG C4     C N N 121 
FAG N3     N N N 122 
FAG C2     C N N 123 
FAG N2     N N N 124 
FAG N1     N N N 125 
FAG C6     C N N 126 
FAG O6     O N N 127 
FAG C5     C N N 128 
FAG N7     N N N 129 
FAG C8     C N N 130 
FAG O8     O N N 131 
FAG "C2'"  C N N 132 
FAG "C3'"  C N S 133 
FAG "O3'"  O N N 134 
FAG C8A    C N R 135 
FAG C9     C N R 136 
FAG O9     O N N 137 
FAG C9A    C N R 138 
FAG C9B    C Y N 139 
FAG O7     O N N 140 
FAG C6A    C N S 141 
FAG O6A    O N N 142 
FAG C5M    C Y N 143 
FAG C5B    C Y N 144 
FAG C4B    C Y N 145 
FAG O4     O N N 146 
FAG CM     C N N 147 
FAG C4A    C Y N 148 
FAG CAA    C Y N 149 
FAG O10    O N N 150 
FAG C11    C N N 151 
FAG O11    O N N 152 
FAG CBA    C N N 153 
FAG H31    H N N 154 
FAG H32    H N N 155 
FAG H2A1   H N N 156 
FAG H2A2   H N N 157 
FAG HOP2   H N N 158 
FAG "H5'1" H N N 159 
FAG "H5'2" H N N 160 
FAG "H4'"  H N N 161 
FAG "H1'"  H N N 162 
FAG HN9    H N N 163 
FAG HN21   H N N 164 
FAG HN22   H N N 165 
FAG H1     H N N 166 
FAG H8     H N N 167 
FAG "H2'1" H N N 168 
FAG "H2'2" H N N 169 
FAG "H3'"  H N N 170 
FAG "HO3'" H N N 171 
FAG H8A    H N N 172 
FAG H9     H N N 173 
FAG HO9    H N N 174 
FAG H9A    H N N 175 
FAG H6A    H N N 176 
FAG H5B    H N N 177 
FAG HM1    H N N 178 
FAG HM2    H N N 179 
FAG HM3    H N N 180 
FAG O3P    O N N 181 
FAG HOP3   H N N 182 
# 
loop_
_chem_comp_bond.comp_id 
_chem_comp_bond.atom_id_1 
_chem_comp_bond.atom_id_2 
_chem_comp_bond.value_order 
_chem_comp_bond.pdbx_aromatic_flag 
_chem_comp_bond.pdbx_stereo_config 
_chem_comp_bond.pdbx_ordinal 
DA  OP3   P      sing N N 1   
DA  OP3   HOP3   sing N N 2   
DA  P     OP1    doub N N 3   
DA  P     OP2    sing N N 4   
DA  P     "O5'"  sing N N 5   
DA  OP2   HOP2   sing N N 6   
DA  "O5'" "C5'"  sing N N 7   
DA  "C5'" "C4'"  sing N N 8   
DA  "C5'" "H5'"  sing N N 9   
DA  "C5'" "H5''" sing N N 10  
DA  "C4'" "O4'"  sing N N 11  
DA  "C4'" "C3'"  sing N N 12  
DA  "C4'" "H4'"  sing N N 13  
DA  "O4'" "C1'"  sing N N 14  
DA  "C3'" "O3'"  sing N N 15  
DA  "C3'" "C2'"  sing N N 16  
DA  "C3'" "H3'"  sing N N 17  
DA  "O3'" "HO3'" sing N N 18  
DA  "C2'" "C1'"  sing N N 19  
DA  "C2'" "H2'"  sing N N 20  
DA  "C2'" "H2''" sing N N 21  
DA  "C1'" N9     sing N N 22  
DA  "C1'" "H1'"  sing N N 23  
DA  N9    C8     sing Y N 24  
DA  N9    C4     sing Y N 25  
DA  C8    N7     doub Y N 26  
DA  C8    H8     sing N N 27  
DA  N7    C5     sing Y N 28  
DA  C5    C6     sing Y N 29  
DA  C5    C4     doub Y N 30  
DA  C6    N6     sing N N 31  
DA  C6    N1     doub Y N 32  
DA  N6    H61    sing N N 33  
DA  N6    H62    sing N N 34  
DA  N1    C2     sing Y N 35  
DA  C2    N3     doub Y N 36  
DA  C2    H2     sing N N 37  
DA  N3    C4     sing Y N 38  
DC  OP3   P      sing N N 39  
DC  OP3   HOP3   sing N N 40  
DC  P     OP1    doub N N 41  
DC  P     OP2    sing N N 42  
DC  P     "O5'"  sing N N 43  
DC  OP2   HOP2   sing N N 44  
DC  "O5'" "C5'"  sing N N 45  
DC  "C5'" "C4'"  sing N N 46  
DC  "C5'" "H5'"  sing N N 47  
DC  "C5'" "H5''" sing N N 48  
DC  "C4'" "O4'"  sing N N 49  
DC  "C4'" "C3'"  sing N N 50  
DC  "C4'" "H4'"  sing N N 51  
DC  "O4'" "C1'"  sing N N 52  
DC  "C3'" "O3'"  sing N N 53  
DC  "C3'" "C2'"  sing N N 54  
DC  "C3'" "H3'"  sing N N 55  
DC  "O3'" "HO3'" sing N N 56  
DC  "C2'" "C1'"  sing N N 57  
DC  "C2'" "H2'"  sing N N 58  
DC  "C2'" "H2''" sing N N 59  
DC  "C1'" N1     sing N N 60  
DC  "C1'" "H1'"  sing N N 61  
DC  N1    C2     sing N N 62  
DC  N1    C6     sing N N 63  
DC  C2    O2     doub N N 64  
DC  C2    N3     sing N N 65  
DC  N3    C4     doub N N 66  
DC  C4    N4     sing N N 67  
DC  C4    C5     sing N N 68  
DC  N4    H41    sing N N 69  
DC  N4    H42    sing N N 70  
DC  C5    C6     doub N N 71  
DC  C5    H5     sing N N 72  
DC  C6    H6     sing N N 73  
DT  OP3   P      sing N N 74  
DT  OP3   HOP3   sing N N 75  
DT  P     OP1    doub N N 76  
DT  P     OP2    sing N N 77  
DT  P     "O5'"  sing N N 78  
DT  OP2   HOP2   sing N N 79  
DT  "O5'" "C5'"  sing N N 80  
DT  "C5'" "C4'"  sing N N 81  
DT  "C5'" "H5'"  sing N N 82  
DT  "C5'" "H5''" sing N N 83  
DT  "C4'" "O4'"  sing N N 84  
DT  "C4'" "C3'"  sing N N 85  
DT  "C4'" "H4'"  sing N N 86  
DT  "O4'" "C1'"  sing N N 87  
DT  "C3'" "O3'"  sing N N 88  
DT  "C3'" "C2'"  sing N N 89  
DT  "C3'" "H3'"  sing N N 90  
DT  "O3'" "HO3'" sing N N 91  
DT  "C2'" "C1'"  sing N N 92  
DT  "C2'" "H2'"  sing N N 93  
DT  "C2'" "H2''" sing N N 94  
DT  "C1'" N1     sing N N 95  
DT  "C1'" "H1'"  sing N N 96  
DT  N1    C2     sing N N 97  
DT  N1    C6     sing N N 98  
DT  C2    O2     doub N N 99  
DT  C2    N3     sing N N 100 
DT  N3    C4     sing N N 101 
DT  N3    H3     sing N N 102 
DT  C4    O4     doub N N 103 
DT  C4    C5     sing N N 104 
DT  C5    C7     sing N N 105 
DT  C5    C6     doub N N 106 
DT  C7    H71    sing N N 107 
DT  C7    H72    sing N N 108 
DT  C7    H73    sing N N 109 
DT  C6    H6     sing N N 110 
FAG C3A   C3     sing N N 111 
FAG C3A   C4A    sing N N 112 
FAG C3A   CBA    doub N N 113 
FAG C3    C2A    sing N N 114 
FAG C3    H31    sing N N 115 
FAG C3    H32    sing N N 116 
FAG C2A   C1     sing N N 117 
FAG C2A   H2A1   sing N N 118 
FAG C2A   H2A2   sing N N 119 
FAG C1    O1     doub N N 120 
FAG C1    CBA    sing N N 121 
FAG P     O1P    doub N N 122 
FAG P     O2P    sing N N 123 
FAG P     "O5'"  sing N N 124 
FAG O2P   HOP2   sing N N 125 
FAG "O5'" "C5'"  sing N N 126 
FAG "C5'" "C4'"  sing N N 127 
FAG "C5'" "H5'1" sing N N 128 
FAG "C5'" "H5'2" sing N N 129 
FAG "C4'" "O4'"  sing N N 130 
FAG "C4'" "C3'"  sing N N 131 
FAG "C4'" "H4'"  sing N N 132 
FAG "O4'" "C1'"  sing N N 133 
FAG "C1'" N9     sing N N 134 
FAG "C1'" "C2'"  sing N N 135 
FAG "C1'" "H1'"  sing N N 136 
FAG N9    C4     sing N N 137 
FAG N9    HN9    sing N N 138 
FAG C4    N3     sing N N 139 
FAG C4    C5     doub N N 140 
FAG N3    C2     doub N N 141 
FAG C2    N2     sing N N 142 
FAG C2    N1     sing N N 143 
FAG N2    HN21   sing N N 144 
FAG N2    HN22   sing N N 145 
FAG N1    C6     sing N N 146 
FAG N1    H1     sing N N 147 
FAG C6    O6     doub N N 148 
FAG C6    C5     sing N N 149 
FAG C5    N7     sing N N 150 
FAG N7    C8     sing N N 151 
FAG N7    C8A    sing N N 152 
FAG C8    O8     doub N N 153 
FAG C8    H8     sing N N 154 
FAG "C2'" "C3'"  sing N N 155 
FAG "C2'" "H2'1" sing N N 156 
FAG "C2'" "H2'2" sing N N 157 
FAG "C3'" "O3'"  sing N N 158 
FAG "C3'" "H3'"  sing N N 159 
FAG "O3'" "HO3'" sing N N 160 
FAG C8A   C9     sing N N 161 
FAG C8A   O7     sing N N 162 
FAG C8A   H8A    sing N N 163 
FAG C9    O9     sing N N 164 
FAG C9    C9A    sing N N 165 
FAG C9    H9     sing N N 166 
FAG O9    HO9    sing N N 167 
FAG C9A   C9B    sing N N 168 
FAG C9A   C6A    sing N N 169 
FAG C9A   H9A    sing N N 170 
FAG C9B   C5M    doub Y N 171 
FAG C9B   CAA    sing Y N 172 
FAG O7    C6A    sing N N 173 
FAG C6A   O6A    sing N N 174 
FAG C6A   H6A    sing N N 175 
FAG O6A   C5M    sing N N 176 
FAG C5M   C5B    sing Y N 177 
FAG C5B   C4B    doub Y N 178 
FAG C5B   H5B    sing N N 179 
FAG C4B   O4     sing N N 180 
FAG C4B   C4A    sing Y N 181 
FAG O4    CM     sing N N 182 
FAG CM    HM1    sing N N 183 
FAG CM    HM2    sing N N 184 
FAG CM    HM3    sing N N 185 
FAG C4A   CAA    doub Y N 186 
FAG CAA   O10    sing N N 187 
FAG O10   C11    sing N N 188 
FAG C11   O11    doub N N 189 
FAG C11   CBA    sing N N 190 
FAG P     O3P    sing N N 191 
FAG O3P   HOP3   sing N N 192 
# 
_pdbx_nmr_spectrometer.field_strength    500 
_pdbx_nmr_spectrometer.manufacturer      Bruker 
_pdbx_nmr_spectrometer.model             Advance 
_pdbx_nmr_spectrometer.spectrometer_id   1 
_pdbx_nmr_spectrometer.type              'Bruker Advance' 
# 
_atom_sites.entry_id                    2KH4 
_atom_sites.fract_transf_matrix[1][1]   1.000000 
_atom_sites.fract_transf_matrix[1][2]   0.000000 
_atom_sites.fract_transf_matrix[1][3]   0.000000 
_atom_sites.fract_transf_matrix[2][1]   0.000000 
_atom_sites.fract_transf_matrix[2][2]   1.000000 
_atom_sites.fract_transf_matrix[2][3]   0.000000 
_atom_sites.fract_transf_matrix[3][1]   0.000000 
_atom_sites.fract_transf_matrix[3][2]   0.000000 
_atom_sites.fract_transf_matrix[3][3]   1.000000 
_atom_sites.fract_transf_vector[1]      0.00000 
_atom_sites.fract_transf_vector[2]      0.00000 
_atom_sites.fract_transf_vector[3]      0.00000 
# 
loop_
_atom_type.symbol 
C 
H 
N 
O 
P 
# 
loop_
_atom_site.group_PDB 
_atom_site.id 
_atom_site.type_symbol 
_atom_site.label_atom_id 
_atom_site.label_alt_id 
_atom_site.label_comp_id 
_atom_site.label_asym_id 
_atom_site.label_entity_id 
_atom_site.label_seq_id 
_atom_site.pdbx_PDB_ins_code 
_atom_site.Cartn_x 
_atom_site.Cartn_y 
_atom_site.Cartn_z 
_atom_site.occupancy 
_atom_site.B_iso_or_equiv 
_atom_site.pdbx_formal_charge 
_atom_site.auth_seq_id 
_atom_site.auth_comp_id 
_atom_site.auth_asym_id 
_atom_site.auth_atom_id 
_atom_site.pdbx_PDB_model_num 
ATOM   1    O "O5'"  . DC  A 1 1 ? -3.326 -0.489 7.481   1.00 0.00 ? 1 DC  A "O5'"  1 
ATOM   2    C "C5'"  . DC  A 1 1 ? -2.387 -0.997 8.402   1.00 0.00 ? 1 DC  A "C5'"  1 
ATOM   3    C "C4'"  . DC  A 1 1 ? -1.147 -0.095 8.350   1.00 0.00 ? 1 DC  A "C4'"  1 
ATOM   4    O "O4'"  . DC  A 1 1 ? -0.125 -0.666 9.190   1.00 0.00 ? 1 DC  A "O4'"  1 
ATOM   5    C "C3'"  . DC  A 1 1 ? -0.649 0.204  6.960   1.00 0.00 ? 1 DC  A "C3'"  1 
ATOM   6    O "O3'"  . DC  A 1 1 ? -0.205 1.518  6.794   1.00 0.00 ? 1 DC  A "O3'"  1 
ATOM   7    C "C2'"  . DC  A 1 1 ? 0.459  -0.791 6.972   1.00 0.00 ? 1 DC  A "C2'"  1 
ATOM   8    C "C1'"  . DC  A 1 1 ? 0.990  -1.008 8.381   1.00 0.00 ? 1 DC  A "C1'"  1 
ATOM   9    N N1     . DC  A 1 1 ? 1.440  -2.396 8.587   1.00 0.00 ? 1 DC  A N1     1 
ATOM   10   C C2     . DC  A 1 1 ? 2.793  -2.587 8.818   1.00 0.00 ? 1 DC  A C2     1 
ATOM   11   O O2     . DC  A 1 1 ? 3.533  -1.627 8.885   1.00 0.00 ? 1 DC  A O2     1 
ATOM   12   N N3     . DC  A 1 1 ? 3.262  -3.856 8.955   1.00 0.00 ? 1 DC  A N3     1 
ATOM   13   C C4     . DC  A 1 1 ? 2.460  -4.922 8.867   1.00 0.00 ? 1 DC  A C4     1 
ATOM   14   N N4     . DC  A 1 1 ? 3.006  -6.163 9.021   1.00 0.00 ? 1 DC  A N4     1 
ATOM   15   C C5     . DC  A 1 1 ? 1.058  -4.783 8.610   1.00 0.00 ? 1 DC  A C5     1 
ATOM   16   C C6     . DC  A 1 1 ? 0.580  -3.447 8.465   1.00 0.00 ? 1 DC  A C6     1 
ATOM   17   H "H5'"  . DC  A 1 1 ? -2.128 -2.023 8.133   1.00 0.00 ? 1 DC  A "H5'"  1 
ATOM   18   H "H5''" . DC  A 1 1 ? -2.814 -0.993 9.406   1.00 0.00 ? 1 DC  A "H5''" 1 
ATOM   19   H "H4'"  . DC  A 1 1 ? -1.259 0.896  8.605   1.00 0.00 ? 1 DC  A "H4'"  1 
ATOM   20   H "H3'"  . DC  A 1 1 ? -1.260 -0.095 6.283   1.00 0.00 ? 1 DC  A "H3'"  1 
ATOM   21   H "H2'"  . DC  A 1 1 ? 0.231  -1.710 6.428   1.00 0.00 ? 1 DC  A "H2'"  1 
ATOM   22   H "H2''" . DC  A 1 1 ? 1.101  -0.177 6.492   1.00 0.00 ? 1 DC  A "H2''" 1 
ATOM   23   H "H1'"  . DC  A 1 1 ? 1.802  -0.308 8.591   1.00 0.00 ? 1 DC  A "H1'"  1 
ATOM   24   H H41    . DC  A 1 1 ? 2.483  -7.026 8.886   1.00 0.00 ? 1 DC  A H41    1 
ATOM   25   H H42    . DC  A 1 1 ? 4.005  -6.329 9.120   1.00 0.00 ? 1 DC  A H42    1 
ATOM   26   H H5     . DC  A 1 1 ? 0.378  -5.616 8.523   1.00 0.00 ? 1 DC  A H5     1 
ATOM   27   H H6     . DC  A 1 1 ? -0.465 -3.262 8.267   1.00 0.00 ? 1 DC  A H6     1 
ATOM   28   H "HO5'" . DC  A 1 1 ? -3.220 0.468  7.568   1.00 0.00 ? 1 DC  A "HO5'" 1 
ATOM   29   P P      . DT  A 1 2 ? -0.598 2.441  5.594   1.00 0.00 ? 2 DT  A P      1 
ATOM   30   O OP1    . DT  A 1 2 ? -0.484 3.803  6.054   1.00 0.00 ? 2 DT  A OP1    1 
ATOM   31   O OP2    . DT  A 1 2 ? -1.864 1.993  5.054   1.00 0.00 ? 2 DT  A OP2    1 
ATOM   32   O "O5'"  . DT  A 1 2 ? 0.504  2.186  4.499   1.00 0.00 ? 2 DT  A "O5'"  1 
ATOM   33   C "C5'"  . DT  A 1 2 ? 1.834  2.626  4.676   1.00 0.00 ? 2 DT  A "C5'"  1 
ATOM   34   C "C4'"  . DT  A 1 2 ? 2.791  2.139  3.589   1.00 0.00 ? 2 DT  A "C4'"  1 
ATOM   35   O "O4'"  . DT  A 1 2 ? 2.977  0.735  3.777   1.00 0.00 ? 2 DT  A "O4'"  1 
ATOM   36   C "C3'"  . DT  A 1 2 ? 2.282  2.309  2.162   1.00 0.00 ? 2 DT  A "C3'"  1 
ATOM   37   O "O3'"  . DT  A 1 2 ? 3.376  2.552  1.260   1.00 0.00 ? 2 DT  A "O3'"  1 
ATOM   38   C "C2'"  . DT  A 1 2 ? 1.744  0.946  1.847   1.00 0.00 ? 2 DT  A "C2'"  1 
ATOM   39   C "C1'"  . DT  A 1 2 ? 2.663  -0.004 2.593   1.00 0.00 ? 2 DT  A "C1'"  1 
ATOM   40   N N1     . DT  A 1 2 ? 2.041  -1.313 2.878   1.00 0.00 ? 2 DT  A N1     1 
ATOM   41   C C2     . DT  A 1 2 ? 2.829  -2.432 2.675   1.00 0.00 ? 2 DT  A C2     1 
ATOM   42   O O2     . DT  A 1 2 ? 3.991  -2.325 2.337   1.00 0.00 ? 2 DT  A O2     1 
ATOM   43   N N3     . DT  A 1 2 ? 2.207  -3.673 2.875   1.00 0.00 ? 2 DT  A N3     1 
ATOM   44   C C4     . DT  A 1 2 ? 0.874  -3.873 3.251   1.00 0.00 ? 2 DT  A C4     1 
ATOM   45   O O4     . DT  A 1 2 ? 0.368  -4.964 3.418   1.00 0.00 ? 2 DT  A O4     1 
ATOM   46   C C5     . DT  A 1 2 ? 0.121  -2.701 3.424   1.00 0.00 ? 2 DT  A C5     1 
ATOM   47   C C7     . DT  A 1 2 ? -1.329 -2.801 3.834   1.00 0.00 ? 2 DT  A C7     1 
ATOM   48   C C6     . DT  A 1 2 ? 0.725  -1.420 3.229   1.00 0.00 ? 2 DT  A C6     1 
ATOM   49   H "H5'"  . DT  A 1 2 ? 2.162  2.264  5.612   1.00 0.00 ? 2 DT  A "H5'"  1 
ATOM   50   H "H5''" . DT  A 1 2 ? 1.842  3.674  4.707   1.00 0.00 ? 2 DT  A "H5''" 1 
ATOM   51   H "H4'"  . DT  A 1 2 ? 3.735  2.633  3.695   1.00 0.00 ? 2 DT  A "H4'"  1 
ATOM   52   H "H3'"  . DT  A 1 2 ? 1.529  3.062  2.079   1.00 0.00 ? 2 DT  A "H3'"  1 
ATOM   53   H "H2'"  . DT  A 1 2 ? 0.729  0.903  2.193   1.00 0.00 ? 2 DT  A "H2'"  1 
ATOM   54   H "H2''" . DT  A 1 2 ? 1.734  0.721  0.801   1.00 0.00 ? 2 DT  A "H2''" 1 
ATOM   55   H "H1'"  . DT  A 1 2 ? 3.586  -0.142 2.023   1.00 0.00 ? 2 DT  A "H1'"  1 
ATOM   56   H H3     . DT  A 1 2 ? 2.773  -4.497 2.733   1.00 0.00 ? 2 DT  A H3     1 
ATOM   57   H H71    . DT  A 1 2 ? -1.421 -3.450 4.709   1.00 0.00 ? 2 DT  A H71    1 
ATOM   58   H H72    . DT  A 1 2 ? -1.724 -1.813 4.078   1.00 0.00 ? 2 DT  A H72    1 
ATOM   59   H H73    . DT  A 1 2 ? -1.918 -3.234 3.024   1.00 0.00 ? 2 DT  A H73    1 
ATOM   60   H H6     . DT  A 1 2 ? 0.139  -0.522 3.366   1.00 0.00 ? 2 DT  A H6     1 
HETATM 61   C C3A    . FAG A 1 3 ? 0.922  -5.690 -1.649  1.00 0.00 ? 3 FAG A C3A    1 
HETATM 62   C C3     . FAG A 1 3 ? 2.280  -6.204 -2.026  1.00 0.00 ? 3 FAG A C3     1 
HETATM 63   C C2A    . FAG A 1 3 ? 1.958  -7.662 -2.457  1.00 0.00 ? 3 FAG A C2A    1 
HETATM 64   C C1     . FAG A 1 3 ? 0.453  -7.828 -2.276  1.00 0.00 ? 3 FAG A C1     1 
HETATM 65   O O1     . FAG A 1 3 ? -0.208 -8.824 -2.489  1.00 0.00 ? 3 FAG A O1     1 
HETATM 66   P P      . FAG A 1 3 ? 3.532  3.970  0.516   1.00 0.00 ? 3 FAG A P      1 
HETATM 67   O O1P    . FAG A 1 3 ? 4.761  3.936  -0.305  1.00 0.00 ? 3 FAG A O1P    1 
HETATM 68   O O2P    . FAG A 1 3 ? 3.340  5.044  1.518   1.00 0.00 ? 3 FAG A O2P    1 
HETATM 69   O "O5'"  . FAG A 1 3 ? 2.260  3.965  -0.475  1.00 0.00 ? 3 FAG A "O5'"  1 
HETATM 70   C "C5'"  . FAG A 1 3 ? 2.158  2.997  -1.535  1.00 0.00 ? 3 FAG A "C5'"  1 
HETATM 71   C "C4'"  . FAG A 1 3 ? 0.797  3.173  -2.224  1.00 0.00 ? 3 FAG A "C4'"  1 
HETATM 72   O "O4'"  . FAG A 1 3 ? 0.415  1.916  -2.815  1.00 0.00 ? 3 FAG A "O4'"  1 
HETATM 73   C "C1'"  . FAG A 1 3 ? -0.079 1.039  -1.776  1.00 0.00 ? 3 FAG A "C1'"  1 
HETATM 74   N N9     . FAG A 1 3 ? -1.169 0.180  -2.248  1.00 0.00 ? 3 FAG A N9     1 
HETATM 75   C C4     . FAG A 1 3 ? -0.884 -0.958 -2.938  1.00 0.00 ? 3 FAG A C4     1 
HETATM 76   N N3     . FAG A 1 3 ? 0.457  -1.260 -3.099  1.00 0.00 ? 3 FAG A N3     1 
HETATM 77   C C2     . FAG A 1 3 ? 0.692  -2.385 -3.786  1.00 0.00 ? 3 FAG A C2     1 
HETATM 78   N N2     . FAG A 1 3 ? 1.975  -2.786 -4.011  1.00 0.00 ? 3 FAG A N2     1 
HETATM 79   N N1     . FAG A 1 3 ? -0.278 -3.225 -4.312  1.00 0.00 ? 3 FAG A N1     1 
HETATM 80   C C6     . FAG A 1 3 ? -1.640 -2.973 -4.170  1.00 0.00 ? 3 FAG A C6     1 
HETATM 81   O O6     . FAG A 1 3 ? -2.530 -3.675 -4.606  1.00 0.00 ? 3 FAG A O6     1 
HETATM 82   C C5     . FAG A 1 3 ? -1.918 -1.798 -3.455  1.00 0.00 ? 3 FAG A C5     1 
HETATM 83   N N7     . FAG A 1 3 ? -3.214 -1.427 -3.258  1.00 0.00 ? 3 FAG A N7     1 
HETATM 84   C C8     . FAG A 1 3 ? -4.079 -1.302 -4.298  1.00 0.00 ? 3 FAG A C8     1 
HETATM 85   O O8     . FAG A 1 3 ? -3.704 -0.950 -5.398  1.00 0.00 ? 3 FAG A O8     1 
HETATM 86   C "C2'"  . FAG A 1 3 ? -0.603 1.970  -0.676  1.00 0.00 ? 3 FAG A "C2'"  1 
HETATM 87   C "C3'"  . FAG A 1 3 ? -0.286 3.381  -1.165  1.00 0.00 ? 3 FAG A "C3'"  1 
HETATM 88   O "O3'"  . FAG A 1 3 ? -1.455 3.950  -1.786  1.00 0.00 ? 3 FAG A "O3'"  1 
HETATM 89   C C8A    . FAG A 1 3 ? -3.665 -1.258 -1.867  1.00 0.00 ? 3 FAG A C8A    1 
HETATM 90   C C9     . FAG A 1 3 ? -3.682 -2.602 -1.126  1.00 0.00 ? 3 FAG A C9     1 
HETATM 91   O O9     . FAG A 1 3 ? -4.966 -2.786 -0.534  1.00 0.00 ? 3 FAG A O9     1 
HETATM 92   C C9A    . FAG A 1 3 ? -2.644 -2.471 -0.014  1.00 0.00 ? 3 FAG A C9A    1 
HETATM 93   C C9B    . FAG A 1 3 ? -1.290 -2.958 -0.398  1.00 0.00 ? 3 FAG A C9B    1 
HETATM 94   O O7     . FAG A 1 3 ? -2.770 -0.387 -1.138  1.00 0.00 ? 3 FAG A O7     1 
HETATM 95   C C6A    . FAG A 1 3 ? -2.350 -0.957 0.120   1.00 0.00 ? 3 FAG A C6A    1 
HETATM 96   O O6A    . FAG A 1 3 ? -0.901 -0.787 0.269   1.00 0.00 ? 3 FAG A O6A    1 
HETATM 97   C C5M    . FAG A 1 3 ? -0.347 -1.929 -0.204  1.00 0.00 ? 3 FAG A C5M    1 
HETATM 98   C C5B    . FAG A 1 3 ? 1.029  -2.186 -0.506  1.00 0.00 ? 3 FAG A C5B    1 
HETATM 99   C C4B    . FAG A 1 3 ? 1.424  -3.425 -0.982  1.00 0.00 ? 3 FAG A C4B    1 
HETATM 100  O O4     . FAG A 1 3 ? 2.729  -3.664 -1.271  1.00 0.00 ? 3 FAG A O4     1 
HETATM 101  C CM     . FAG A 1 3 ? 3.555  -2.504 -1.080  1.00 0.00 ? 3 FAG A CM     1 
HETATM 102  C C4A    . FAG A 1 3 ? 0.485  -4.429 -1.165  1.00 0.00 ? 3 FAG A C4A    1 
HETATM 103  C CAA    . FAG A 1 3 ? -0.865 -4.239 -0.889  1.00 0.00 ? 3 FAG A CAA    1 
HETATM 104  O O10    . FAG A 1 3 ? -1.834 -5.196 -1.054  1.00 0.00 ? 3 FAG A O10    1 
HETATM 105  C C11    . FAG A 1 3 ? -1.457 -6.416 -1.515  1.00 0.00 ? 3 FAG A C11    1 
HETATM 106  O O11    . FAG A 1 3 ? -2.248 -7.320 -1.688  1.00 0.00 ? 3 FAG A O11    1 
HETATM 107  C CBA    . FAG A 1 3 ? -0.098 -6.632 -1.797  1.00 0.00 ? 3 FAG A CBA    1 
HETATM 108  H H31    . FAG A 1 3 ? 2.964  -6.186 -1.174  1.00 0.00 ? 3 FAG A H31    1 
HETATM 109  H H32    . FAG A 1 3 ? 2.707  -5.634 -2.853  1.00 0.00 ? 3 FAG A H32    1 
HETATM 110  H H2A1   . FAG A 1 3 ? 2.495  -8.373 -1.827  1.00 0.00 ? 3 FAG A H2A1   1 
HETATM 111  H H2A2   . FAG A 1 3 ? 2.233  -7.819 -3.502  1.00 0.00 ? 3 FAG A H2A2   1 
HETATM 112  H "H5'1" . FAG A 1 3 ? 2.226  2.000  -1.095  1.00 0.00 ? 3 FAG A "H5'1" 1 
HETATM 113  H "H5'2" . FAG A 1 3 ? 2.979  3.131  -2.243  1.00 0.00 ? 3 FAG A "H5'2" 1 
HETATM 114  H "H4'"  . FAG A 1 3 ? 0.819  3.980  -2.961  1.00 0.00 ? 3 FAG A "H4'"  1 
HETATM 115  H "H1'"  . FAG A 1 3 ? 0.747  0.437  -1.391  1.00 0.00 ? 3 FAG A "H1'"  1 
HETATM 116  H HN9    . FAG A 1 3 ? -1.970 0.745  -2.525  1.00 0.00 ? 3 FAG A HN9    1 
HETATM 117  H HN21   . FAG A 1 3 ? 2.747  -2.153 -3.817  1.00 0.00 ? 3 FAG A HN21   1 
HETATM 118  H HN22   . FAG A 1 3 ? 2.204  -3.315 -4.851  1.00 0.00 ? 3 FAG A HN22   1 
HETATM 119  H H1     . FAG A 1 3 ? 0.002  -4.056 -4.813  1.00 0.00 ? 3 FAG A H1     1 
HETATM 120  H H8     . FAG A 1 3 ? -4.917 -1.997 -4.225  1.00 0.00 ? 3 FAG A H8     1 
HETATM 121  H "H2'1" . FAG A 1 3 ? -0.080 1.763  0.261   1.00 0.00 ? 3 FAG A "H2'1" 1 
HETATM 122  H "H2'2" . FAG A 1 3 ? -1.676 1.841  -0.520  1.00 0.00 ? 3 FAG A "H2'2" 1 
HETATM 123  H "H3'"  . FAG A 1 3 ? 0.043  4.029  -0.351  1.00 0.00 ? 3 FAG A "H3'"  1 
HETATM 124  H H8A    . FAG A 1 3 ? -4.664 -0.820 -1.861  1.00 0.00 ? 3 FAG A H8A    1 
HETATM 125  H H9     . FAG A 1 3 ? -3.451 -3.435 -1.792  1.00 0.00 ? 3 FAG A H9     1 
HETATM 126  H HO9    . FAG A 1 3 ? -5.618 -2.884 -1.252  1.00 0.00 ? 3 FAG A HO9    1 
HETATM 127  H H9A    . FAG A 1 3 ? -2.979 -2.914 0.926   1.00 0.00 ? 3 FAG A H9A    1 
HETATM 128  H H6A    . FAG A 1 3 ? -2.899 -0.496 0.944   1.00 0.00 ? 3 FAG A H6A    1 
HETATM 129  H H5B    . FAG A 1 3 ? 1.768  -1.403 -0.361  1.00 0.00 ? 3 FAG A H5B    1 
HETATM 130  H HM1    . FAG A 1 3 ? 3.210  -1.697 -1.730  1.00 0.00 ? 3 FAG A HM1    1 
HETATM 131  H HM2    . FAG A 1 3 ? 3.500  -2.184 -0.037  1.00 0.00 ? 3 FAG A HM2    1 
HETATM 132  H HM3    . FAG A 1 3 ? 4.588  -2.752 -1.327  1.00 0.00 ? 3 FAG A HM3    1 
ATOM   133  P P      . DA  A 1 4 ? -1.600 5.549  -1.843  1.00 0.00 ? 4 DA  A P      1 
ATOM   134  O OP1    . DA  A 1 4 ? -0.853 6.049  -0.792  1.00 0.00 ? 4 DA  A OP1    1 
ATOM   135  O OP2    . DA  A 1 4 ? -2.967 5.884  -1.944  1.00 0.00 ? 4 DA  A OP2    1 
ATOM   136  O "O5'"  . DA  A 1 4 ? -0.862 5.966  -3.172  1.00 0.00 ? 4 DA  A "O5'"  1 
ATOM   137  C "C5'"  . DA  A 1 4 ? -1.613 6.405  -4.293  1.00 0.00 ? 4 DA  A "C5'"  1 
ATOM   138  C "C4'"  . DA  A 1 4 ? -0.553 6.762  -5.309  1.00 0.00 ? 4 DA  A "C4'"  1 
ATOM   139  O "O4'"  . DA  A 1 4 ? 0.072  5.536  -5.743  1.00 0.00 ? 4 DA  A "O4'"  1 
ATOM   140  C "C3'"  . DA  A 1 4 ? -1.160 7.401  -6.552  1.00 0.00 ? 4 DA  A "C3'"  1 
ATOM   141  O "O3'"  . DA  A 1 4 ? -0.552 8.673  -6.764  1.00 0.00 ? 4 DA  A "O3'"  1 
ATOM   142  C "C2'"  . DA  A 1 4 ? -0.751 6.451  -7.667  1.00 0.00 ? 4 DA  A "C2'"  1 
ATOM   143  C "C1'"  . DA  A 1 4 ? 0.442  5.680  -7.125  1.00 0.00 ? 4 DA  A "C1'"  1 
ATOM   144  N N9     . DA  A 1 4 ? 0.589  4.407  -7.856  1.00 0.00 ? 4 DA  A N9     1 
ATOM   145  C C8     . DA  A 1 4 ? 0.217  4.136  -9.153  1.00 0.00 ? 4 DA  A C8     1 
ATOM   146  N N7     . DA  A 1 4 ? 0.485  2.926  -9.567  1.00 0.00 ? 4 DA  A N7     1 
ATOM   147  C C5     . DA  A 1 4 ? 1.107  2.342  -8.474  1.00 0.00 ? 4 DA  A C5     1 
ATOM   148  C C6     . DA  A 1 4 ? 1.678  1.057  -8.196  1.00 0.00 ? 4 DA  A C6     1 
ATOM   149  N N6     . DA  A 1 4 ? 1.688  0.035  -9.100  1.00 0.00 ? 4 DA  A N6     1 
ATOM   150  N N1     . DA  A 1 4 ? 2.231  0.857  -6.995  1.00 0.00 ? 4 DA  A N1     1 
ATOM   151  C C2     . DA  A 1 4 ? 2.239  1.833  -6.096  1.00 0.00 ? 4 DA  A C2     1 
ATOM   152  N N3     . DA  A 1 4 ? 1.756  3.061  -6.181  1.00 0.00 ? 4 DA  A N3     1 
ATOM   153  C C4     . DA  A 1 4 ? 1.196  3.263  -7.395  1.00 0.00 ? 4 DA  A C4     1 
ATOM   154  H "H5'"  . DA  A 1 4 ? -2.211 7.276  -4.018  1.00 0.00 ? 4 DA  A "H5'"  1 
ATOM   155  H "H5''" . DA  A 1 4 ? -2.264 5.603  -4.650  1.00 0.00 ? 4 DA  A "H5''" 1 
ATOM   156  H "H4'"  . DA  A 1 4 ? 0.202  7.423  -4.878  1.00 0.00 ? 4 DA  A "H4'"  1 
ATOM   157  H "H3'"  . DA  A 1 4 ? -2.245 7.500  -6.476  1.00 0.00 ? 4 DA  A "H3'"  1 
ATOM   158  H "HO3'" . DA  A 1 4 ? -1.032 9.127  -7.480  1.00 0.00 ? 4 DA  A "HO3'" 1 
ATOM   159  H "H2'"  . DA  A 1 4 ? -1.563 5.757  -7.890  1.00 0.00 ? 4 DA  A "H2'"  1 
ATOM   160  H "H2''" . DA  A 1 4 ? -0.502 7.021  -8.565  1.00 0.00 ? 4 DA  A "H2''" 1 
ATOM   161  H "H1'"  . DA  A 1 4 ? 1.351  6.282  -7.194  1.00 0.00 ? 4 DA  A "H1'"  1 
ATOM   162  H H8     . DA  A 1 4 ? -0.272 4.867  -9.780  1.00 0.00 ? 4 DA  A H8     1 
ATOM   163  H H61    . DA  A 1 4 ? 1.311  0.111  -10.044 1.00 0.00 ? 4 DA  A H61    1 
ATOM   164  H H62    . DA  A 1 4 ? 2.107  -0.875 -8.924  1.00 0.00 ? 4 DA  A H62    1 
ATOM   165  H H2     . DA  A 1 4 ? 2.710  1.587  -5.156  1.00 0.00 ? 4 DA  A H2     1 
ATOM   166  O "O5'"  . DC  A 1 1 ? -3.133 -0.160 6.215   1.00 0.00 ? 1 DC  A "O5'"  2 
ATOM   167  C "C5'"  . DC  A 1 1 ? -2.529 -0.638 7.414   1.00 0.00 ? 1 DC  A "C5'"  2 
ATOM   168  C "C4'"  . DC  A 1 1 ? -1.679 0.476  8.018   1.00 0.00 ? 1 DC  A "C4'"  2 
ATOM   169  O "O4'"  . DC  A 1 1 ? -1.290 0.120  9.363   1.00 0.00 ? 1 DC  A "O4'"  2 
ATOM   170  C "C3'"  . DC  A 1 1 ? -0.382 0.637  7.223   1.00 0.00 ? 1 DC  A "C3'"  2 
ATOM   171  O "O3'"  . DC  A 1 1 ? -0.238 2.007  6.883   1.00 0.00 ? 1 DC  A "O3'"  2 
ATOM   172  C "C2'"  . DC  A 1 1 ? 0.742  0.238  8.174   1.00 0.00 ? 1 DC  A "C2'"  2 
ATOM   173  C "C1'"  . DC  A 1 1 ? 0.122  0.336  9.567   1.00 0.00 ? 1 DC  A "C1'"  2 
ATOM   174  N N1     . DC  A 1 1 ? 0.686  -0.727 10.413  1.00 0.00 ? 1 DC  A N1     2 
ATOM   175  C C2     . DC  A 1 1 ? 1.639  -0.374 11.353  1.00 0.00 ? 1 DC  A C2     2 
ATOM   176  O O2     . DC  A 1 1 ? 1.924  0.796  11.513  1.00 0.00 ? 1 DC  A O2     2 
ATOM   177  N N3     . DC  A 1 1 ? 2.256  -1.359 12.062  1.00 0.00 ? 1 DC  A N3     2 
ATOM   178  C C4     . DC  A 1 1 ? 1.975  -2.653 11.869  1.00 0.00 ? 1 DC  A C4     2 
ATOM   179  N N4     . DC  A 1 1 ? 2.637  -3.587 12.610  1.00 0.00 ? 1 DC  A N4     2 
ATOM   180  C C5     . DC  A 1 1 ? 1.017  -3.074 10.895  1.00 0.00 ? 1 DC  A C5     2 
ATOM   181  C C6     . DC  A 1 1 ? 0.380  -2.032 10.162  1.00 0.00 ? 1 DC  A C6     2 
ATOM   182  H "H5'"  . DC  A 1 1 ? -1.905 -1.508 7.195   1.00 0.00 ? 1 DC  A "H5'"  2 
ATOM   183  H "H5''" . DC  A 1 1 ? -3.309 -0.939 8.115   1.00 0.00 ? 1 DC  A "H5''" 2 
ATOM   184  H "H4'"  . DC  A 1 1 ? -2.234 1.416  8.043   1.00 0.00 ? 1 DC  A "H4'"  2 
ATOM   185  H "H3'"  . DC  A 1 1 ? -0.352 0.055  6.319   1.00 0.00 ? 1 DC  A "H3'"  2 
ATOM   186  H "H2'"  . DC  A 1 1 ? 1.030  -0.797 7.983   1.00 0.00 ? 1 DC  A "H2'"  2 
ATOM   187  H "H2''" . DC  A 1 1 ? 1.620  0.878  8.067   1.00 0.00 ? 1 DC  A "H2''" 2 
ATOM   188  H "H1'"  . DC  A 1 1 ? 0.283  1.328  9.998   1.00 0.00 ? 1 DC  A "H1'"  2 
ATOM   189  H H41    . DC  A 1 1 ? 2.449  -4.585 12.555  1.00 0.00 ? 1 DC  A H41    2 
ATOM   190  H H42    . DC  A 1 1 ? 3.293  -3.357 13.353  1.00 0.00 ? 1 DC  A H42    2 
ATOM   191  H H5     . DC  A 1 1 ? 0.773  -4.106 10.696  1.00 0.00 ? 1 DC  A H5     2 
ATOM   192  H H6     . DC  A 1 1 ? -0.347 -2.270 9.400   1.00 0.00 ? 1 DC  A H6     2 
ATOM   193  H "HO5'" . DC  A 1 1 ? -2.645 0.524  5.819   1.00 0.00 ? 1 DC  A "HO5'" 2 
ATOM   194  P P      . DT  A 1 2 ? -0.718 2.606  5.543   1.00 0.00 ? 2 DT  A P      2 
ATOM   195  O OP1    . DT  A 1 2 ? -0.809 4.031  5.704   1.00 0.00 ? 2 DT  A OP1    2 
ATOM   196  O OP2    . DT  A 1 2 ? -1.889 1.860  5.126   1.00 0.00 ? 2 DT  A OP2    2 
ATOM   197  O "O5'"  . DT  A 1 2 ? 0.454  2.304  4.551   1.00 0.00 ? 2 DT  A "O5'"  2 
ATOM   198  C "C5'"  . DT  A 1 2 ? 1.763  2.865  4.712   1.00 0.00 ? 2 DT  A "C5'"  2 
ATOM   199  C "C4'"  . DT  A 1 2 ? 2.760  2.347  3.678   1.00 0.00 ? 2 DT  A "C4'"  2 
ATOM   200  O "O4'"  . DT  A 1 2 ? 2.956  0.951  3.931   1.00 0.00 ? 2 DT  A "O4'"  2 
ATOM   201  C "C3'"  . DT  A 1 2 ? 2.282  2.448  2.234   1.00 0.00 ? 2 DT  A "C3'"  2 
ATOM   202  O "O3'"  . DT  A 1 2 ? 3.397  2.659  1.345   1.00 0.00 ? 2 DT  A "O3'"  2 
ATOM   203  C "C2'"  . DT  A 1 2 ? 1.749  1.064  1.974   1.00 0.00 ? 2 DT  A "C2'"  2 
ATOM   204  C "C1'"  . DT  A 1 2 ? 2.670  0.182  2.777   1.00 0.00 ? 2 DT  A "C1'"  2 
ATOM   205  N N1     . DT  A 1 2 ? 2.102  -1.140 3.095   1.00 0.00 ? 2 DT  A N1     2 
ATOM   206  C C2     . DT  A 1 2 ? 2.875  -2.259 2.837   1.00 0.00 ? 2 DT  A C2     2 
ATOM   207  O O2     . DT  A 1 2 ? 4.000  -2.155 2.395   1.00 0.00 ? 2 DT  A O2     2 
ATOM   208  N N3     . DT  A 1 2 ? 2.272  -3.496 3.108   1.00 0.00 ? 2 DT  A N3     2 
ATOM   209  C C4     . DT  A 1 2 ? 0.978  -3.693 3.607   1.00 0.00 ? 2 DT  A C4     2 
ATOM   210  O O4     . DT  A 1 2 ? 0.488  -4.779 3.831   1.00 0.00 ? 2 DT  A O4     2 
ATOM   211  C C5     . DT  A 1 2 ? 0.247  -2.516 3.847   1.00 0.00 ? 2 DT  A C5     2 
ATOM   212  C C7     . DT  A 1 2 ? -1.155 -2.595 4.398   1.00 0.00 ? 2 DT  A C7     2 
ATOM   213  C C6     . DT  A 1 2 ? 0.834  -1.244 3.574   1.00 0.00 ? 2 DT  A C6     2 
ATOM   214  H "H5'"  . DT  A 1 2 ? 2.107  2.610  5.686   1.00 0.00 ? 2 DT  A "H5'"  2 
ATOM   215  H "H5''" . DT  A 1 2 ? 1.707  3.927  4.642   1.00 0.00 ? 2 DT  A "H5''" 2 
ATOM   216  H "H4'"  . DT  A 1 2 ? 3.697  2.867  3.789   1.00 0.00 ? 2 DT  A "H4'"  2 
ATOM   217  H "H3'"  . DT  A 1 2 ? 1.529  3.193  2.103   1.00 0.00 ? 2 DT  A "H3'"  2 
ATOM   218  H "H2'"  . DT  A 1 2 ? 0.728  1.027  2.309   1.00 0.00 ? 2 DT  A "H2'"  2 
ATOM   219  H "H2''" . DT  A 1 2 ? 1.750  0.791  0.940   1.00 0.00 ? 2 DT  A "H2''" 2 
ATOM   220  H "H1'"  . DT  A 1 2 ? 3.584  0.080  2.226   1.00 0.00 ? 2 DT  A "H1'"  2 
ATOM   221  H H3     . DT  A 1 2 ? 2.823  -4.324 2.924   1.00 0.00 ? 2 DT  A H3     2 
ATOM   222  H H71    . DT  A 1 2 ? -1.793 -3.167 3.720   1.00 0.00 ? 2 DT  A H71    2 
ATOM   223  H H72    . DT  A 1 2 ? -1.145 -3.099 5.367   1.00 0.00 ? 2 DT  A H72    2 
ATOM   224  H H73    . DT  A 1 2 ? -1.570 -1.591 4.519   1.00 0.00 ? 2 DT  A H73    2 
ATOM   225  H H6     . DT  A 1 2 ? 0.289  -0.337 3.761   1.00 0.00 ? 2 DT  A H6     2 
HETATM 226  C C3A    . FAG A 1 3 ? 1.092  -5.525 -1.964  1.00 0.00 ? 3 FAG A C3A    2 
HETATM 227  C C3     . FAG A 1 3 ? 2.461  -5.966 -2.394  1.00 0.00 ? 3 FAG A C3     2 
HETATM 228  C C2A    . FAG A 1 3 ? 2.174  -7.388 -2.953  1.00 0.00 ? 3 FAG A C2A    2 
HETATM 229  C C1     . FAG A 1 3 ? 0.677  -7.611 -2.780  1.00 0.00 ? 3 FAG A C1     2 
HETATM 230  O O1     . FAG A 1 3 ? 0.041  -8.602 -3.078  1.00 0.00 ? 3 FAG A O1     2 
HETATM 231  P P      . FAG A 1 3 ? 3.559  4.038  0.533   1.00 0.00 ? 3 FAG A P      2 
HETATM 232  O O1P    . FAG A 1 3 ? 4.801  3.965  -0.269  1.00 0.00 ? 3 FAG A O1P    2 
HETATM 233  O O2P    . FAG A 1 3 ? 3.356  5.160  1.477   1.00 0.00 ? 3 FAG A O2P    2 
HETATM 234  O "O5'"  . FAG A 1 3 ? 2.302  3.987  -0.474  1.00 0.00 ? 3 FAG A "O5'"  2 
HETATM 235  C "C5'"  . FAG A 1 3 ? 2.224  2.992  -1.512  1.00 0.00 ? 3 FAG A "C5'"  2 
HETATM 236  C "C4'"  . FAG A 1 3 ? 0.872  3.154  -2.220  1.00 0.00 ? 3 FAG A "C4'"  2 
HETATM 237  O "O4'"  . FAG A 1 3 ? 0.451  1.873  -2.731  1.00 0.00 ? 3 FAG A "O4'"  2 
HETATM 238  C "C1'"  . FAG A 1 3 ? -0.077 1.083  -1.640  1.00 0.00 ? 3 FAG A "C1'"  2 
HETATM 239  N N9     . FAG A 1 3 ? -1.160 0.191  -2.077  1.00 0.00 ? 3 FAG A N9     2 
HETATM 240  C C4     . FAG A 1 3 ? -0.841 -0.900 -2.828  1.00 0.00 ? 3 FAG A C4     2 
HETATM 241  N N3     . FAG A 1 3 ? 0.512  -1.143 -2.988  1.00 0.00 ? 3 FAG A N3     2 
HETATM 242  C C2     . FAG A 1 3 ? 0.801  -2.216 -3.733  1.00 0.00 ? 3 FAG A C2     2 
HETATM 243  N N2     . FAG A 1 3 ? 2.103  -2.547 -3.967  1.00 0.00 ? 3 FAG A N2     2 
HETATM 244  N N1     . FAG A 1 3 ? -0.129 -3.053 -4.331  1.00 0.00 ? 3 FAG A N1     2 
HETATM 245  C C6     . FAG A 1 3 ? -1.501 -2.851 -4.209  1.00 0.00 ? 3 FAG A C6     2 
HETATM 246  O O6     . FAG A 1 3 ? -2.354 -3.551 -4.715  1.00 0.00 ? 3 FAG A O6     2 
HETATM 247  C C5     . FAG A 1 3 ? -1.839 -1.737 -3.428  1.00 0.00 ? 3 FAG A C5     2 
HETATM 248  N N7     . FAG A 1 3 ? -3.156 -1.434 -3.242  1.00 0.00 ? 3 FAG A N7     2 
HETATM 249  C C8     . FAG A 1 3 ? -4.025 -1.402 -4.288  1.00 0.00 ? 3 FAG A C8     2 
HETATM 250  O O8     . FAG A 1 3 ? -3.683 -1.008 -5.385  1.00 0.00 ? 3 FAG A O8     2 
HETATM 251  C "C2'"  . FAG A 1 3 ? -0.605 2.103  -0.623  1.00 0.00 ? 3 FAG A "C2'"  2 
HETATM 252  C "C3'"  . FAG A 1 3 ? -0.206 3.467  -1.183  1.00 0.00 ? 3 FAG A "C3'"  2 
HETATM 253  O "O3'"  . FAG A 1 3 ? -1.339 4.059  -1.847  1.00 0.00 ? 3 FAG A "O3'"  2 
HETATM 254  C C8A    . FAG A 1 3 ? -3.629 -1.312 -1.855  1.00 0.00 ? 3 FAG A C8A    2 
HETATM 255  C C9     . FAG A 1 3 ? -3.626 -2.679 -1.159  1.00 0.00 ? 3 FAG A C9     2 
HETATM 256  O O9     . FAG A 1 3 ? -4.900 -2.883 -0.552  1.00 0.00 ? 3 FAG A O9     2 
HETATM 257  C C9A    . FAG A 1 3 ? -2.570 -2.572 -0.061  1.00 0.00 ? 3 FAG A C9A    2 
HETATM 258  C C9B    . FAG A 1 3 ? -1.202 -2.979 -0.489  1.00 0.00 ? 3 FAG A C9B    2 
HETATM 259  O O7     . FAG A 1 3 ? -2.761 -0.448 -1.086  1.00 0.00 ? 3 FAG A O7     2 
HETATM 260  C C6A    . FAG A 1 3 ? -2.333 -1.057 0.151   1.00 0.00 ? 3 FAG A C6A    2 
HETATM 261  O O6A    . FAG A 1 3 ? -0.893 -0.846 0.330   1.00 0.00 ? 3 FAG A O6A    2 
HETATM 262  C C5M    . FAG A 1 3 ? -0.295 -1.934 -0.219  1.00 0.00 ? 3 FAG A C5M    2 
HETATM 263  C C5B    . FAG A 1 3 ? 1.089  -2.126 -0.525  1.00 0.00 ? 3 FAG A C5B    2 
HETATM 264  C C4B    . FAG A 1 3 ? 1.527  -3.310 -1.090  1.00 0.00 ? 3 FAG A C4B    2 
HETATM 265  O O4     . FAG A 1 3 ? 2.844  -3.485 -1.366  1.00 0.00 ? 3 FAG A O4     2 
HETATM 266  C CM     . FAG A 1 3 ? 3.634  -2.348 -0.976  1.00 0.00 ? 3 FAG A CM     2 
HETATM 267  C C4A    . FAG A 1 3 ? 0.621  -4.323 -1.370  1.00 0.00 ? 3 FAG A C4A    2 
HETATM 268  C CAA    . FAG A 1 3 ? -0.736 -4.199 -1.083  1.00 0.00 ? 3 FAG A CAA    2 
HETATM 269  O O10    . FAG A 1 3 ? -1.676 -5.168 -1.325  1.00 0.00 ? 3 FAG A O10    2 
HETATM 270  C C11    . FAG A 1 3 ? -1.264 -6.331 -1.890  1.00 0.00 ? 3 FAG A C11    2 
HETATM 271  O O11    . FAG A 1 3 ? -2.030 -7.240 -2.139  1.00 0.00 ? 3 FAG A O11    2 
HETATM 272  C CBA    . FAG A 1 3 ? 0.097  -6.479 -2.196  1.00 0.00 ? 3 FAG A CBA    2 
HETATM 273  H H31    . FAG A 1 3 ? 3.152  -6.008 -1.550  1.00 0.00 ? 3 FAG A H31    2 
HETATM 274  H H32    . FAG A 1 3 ? 2.866  -5.314 -3.170  1.00 0.00 ? 3 FAG A H32    2 
HETATM 275  H H2A1   . FAG A 1 3 ? 2.737  -8.137 -2.394  1.00 0.00 ? 3 FAG A H2A1   2 
HETATM 276  H H2A2   . FAG A 1 3 ? 2.445  -7.441 -4.011  1.00 0.00 ? 3 FAG A H2A2   2 
HETATM 277  H "H5'1" . FAG A 1 3 ? 2.289  2.004  -1.048  1.00 0.00 ? 3 FAG A "H5'1" 2 
HETATM 278  H "H5'2" . FAG A 1 3 ? 3.053  3.114  -2.211  1.00 0.00 ? 3 FAG A "H5'2" 2 
HETATM 279  H "H4'"  . FAG A 1 3 ? 0.919  3.908  -3.008  1.00 0.00 ? 3 FAG A "H4'"  2 
HETATM 280  H "H1'"  . FAG A 1 3 ? 0.741  0.508  -1.199  1.00 0.00 ? 3 FAG A "H1'"  2 
HETATM 281  H HN9    . FAG A 1 3 ? -1.982 0.738  -2.324  1.00 0.00 ? 3 FAG A HN9    2 
HETATM 282  H HN21   . FAG A 1 3 ? 2.326  -3.316 -4.595  1.00 0.00 ? 3 FAG A HN21   2 
HETATM 283  H HN22   . FAG A 1 3 ? 2.792  -1.813 -4.114  1.00 0.00 ? 3 FAG A HN22   2 
HETATM 284  H H1     . FAG A 1 3 ? 0.192  -3.838 -4.881  1.00 0.00 ? 3 FAG A H1     2 
HETATM 285  H H8     . FAG A 1 3 ? -4.780 -2.182 -4.221  1.00 0.00 ? 3 FAG A H8     2 
HETATM 286  H "H2'1" . FAG A 1 3 ? -0.134 1.936  0.348   1.00 0.00 ? 3 FAG A "H2'1" 2 
HETATM 287  H "H2'2" . FAG A 1 3 ? -1.689 2.031  -0.510  1.00 0.00 ? 3 FAG A "H2'2" 2 
HETATM 288  H "H3'"  . FAG A 1 3 ? 0.150  4.140  -0.401  1.00 0.00 ? 3 FAG A "H3'"  2 
HETATM 289  H H8A    . FAG A 1 3 ? -4.638 -0.896 -1.850  1.00 0.00 ? 3 FAG A H8A    2 
HETATM 290  H H9     . FAG A 1 3 ? -3.406 -3.491 -1.854  1.00 0.00 ? 3 FAG A H9     2 
HETATM 291  H HO9    . FAG A 1 3 ? -4.905 -3.768 -0.143  1.00 0.00 ? 3 FAG A HO9    2 
HETATM 292  H H9A    . FAG A 1 3 ? -2.869 -3.080 0.859   1.00 0.00 ? 3 FAG A H9A    2 
HETATM 293  H H6A    . FAG A 1 3 ? -2.908 -0.655 0.988   1.00 0.00 ? 3 FAG A H6A    2 
HETATM 294  H H5B    . FAG A 1 3 ? 1.803  -1.332 -0.311  1.00 0.00 ? 3 FAG A H5B    2 
HETATM 295  H HM1    . FAG A 1 3 ? 3.447  -2.116 0.074   1.00 0.00 ? 3 FAG A HM1    2 
HETATM 296  H HM2    . FAG A 1 3 ? 4.694  -2.576 -1.113  1.00 0.00 ? 3 FAG A HM2    2 
HETATM 297  H HM3    . FAG A 1 3 ? 3.365  -1.487 -1.591  1.00 0.00 ? 3 FAG A HM3    2 
ATOM   298  P P      . DA  A 1 4 ? -1.426 5.659  -1.955  1.00 0.00 ? 4 DA  A P      2 
ATOM   299  O OP1    . DA  A 1 4 ? -0.733 6.188  -0.815  1.00 0.00 ? 4 DA  A OP1    2 
ATOM   300  O OP2    . DA  A 1 4 ? -2.796 6.050  -2.169  1.00 0.00 ? 4 DA  A OP2    2 
ATOM   301  O "O5'"  . DA  A 1 4 ? -0.622 6.077  -3.220  1.00 0.00 ? 4 DA  A "O5'"  2 
ATOM   302  C "C5'"  . DA  A 1 4 ? -1.236 5.902  -4.514  1.00 0.00 ? 4 DA  A "C5'"  2 
ATOM   303  C "C4'"  . DA  A 1 4 ? -0.529 6.758  -5.576  1.00 0.00 ? 4 DA  A "C4'"  2 
ATOM   304  O "O4'"  . DA  A 1 4 ? 0.679  6.107  -6.033  1.00 0.00 ? 4 DA  A "O4'"  2 
ATOM   305  C "C3'"  . DA  A 1 4 ? -1.416 6.917  -6.825  1.00 0.00 ? 4 DA  A "C3'"  2 
ATOM   306  O "O3'"  . DA  A 1 4 ? -1.578 8.305  -7.107  1.00 0.00 ? 4 DA  A "O3'"  2 
ATOM   307  C "C2'"  . DA  A 1 4 ? -0.629 6.266  -7.963  1.00 0.00 ? 4 DA  A "C2'"  2 
ATOM   308  C "C1'"  . DA  A 1 4 ? 0.814  6.280  -7.460  1.00 0.00 ? 4 DA  A "C1'"  2 
ATOM   309  N N9     . DA  A 1 4 ? 1.592  5.188  -8.078  1.00 0.00 ? 4 DA  A N9     2 
ATOM   310  C C8     . DA  A 1 4 ? 1.515  4.691  -9.358  1.00 0.00 ? 4 DA  A C8     2 
ATOM   311  N N7     . DA  A 1 4 ? 2.340  3.713  -9.624  1.00 0.00 ? 4 DA  A N7     2 
ATOM   312  C C5     . DA  A 1 4 ? 3.036  3.545  -8.435  1.00 0.00 ? 4 DA  A C5     2 
ATOM   313  C C6     . DA  A 1 4 ? 4.086  2.681  -7.978  1.00 0.00 ? 4 DA  A C6     2 
ATOM   314  N N6     . DA  A 1 4 ? 4.659  1.721  -8.759  1.00 0.00 ? 4 DA  A N6     2 
ATOM   315  N N1     . DA  A 1 4 ? 4.526  2.832  -6.723  1.00 0.00 ? 4 DA  A N1     2 
ATOM   316  C C2     . DA  A 1 4 ? 3.991  3.756  -5.939  1.00 0.00 ? 4 DA  A C2     2 
ATOM   317  N N3     . DA  A 1 4 ? 3.024  4.621  -6.191  1.00 0.00 ? 4 DA  A N3     2 
ATOM   318  C C4     . DA  A 1 4 ? 2.583  4.470  -7.458  1.00 0.00 ? 4 DA  A C4     2 
ATOM   319  H "H5'"  . DA  A 1 4 ? -2.274 6.231  -4.431  1.00 0.00 ? 4 DA  A "H5'"  2 
ATOM   320  H "H5''" . DA  A 1 4 ? -1.231 4.846  -4.789  1.00 0.00 ? 4 DA  A "H5''" 2 
ATOM   321  H "H4'"  . DA  A 1 4 ? -0.282 7.744  -5.178  1.00 0.00 ? 4 DA  A "H4'"  2 
ATOM   322  H "H3'"  . DA  A 1 4 ? -2.389 6.442  -6.692  1.00 0.00 ? 4 DA  A "H3'"  2 
ATOM   323  H "HO3'" . DA  A 1 4 ? -2.188 8.390  -7.862  1.00 0.00 ? 4 DA  A "HO3'" 2 
ATOM   324  H "H2'"  . DA  A 1 4 ? -0.959 5.235  -8.101  1.00 0.00 ? 4 DA  A "H2'"  2 
ATOM   325  H "H2''" . DA  A 1 4 ? -0.741 6.809  -8.905  1.00 0.00 ? 4 DA  A "H2''" 2 
ATOM   326  H "H1'"  . DA  A 1 4 ? 1.279  7.249  -7.655  1.00 0.00 ? 4 DA  A "H1'"  2 
ATOM   327  H H8     . DA  A 1 4 ? 0.817  5.075  -10.089 1.00 0.00 ? 4 DA  A H8     2 
ATOM   328  H H61    . DA  A 1 4 ? 4.320  1.478  -9.688  1.00 0.00 ? 4 DA  A H61    2 
ATOM   329  H H62    . DA  A 1 4 ? 5.333  1.042  -8.408  1.00 0.00 ? 4 DA  A H62    2 
ATOM   330  H H2     . DA  A 1 4 ? 4.404  3.817  -4.944  1.00 0.00 ? 4 DA  A H2     2 
ATOM   331  O "O5'"  . DC  A 1 1 ? -4.088 1.658  6.712   1.00 0.00 ? 1 DC  A "O5'"  3 
ATOM   332  C "C5'"  . DC  A 1 1 ? -3.635 1.089  7.354   1.00 0.00 ? 1 DC  A "C5'"  3 
ATOM   333  C "C4'"  . DC  A 1 1 ? -2.425 1.584  7.924   1.00 0.00 ? 1 DC  A "C4'"  3 
ATOM   334  O "O4'"  . DC  A 1 1 ? -2.364 0.985  9.219   1.00 0.00 ? 1 DC  A "O4'"  3 
ATOM   335  C "C3'"  . DC  A 1 1 ? -1.174 1.263  7.180   1.00 0.00 ? 1 DC  A "C3'"  3 
ATOM   336  O "O3'"  . DC  A 1 1 ? -0.357 2.363  7.027   1.00 0.00 ? 1 DC  A "O3'"  3 
ATOM   337  C "C2'"  . DC  A 1 1 ? -0.494 0.302  8.002   1.00 0.00 ? 1 DC  A "C2'"  3 
ATOM   338  C "C1'"  . DC  A 1 1 ? -1.071 0.429  9.382   1.00 0.00 ? 1 DC  A "C1'"  3 
ATOM   339  N N1     . DC  A 1 1 ? -1.122 -0.837 10.140  1.00 0.00 ? 1 DC  A N1     3 
ATOM   340  C C2     . DC  A 1 1 ? -0.185 -1.047 11.137  1.00 0.00 ? 1 DC  A C2     3 
ATOM   341  O O2     . DC  A 1 1 ? 0.671  -0.214 11.348  1.00 0.00 ? 1 DC  A O2     3 
ATOM   342  N N3     . DC  A 1 1 ? -0.256 -2.195 11.870  1.00 0.00 ? 1 DC  A N3     3 
ATOM   343  C C4     . DC  A 1 1 ? -1.198 -3.121 11.653  1.00 0.00 ? 1 DC  A C4     3 
ATOM   344  N N4     . DC  A 1 1 ? -1.216 -4.242 12.432  1.00 0.00 ? 1 DC  A N4     3 
ATOM   345  C C5     . DC  A 1 1 ? -2.184 -2.956 10.630  1.00 0.00 ? 1 DC  A C5     3 
ATOM   346  C C6     . DC  A 1 1 ? -2.094 -1.754 9.871   1.00 0.00 ? 1 DC  A C6     3 
ATOM   347  H "H5'"  . DC  A 1 1 ? -3.681 0.401  6.934   1.00 0.00 ? 1 DC  A "H5'"  3 
ATOM   348  H "H5''" . DC  A 1 1 ? -4.143 0.970  7.864   1.00 0.00 ? 1 DC  A "H5''" 3 
ATOM   349  H "H4'"  . DC  A 1 1 ? -2.496 2.566  8.026   1.00 0.00 ? 1 DC  A "H4'"  3 
ATOM   350  H "H3'"  . DC  A 1 1 ? -1.368 0.851  6.266   1.00 0.00 ? 1 DC  A "H3'"  3 
ATOM   351  H "H2'"  . DC  A 1 1 ? -0.702 -0.625 7.669   1.00 0.00 ? 1 DC  A "H2'"  3 
ATOM   352  H "H2''" . DC  A 1 1 ? 0.535  0.430  7.951   1.00 0.00 ? 1 DC  A "H2''" 3 
ATOM   353  H "H1'"  . DC  A 1 1 ? -0.485 1.188  9.807   1.00 0.00 ? 1 DC  A "H1'"  3 
ATOM   354  H H41    . DC  A 1 1 ? -1.856 -5.019 12.285  1.00 0.00 ? 1 DC  A H41    3 
ATOM   355  H H42    . DC  A 1 1 ? -0.498 -4.462 13.121  1.00 0.00 ? 1 DC  A H42    3 
ATOM   356  H H5     . DC  A 1 1 ? -2.964 -3.675 10.422  1.00 0.00 ? 1 DC  A H5     3 
ATOM   357  H H6     . DC  A 1 1 ? -2.810 -1.556 9.086   1.00 0.00 ? 1 DC  A H6     3 
ATOM   358  H "HO5'" . DC  A 1 1 ? -3.680 1.808  6.549   1.00 0.00 ? 1 DC  A "HO5'" 3 
ATOM   359  P P      . DT  A 1 2 ? -0.490 3.360  5.880   1.00 0.00 ? 2 DT  A P      3 
ATOM   360  O OP1    . DT  A 1 2 ? -0.102 4.613  6.359   1.00 0.00 ? 2 DT  A OP1    3 
ATOM   361  O OP2    . DT  A 1 2 ? -1.788 3.209  5.345   1.00 0.00 ? 2 DT  A OP2    3 
ATOM   362  O "O5'"  . DT  A 1 2 ? 0.558  2.916  4.816   1.00 0.00 ? 2 DT  A "O5'"  3 
ATOM   363  C "C5'"  . DT  A 1 2 ? 1.935  3.088  4.978   1.00 0.00 ? 2 DT  A "C5'"  3 
ATOM   364  C "C4'"  . DT  A 1 2 ? 2.781  2.492  3.869   1.00 0.00 ? 2 DT  A "C4'"  3 
ATOM   365  O "O4'"  . DT  A 1 2 ? 2.679  1.098  3.994   1.00 0.00 ? 2 DT  A "O4'"  3 
ATOM   366  C "C3'"  . DT  A 1 2 ? 2.323  2.826  2.481   1.00 0.00 ? 2 DT  A "C3'"  3 
ATOM   367  O "O3'"  . DT  A 1 2 ? 3.427  2.860  1.554   1.00 0.00 ? 2 DT  A "O3'"  3 
ATOM   368  C "C2'"  . DT  A 1 2 ? 1.482  1.653  2.160   1.00 0.00 ? 2 DT  A "C2'"  3 
ATOM   369  C "C1'"  . DT  A 1 2 ? 2.171  0.533  2.839   1.00 0.00 ? 2 DT  A "C1'"  3 
ATOM   370  N N1     . DT  A 1 2 ? 1.296  -0.627 3.098   1.00 0.00 ? 2 DT  A N1     3 
ATOM   371  C C2     . DT  A 1 2 ? 1.830  -1.886 2.880   1.00 0.00 ? 2 DT  A C2     3 
ATOM   372  O O2     . DT  A 1 2 ? 2.979  -2.021 2.511   1.00 0.00 ? 2 DT  A O2     3 
ATOM   373  N N3     . DT  A 1 2 ? 0.967  -2.969 3.093   1.00 0.00 ? 2 DT  A N3     3 
ATOM   374  C C4     . DT  A 1 2 ? -0.363 -2.890 3.523   1.00 0.00 ? 2 DT  A C4     3 
ATOM   375  O O4     . DT  A 1 2 ? -1.082 -3.852 3.703   1.00 0.00 ? 2 DT  A O4     3 
ATOM   376  C C5     . DT  A 1 2 ? -0.846 -1.587 3.729   1.00 0.00 ? 2 DT  A C5     3 
ATOM   377  C C7     . DT  A 1 2 ? -2.266 -1.378 4.202   1.00 0.00 ? 2 DT  A C7     3 
ATOM   378  C C6     . DT  A 1 2 ? -0.001 -0.461 3.493   1.00 0.00 ? 2 DT  A C6     3 
ATOM   379  H "H5'"  . DT  A 1 2 ? 2.168  2.647  5.882   1.00 0.00 ? 2 DT  A "H5'"  3 
ATOM   380  H "H5''" . DT  A 1 2 ? 2.152  4.087  5.035   1.00 0.00 ? 2 DT  A "H5''" 3 
ATOM   381  H "H4'"  . DT  A 1 2 ? 3.798  2.789  3.978   1.00 0.00 ? 2 DT  A "H4'"  3 
ATOM   382  H "H3'"  . DT  A 1 2 ? 1.777  3.716  2.459   1.00 0.00 ? 2 DT  A "H3'"  3 
ATOM   383  H "H2'"  . DT  A 1 2 ? 0.499  1.811  2.540   1.00 0.00 ? 2 DT  A "H2'"  3 
ATOM   384  H "H2''" . DT  A 1 2 ? 1.411  1.486  1.123   1.00 0.00 ? 2 DT  A "H2''" 3 
ATOM   385  H "H1'"  . DT  A 1 2 ? 2.998  0.272  2.221   1.00 0.00 ? 2 DT  A "H1'"  3 
ATOM   386  H H3     . DT  A 1 2 ? 1.340  -3.894 2.924   1.00 0.00 ? 2 DT  A H3     3 
ATOM   387  H H71    . DT  A 1 2 ? -2.963 -1.872 3.522   1.00 0.00 ? 2 DT  A H71    3 
ATOM   388  H H72    . DT  A 1 2 ? -2.390 -1.812 5.197   1.00 0.00 ? 2 DT  A H72    3 
ATOM   389  H H73    . DT  A 1 2 ? -2.496 -0.311 4.244   1.00 0.00 ? 2 DT  A H73    3 
ATOM   390  H H6     . DT  A 1 2 ? -0.380 0.538  3.648   1.00 0.00 ? 2 DT  A H6     3 
HETATM 391  C C3A    . FAG A 1 3 ? 0.898  -5.670 -1.831  1.00 0.00 ? 3 FAG A C3A    3 
HETATM 392  C C3     . FAG A 1 3 ? 2.266  -6.149 -2.222  1.00 0.00 ? 3 FAG A C3     3 
HETATM 393  C C2A    . FAG A 1 3 ? 1.964  -7.581 -2.744  1.00 0.00 ? 3 FAG A C2A    3 
HETATM 394  C C1     . FAG A 1 3 ? 0.457  -7.767 -2.608  1.00 0.00 ? 3 FAG A C1     3 
HETATM 395  O O1     . FAG A 1 3 ? -0.192 -8.753 -2.889  1.00 0.00 ? 3 FAG A O1     3 
HETATM 396  P P      . FAG A 1 3 ? 3.595  4.086  0.521   1.00 0.00 ? 3 FAG A P      3 
HETATM 397  O O1P    . FAG A 1 3 ? 4.788  3.824  -0.316  1.00 0.00 ? 3 FAG A O1P    3 
HETATM 398  O O2P    . FAG A 1 3 ? 3.503  5.347  1.291   1.00 0.00 ? 3 FAG A O2P    3 
HETATM 399  O "O5'"  . FAG A 1 3 ? 2.291  3.979  -0.421  1.00 0.00 ? 3 FAG A "O5'"  3 
HETATM 400  C "C5'"  . FAG A 1 3 ? 2.184  2.962  -1.437  1.00 0.00 ? 3 FAG A "C5'"  3 
HETATM 401  C "C4'"  . FAG A 1 3 ? 0.841  3.156  -2.158  1.00 0.00 ? 3 FAG A "C4'"  3 
HETATM 402  O "O4'"  . FAG A 1 3 ? 0.436  1.902  -2.747  1.00 0.00 ? 3 FAG A "O4'"  3 
HETATM 403  C "C1'"  . FAG A 1 3 ? -0.118 1.051  -1.716  1.00 0.00 ? 3 FAG A "C1'"  3 
HETATM 404  N N9     . FAG A 1 3 ? -1.218 0.214  -2.220  1.00 0.00 ? 3 FAG A N9     3 
HETATM 405  C C4     . FAG A 1 3 ? -0.928 -0.920 -2.922  1.00 0.00 ? 3 FAG A C4     3 
HETATM 406  N N3     . FAG A 1 3 ? 0.418  -1.195 -3.101  1.00 0.00 ? 3 FAG A N3     3 
HETATM 407  C C2     . FAG A 1 3 ? 0.670  -2.314 -3.796  1.00 0.00 ? 3 FAG A C2     3 
HETATM 408  N N2     . FAG A 1 3 ? 1.955  -2.679 -4.073  1.00 0.00 ? 3 FAG A N2     3 
HETATM 409  N N1     . FAG A 1 3 ? -0.288 -3.167 -4.317  1.00 0.00 ? 3 FAG A N1     3 
HETATM 410  C C6     . FAG A 1 3 ? -1.652 -2.937 -4.175  1.00 0.00 ? 3 FAG A C6     3 
HETATM 411  O O6     . FAG A 1 3 ? -2.529 -3.644 -4.625  1.00 0.00 ? 3 FAG A O6     3 
HETATM 412  C C5     . FAG A 1 3 ? -1.951 -1.775 -3.449  1.00 0.00 ? 3 FAG A C5     3 
HETATM 413  N N7     . FAG A 1 3 ? -3.261 -1.434 -3.278  1.00 0.00 ? 3 FAG A N7     3 
HETATM 414  C C8     . FAG A 1 3 ? -4.078 -1.242 -4.347  1.00 0.00 ? 3 FAG A C8     3 
HETATM 415  O O8     . FAG A 1 3 ? -3.682 -0.696 -5.357  1.00 0.00 ? 3 FAG A O8     3 
HETATM 416  C "C2'"  . FAG A 1 3 ? -0.638 2.013  -0.637  1.00 0.00 ? 3 FAG A "C2'"  3 
HETATM 417  C "C3'"  . FAG A 1 3 ? -0.255 3.410  -1.124  1.00 0.00 ? 3 FAG A "C3'"  3 
HETATM 418  O "O3'"  . FAG A 1 3 ? -1.390 4.016  -1.773  1.00 0.00 ? 3 FAG A "O3'"  3 
HETATM 419  C C8A    . FAG A 1 3 ? -3.761 -1.352 -1.896  1.00 0.00 ? 3 FAG A C8A    3 
HETATM 420  C C9     . FAG A 1 3 ? -3.757 -2.730 -1.221  1.00 0.00 ? 3 FAG A C9     3 
HETATM 421  O O9     . FAG A 1 3 ? -5.045 -2.991 -0.669  1.00 0.00 ? 3 FAG A O9     3 
HETATM 422  C C9A    . FAG A 1 3 ? -2.753 -2.621 -0.075  1.00 0.00 ? 3 FAG A C9A    3 
HETATM 423  C C9B    . FAG A 1 3 ? -1.380 -3.055 -0.453  1.00 0.00 ? 3 FAG A C9B    3 
HETATM 424  O O7     . FAG A 1 3 ? -2.917 -0.489 -1.099  1.00 0.00 ? 3 FAG A O7     3 
HETATM 425  C C6A    . FAG A 1 3 ? -2.502 -1.110 0.139   1.00 0.00 ? 3 FAG A C6A    3 
HETATM 426  O O6A    . FAG A 1 3 ? -1.062 -0.912 0.331   1.00 0.00 ? 3 FAG A O6A    3 
HETATM 427  C C5M    . FAG A 1 3 ? -0.468 -2.019 -0.181  1.00 0.00 ? 3 FAG A C5M    3 
HETATM 428  C C5B    . FAG A 1 3 ? 0.918  -2.235 -0.457  1.00 0.00 ? 3 FAG A C5B    3 
HETATM 429  C C4B    . FAG A 1 3 ? 1.352  -3.436 -0.996  1.00 0.00 ? 3 FAG A C4B    3 
HETATM 430  O O4     . FAG A 1 3 ? 2.670  -3.612 -1.262  1.00 0.00 ? 3 FAG A O4     3 
HETATM 431  C CM     . FAG A 1 3 ? 3.459  -2.505 -0.786  1.00 0.00 ? 3 FAG A CM     3 
HETATM 432  C C4A    . FAG A 1 3 ? 0.439  -4.446 -1.272  1.00 0.00 ? 3 FAG A C4A    3 
HETATM 433  C CAA    . FAG A 1 3 ? -0.921 -4.294 -1.011  1.00 0.00 ? 3 FAG A CAA    3 
HETATM 434  O O10    . FAG A 1 3 ? -1.873 -5.252 -1.253  1.00 0.00 ? 3 FAG A O10    3 
HETATM 435  C C11    . FAG A 1 3 ? -1.474 -6.432 -1.789  1.00 0.00 ? 3 FAG A C11    3 
HETATM 436  O O11    . FAG A 1 3 ? -2.250 -7.332 -2.036  1.00 0.00 ? 3 FAG A O11    3 
HETATM 437  C CBA    . FAG A 1 3 ? -0.110 -6.610 -2.063  1.00 0.00 ? 3 FAG A CBA    3 
HETATM 438  H H31    . FAG A 1 3 ? 2.941  -6.178 -1.365  1.00 0.00 ? 3 FAG A H31    3 
HETATM 439  H H32    . FAG A 1 3 ? 2.698  -5.528 -3.010  1.00 0.00 ? 3 FAG A H32    3 
HETATM 440  H H2A1   . FAG A 1 3 ? 2.490  -8.326 -2.144  1.00 0.00 ? 3 FAG A H2A1   3 
HETATM 441  H H2A2   . FAG A 1 3 ? 2.264  -7.679 -3.789  1.00 0.00 ? 3 FAG A H2A2   3 
HETATM 442  H "H5'1" . FAG A 1 3 ? 2.221  1.984  -0.955  1.00 0.00 ? 3 FAG A "H5'1" 3 
HETATM 443  H "H5'2" . FAG A 1 3 ? 3.017  3.050  -2.138  1.00 0.00 ? 3 FAG A "H5'2" 3 
HETATM 444  H "H4'"  . FAG A 1 3 ? 0.897  3.951  -2.904  1.00 0.00 ? 3 FAG A "H4'"  3 
HETATM 445  H "H1'"  . FAG A 1 3 ? 0.679  0.429  -1.304  1.00 0.00 ? 3 FAG A "H1'"  3 
HETATM 446  H HN9    . FAG A 1 3 ? -2.000 0.797  -2.510  1.00 0.00 ? 3 FAG A HN9    3 
HETATM 447  H HN21   . FAG A 1 3 ? 2.622  -1.977 -4.383  1.00 0.00 ? 3 FAG A HN21   3 
HETATM 448  H HN22   . FAG A 1 3 ? 2.128  -3.520 -4.618  1.00 0.00 ? 3 FAG A HN22   3 
HETATM 449  H H1     . FAG A 1 3 ? 0.006  -3.985 -4.835  1.00 0.00 ? 3 FAG A H1     3 
HETATM 450  H H8     . FAG A 1 3 ? -4.832 -2.023 -4.437  1.00 0.00 ? 3 FAG A H8     3 
HETATM 451  H "H2'1" . FAG A 1 3 ? -0.148 1.795  0.315   1.00 0.00 ? 3 FAG A "H2'1" 3 
HETATM 452  H "H2'2" . FAG A 1 3 ? -1.718 1.926  -0.508  1.00 0.00 ? 3 FAG A "H2'2" 3 
HETATM 453  H "H3'"  . FAG A 1 3 ? 0.078  4.049  -0.305  1.00 0.00 ? 3 FAG A "H3'"  3 
HETATM 454  H H8A    . FAG A 1 3 ? -4.777 -0.948 -1.900  1.00 0.00 ? 3 FAG A H8A    3 
HETATM 455  H H9     . FAG A 1 3 ? -3.480 -3.526 -1.916  1.00 0.00 ? 3 FAG A H9     3 
HETATM 456  H HO9    . FAG A 1 3 ? -5.648 -3.218 -1.399  1.00 0.00 ? 3 FAG A HO9    3 
HETATM 457  H H9A    . FAG A 1 3 ? -3.097 -3.120 0.833   1.00 0.00 ? 3 FAG A H9A    3 
HETATM 458  H H6A    . FAG A 1 3 ? -3.080 -0.702 0.972   1.00 0.00 ? 3 FAG A H6A    3 
HETATM 459  H H5B    . FAG A 1 3 ? 1.638  -1.447 -0.250  1.00 0.00 ? 3 FAG A H5B    3 
HETATM 460  H HM1    . FAG A 1 3 ? 3.440  -2.491 0.305   1.00 0.00 ? 3 FAG A HM1    3 
HETATM 461  H HM2    . FAG A 1 3 ? 4.489  -2.615 -1.131  1.00 0.00 ? 3 FAG A HM2    3 
HETATM 462  H HM3    . FAG A 1 3 ? 3.044  -1.569 -1.166  1.00 0.00 ? 3 FAG A HM3    3 
ATOM   463  P P      . DA  A 1 4 ? -1.477 5.618  -1.896  1.00 0.00 ? 4 DA  A P      3 
ATOM   464  O OP1    . DA  A 1 4 ? -0.697 6.169  -0.807  1.00 0.00 ? 4 DA  A OP1    3 
ATOM   465  O OP2    . DA  A 1 4 ? -2.864 5.998  -2.019  1.00 0.00 ? 4 DA  A OP2    3 
ATOM   466  O "O5'"  . DA  A 1 4 ? -0.771 6.004  -3.238  1.00 0.00 ? 4 DA  A "O5'"  3 
ATOM   467  C "C5'"  . DA  A 1 4 ? -1.416 5.747  -4.497  1.00 0.00 ? 4 DA  A "C5'"  3 
ATOM   468  C "C4'"  . DA  A 1 4 ? -0.682 6.521  -5.602  1.00 0.00 ? 4 DA  A "C4'"  3 
ATOM   469  O "O4'"  . DA  A 1 4 ? 0.597  5.910  -5.896  1.00 0.00 ? 4 DA  A "O4'"  3 
ATOM   470  C "C3'"  . DA  A 1 4 ? -1.466 6.499  -6.927  1.00 0.00 ? 4 DA  A "C3'"  3 
ATOM   471  O "O3'"  . DA  A 1 4 ? -1.694 7.841  -7.347  1.00 0.00 ? 4 DA  A "O3'"  3 
ATOM   472  C "C2'"  . DA  A 1 4 ? -0.528 5.817  -7.925  1.00 0.00 ? 4 DA  A "C2'"  3 
ATOM   473  C "C1'"  . DA  A 1 4 ? 0.854  6.033  -7.308  1.00 0.00 ? 4 DA  A "C1'"  3 
ATOM   474  N N9     . DA  A 1 4 ? 1.820  5.039  -7.816  1.00 0.00 ? 4 DA  A N9     3 
ATOM   475  C C8     . DA  A 1 4 ? 1.930  4.541  -9.093  1.00 0.00 ? 4 DA  A C8     3 
ATOM   476  N N7     . DA  A 1 4 ? 2.911  3.697  -9.278  1.00 0.00 ? 4 DA  A N7     3 
ATOM   477  C C5     . DA  A 1 4 ? 3.519  3.630  -8.035  1.00 0.00 ? 4 DA  A C5     3 
ATOM   478  C C6     . DA  A 1 4 ? 4.647  2.932  -7.490  1.00 0.00 ? 4 DA  A C6     3 
ATOM   479  N N6     . DA  A 1 4 ? 5.422  2.083  -8.222  1.00 0.00 ? 4 DA  A N6     3 
ATOM   480  N N1     . DA  A 1 4 ? 4.952  3.133  -6.202  1.00 0.00 ? 4 DA  A N1     3 
ATOM   481  C C2     . DA  A 1 4 ? 4.221  3.960  -5.467  1.00 0.00 ? 4 DA  A C2     3 
ATOM   482  N N3     . DA  A 1 4 ? 3.160  4.676  -5.804  1.00 0.00 ? 4 DA  A N3     3 
ATOM   483  C C4     . DA  A 1 4 ? 2.850  4.472  -7.104  1.00 0.00 ? 4 DA  A C4     3 
ATOM   484  H "H5'"  . DA  A 1 4 ? -2.447 6.097  -4.429  1.00 0.00 ? 4 DA  A "H5'"  3 
ATOM   485  H "H5''" . DA  A 1 4 ? -1.423 4.674  -4.699  1.00 0.00 ? 4 DA  A "H5''" 3 
ATOM   486  H "H4'"  . DA  A 1 4 ? -0.522 7.557  -5.299  1.00 0.00 ? 4 DA  A "H4'"  3 
ATOM   487  H "H3'"  . DA  A 1 4 ? -2.412 5.963  -6.834  1.00 0.00 ? 4 DA  A "H3'"  3 
ATOM   488  H "HO3'" . DA  A 1 4 ? -2.259 8.276  -6.684  1.00 0.00 ? 4 DA  A "HO3'" 3 
ATOM   489  H "H2'"  . DA  A 1 4 ? -0.745 4.748  -7.968  1.00 0.00 ? 4 DA  A "H2'"  3 
ATOM   490  H "H2''" . DA  A 1 4 ? -0.606 6.245  -8.927  1.00 0.00 ? 4 DA  A "H2''" 3 
ATOM   491  H "H1'"  . DA  A 1 4 ? 1.201  7.047  -7.515  1.00 0.00 ? 4 DA  A "H1'"  3 
ATOM   492  H H8     . DA  A 1 4 ? 1.253  4.823  -9.885  1.00 0.00 ? 4 DA  A H8     3 
ATOM   493  H H61    . DA  A 1 4 ? 5.267  1.880  -9.208  1.00 0.00 ? 4 DA  A H61    3 
ATOM   494  H H62    . DA  A 1 4 ? 6.230  1.586  -7.849  1.00 0.00 ? 4 DA  A H62    3 
ATOM   495  H H2     . DA  A 1 4 ? 4.538  4.066  -4.440  1.00 0.00 ? 4 DA  A H2     3 
ATOM   496  O "O5'"  . DC  A 1 1 ? -2.845 -0.009 9.094   1.00 0.00 ? 1 DC  A "O5'"  4 
ATOM   497  C "C5'"  . DC  A 1 1 ? -1.778 -0.950 8.993   1.00 0.00 ? 1 DC  A "C5'"  4 
ATOM   498  C "C4'"  . DC  A 1 1 ? -0.514 -0.238 8.486   1.00 0.00 ? 1 DC  A "C4'"  4 
ATOM   499  O "O4'"  . DC  A 1 1 ? 0.604  -1.143 8.617   1.00 0.00 ? 1 DC  A "O4'"  4 
ATOM   500  C "C3'"  . DC  A 1 1 ? -0.627 0.109  6.992   1.00 0.00 ? 1 DC  A "C3'"  4 
ATOM   501  O "O3'"  . DC  A 1 1 ? -0.245 1.455  6.806   1.00 0.00 ? 1 DC  A "O3'"  4 
ATOM   502  C "C2'"  . DC  A 1 1 ? 0.305  -0.817 6.307   1.00 0.00 ? 1 DC  A "C2'"  4 
ATOM   503  C "C1'"  . DC  A 1 1 ? 1.317  -1.243 7.370   1.00 0.00 ? 1 DC  A "C1'"  4 
ATOM   504  N N1     . DC  A 1 1 ? 1.778  -2.620 7.114   1.00 0.00 ? 1 DC  A N1     4 
ATOM   505  C C2     . DC  A 1 1 ? 3.068  -2.784 6.637   1.00 0.00 ? 1 DC  A C2     4 
ATOM   506  O O2     . DC  A 1 1 ? 3.792  -1.818 6.510   1.00 0.00 ? 1 DC  A O2     4 
ATOM   507  N N3     . DC  A 1 1 ? 3.488  -4.034 6.300   1.00 0.00 ? 1 DC  A N3     4 
ATOM   508  C C4     . DC  A 1 1 ? 2.693  -5.104 6.412   1.00 0.00 ? 1 DC  A C4     4 
ATOM   509  N N4     . DC  A 1 1 ? 3.183  -6.324 6.050   1.00 0.00 ? 1 DC  A N4     4 
ATOM   510  C C5     . DC  A 1 1 ? 1.348  -4.989 6.887   1.00 0.00 ? 1 DC  A C5     4 
ATOM   511  C C6     . DC  A 1 1 ? 0.922  -3.674 7.231   1.00 0.00 ? 1 DC  A C6     4 
ATOM   512  H "H5'"  . DC  A 1 1 ? -2.059 -1.750 8.307   1.00 0.00 ? 1 DC  A "H5'"  4 
ATOM   513  H "H5''" . DC  A 1 1 ? -1.590 -1.387 9.976   1.00 0.00 ? 1 DC  A "H5''" 4 
ATOM   514  H "H4'"  . DC  A 1 1 ? -0.319 0.659  9.077   1.00 0.00 ? 1 DC  A "H4'"  4 
ATOM   515  H "H3'"  . DC  A 1 1 ? -1.586 -0.059 6.641   1.00 0.00 ? 1 DC  A "H3'"  4 
ATOM   516  H "H2'"  . DC  A 1 1 ? -0.211 -1.632 5.927   1.00 0.00 ? 1 DC  A "H2'"  4 
ATOM   517  H "H2''" . DC  A 1 1 ? 0.777  -0.355 5.523   1.00 0.00 ? 1 DC  A "H2''" 4 
ATOM   518  H "H1'"  . DC  A 1 1 ? 2.158  -0.548 7.390   1.00 0.00 ? 1 DC  A "H1'"  4 
ATOM   519  H H41    . DC  A 1 1 ? 2.611  -7.165 6.007   1.00 0.00 ? 1 DC  A H41    4 
ATOM   520  H H42    . DC  A 1 1 ? 4.090  -6.456 5.604   1.00 0.00 ? 1 DC  A H42    4 
ATOM   521  H H5     . DC  A 1 1 ? 0.671  -5.823 6.984   1.00 0.00 ? 1 DC  A H5     4 
ATOM   522  H H6     . DC  A 1 1 ? -0.083 -3.505 7.588   1.00 0.00 ? 1 DC  A H6     4 
ATOM   523  H "HO5'" . DC  A 1 1 ? -3.626 -0.475 9.444   1.00 0.00 ? 1 DC  A "HO5'" 4 
ATOM   524  P P      . DT  A 1 2 ? -0.582 2.275  5.528   1.00 0.00 ? 2 DT  A P      4 
ATOM   525  O OP1    . DT  A 1 2 ? -0.502 3.642  5.878   1.00 0.00 ? 2 DT  A OP1    4 
ATOM   526  O OP2    . DT  A 1 2 ? -1.805 1.771  5.021   1.00 0.00 ? 2 DT  A OP2    4 
ATOM   527  O "O5'"  . DT  A 1 2 ? 0.548  2.011  4.469   1.00 0.00 ? 2 DT  A "O5'"  4 
ATOM   528  C "C5'"  . DT  A 1 2 ? 1.875  2.405  4.682   1.00 0.00 ? 2 DT  A "C5'"  4 
ATOM   529  C "C4'"  . DT  A 1 2 ? 2.842  2.003  3.583   1.00 0.00 ? 2 DT  A "C4'"  4 
ATOM   530  O "O4'"  . DT  A 1 2 ? 3.027  0.599  3.693   1.00 0.00 ? 2 DT  A "O4'"  4 
ATOM   531  C "C3'"  . DT  A 1 2 ? 2.363  2.257  2.165   1.00 0.00 ? 2 DT  A "C3'"  4 
ATOM   532  O "O3'"  . DT  A 1 2 ? 3.462  2.574  1.295   1.00 0.00 ? 2 DT  A "O3'"  4 
ATOM   533  C "C2'"  . DT  A 1 2 ? 1.848  0.916  1.775   1.00 0.00 ? 2 DT  A "C2'"  4 
ATOM   534  C "C1'"  . DT  A 1 2 ? 2.767  -0.032 2.481   1.00 0.00 ? 2 DT  A "C1'"  4 
ATOM   535  N N1     . DT  A 1 2 ? 2.214  -1.389 2.655   1.00 0.00 ? 2 DT  A N1     4 
ATOM   536  C C2     . DT  A 1 2 ? 3.076  -2.452 2.447   1.00 0.00 ? 2 DT  A C2     4 
ATOM   537  O O2     . DT  A 1 2 ? 4.238  -2.266 2.149   1.00 0.00 ? 2 DT  A O2     4 
ATOM   538  N N3     . DT  A 1 2 ? 2.526  -3.731 2.604   1.00 0.00 ? 2 DT  A N3     4 
ATOM   539  C C4     . DT  A 1 2 ? 1.200  -4.020 2.949   1.00 0.00 ? 2 DT  A C4     4 
ATOM   540  O O4     . DT  A 1 2 ? 0.759  -5.143 3.084   1.00 0.00 ? 2 DT  A O4     4 
ATOM   541  C C5     . DT  A 1 2 ? 0.372  -2.900 3.136   1.00 0.00 ? 2 DT  A C5     4 
ATOM   542  C C7     . DT  A 1 2 ? -1.075 -3.092 3.525   1.00 0.00 ? 2 DT  A C7     4 
ATOM   543  C C6     . DT  A 1 2 ? 0.901  -1.582 2.975   1.00 0.00 ? 2 DT  A C6     4 
ATOM   544  H "H5'"  . DT  A 1 2 ? 2.168  1.955  5.586   1.00 0.00 ? 2 DT  A "H5'"  4 
ATOM   545  H "H5''" . DT  A 1 2 ? 1.918  3.436  4.790   1.00 0.00 ? 2 DT  A "H5''" 4 
ATOM   546  H "H4'"  . DT  A 1 2 ? 3.776  2.497  3.732   1.00 0.00 ? 2 DT  A "H4'"  4 
ATOM   547  H "H3'"  . DT  A 1 2 ? 1.618  3.000  2.118   1.00 0.00 ? 2 DT  A "H3'"  4 
ATOM   548  H "H2'"  . DT  A 1 2 ? 0.843  0.832  2.112   1.00 0.00 ? 2 DT  A "H2'"  4 
ATOM   549  H "H2''" . DT  A 1 2 ? 1.859  0.763  0.721   1.00 0.00 ? 2 DT  A "H2''" 4 
ATOM   550  H "H1'"  . DT  A 1 2 ? 3.666  -0.046 1.925   1.00 0.00 ? 2 DT  A "H1'"  4 
ATOM   551  H H3     . DT  A 1 2 ? 3.145  -4.516 2.457   1.00 0.00 ? 2 DT  A H3     4 
ATOM   552  H H71    . DT  A 1 2 ? -1.604 -3.626 2.733   1.00 0.00 ? 2 DT  A H71    4 
ATOM   553  H H72    . DT  A 1 2 ? -1.137 -3.685 4.441   1.00 0.00 ? 2 DT  A H72    4 
ATOM   554  H H73    . DT  A 1 2 ? -1.554 -2.125 3.691   1.00 0.00 ? 2 DT  A H73    4 
ATOM   555  H H6     . DT  A 1 2 ? 0.262  -0.724 3.124   1.00 0.00 ? 2 DT  A H6     4 
HETATM 556  C C3A    . FAG A 1 3 ? 0.665  -5.857 -1.707  1.00 0.00 ? 3 FAG A C3A    4 
HETATM 557  C C3     . FAG A 1 3 ? 2.011  -6.381 -2.107  1.00 0.00 ? 3 FAG A C3     4 
HETATM 558  C C2A    . FAG A 1 3 ? 1.684  -7.866 -2.411  1.00 0.00 ? 3 FAG A C2A    4 
HETATM 559  C C1     . FAG A 1 3 ? 0.171  -8.002 -2.288  1.00 0.00 ? 3 FAG A C1     4 
HETATM 560  O O1     . FAG A 1 3 ? -0.483 -9.021 -2.375  1.00 0.00 ? 3 FAG A O1     4 
HETATM 561  P P      . FAG A 1 3 ? 3.551  4.005  0.563   1.00 0.00 ? 3 FAG A P      4 
HETATM 562  O O1P    . FAG A 1 3 ? 4.774  4.025  -0.269  1.00 0.00 ? 3 FAG A O1P    4 
HETATM 563  O O2P    . FAG A 1 3 ? 3.334  5.058  1.581   1.00 0.00 ? 3 FAG A O2P    4 
HETATM 564  O "O5'"  . FAG A 1 3 ? 2.272  3.982  -0.419  1.00 0.00 ? 3 FAG A "O5'"  4 
HETATM 565  C "C5'"  . FAG A 1 3 ? 2.203  3.070  -1.533  1.00 0.00 ? 3 FAG A "C5'"  4 
HETATM 566  C "C4'"  . FAG A 1 3 ? 0.873  3.317  -2.260  1.00 0.00 ? 3 FAG A "C4'"  4 
HETATM 567  O "O4'"  . FAG A 1 3 ? 0.533  2.156  -3.048  1.00 0.00 ? 3 FAG A "O4'"  4 
HETATM 568  C "C1'"  . FAG A 1 3 ? -0.062 1.149  -2.193  1.00 0.00 ? 3 FAG A "C1'"  4 
HETATM 569  N N9     . FAG A 1 3 ? -1.142 0.414  -2.868  1.00 0.00 ? 3 FAG A N9     4 
HETATM 570  C C4     . FAG A 1 3 ? -0.941 -0.849 -3.343  1.00 0.00 ? 3 FAG A C4     4 
HETATM 571  N N3     . FAG A 1 3 ? 0.364  -1.175 -3.674  1.00 0.00 ? 3 FAG A N3     4 
HETATM 572  C C2     . FAG A 1 3 ? 0.522  -2.413 -4.159  1.00 0.00 ? 3 FAG A C2     4 
HETATM 573  N N2     . FAG A 1 3 ? 1.753  -2.826 -4.579  1.00 0.00 ? 3 FAG A N2     4 
HETATM 574  N N1     . FAG A 1 3 ? -0.489 -3.347 -4.326  1.00 0.00 ? 3 FAG A N1     4 
HETATM 575  C C6     . FAG A 1 3 ? -1.815 -3.074 -4.010  1.00 0.00 ? 3 FAG A C6     4 
HETATM 576  O O6     . FAG A 1 3 ? -2.739 -3.848 -4.158  1.00 0.00 ? 3 FAG A O6     4 
HETATM 577  C C5     . FAG A 1 3 ? -2.018 -1.780 -3.508  1.00 0.00 ? 3 FAG A C5     4 
HETATM 578  N N7     . FAG A 1 3 ? -3.295 -1.374 -3.253  1.00 0.00 ? 3 FAG A N7     4 
HETATM 579  C C8     . FAG A 1 3 ? -4.155 -1.093 -4.269  1.00 0.00 ? 3 FAG A C8     4 
HETATM 580  O O8     . FAG A 1 3 ? -3.886 -1.357 -5.423  1.00 0.00 ? 3 FAG A O8     4 
HETATM 581  C "C2'"  . FAG A 1 3 ? -0.630 1.919  -0.993  1.00 0.00 ? 3 FAG A "C2'"  4 
HETATM 582  C "C3'"  . FAG A 1 3 ? -0.259 3.382  -1.234  1.00 0.00 ? 3 FAG A "C3'"  4 
HETATM 583  O "O3'"  . FAG A 1 3 ? -1.385 4.063  -1.814  1.00 0.00 ? 3 FAG A "O3'"  4 
HETATM 584  C C8A    . FAG A 1 3 ? -3.748 -1.292 -1.853  1.00 0.00 ? 3 FAG A C8A    4 
HETATM 585  C C9     . FAG A 1 3 ? -3.844 -2.655 -1.154  1.00 0.00 ? 3 FAG A C9     4 
HETATM 586  O O9     . FAG A 1 3 ? -5.152 -2.796 -0.605  1.00 0.00 ? 3 FAG A O9     4 
HETATM 587  C C9A    . FAG A 1 3 ? -2.834 -2.613 -0.009  1.00 0.00 ? 3 FAG A C9A    4 
HETATM 588  C C9B    . FAG A 1 3 ? -1.487 -3.117 -0.394  1.00 0.00 ? 3 FAG A C9B    4 
HETATM 589  O O7     . FAG A 1 3 ? -2.912 -0.485 -1.036  1.00 0.00 ? 3 FAG A O7     4 
HETATM 590  C C6A    . FAG A 1 3 ? -2.506 -1.117 0.195   1.00 0.00 ? 3 FAG A C6A    4 
HETATM 591  O O6A    . FAG A 1 3 ? -1.055 -0.977 0.340   1.00 0.00 ? 3 FAG A O6A    4 
HETATM 592  C C5M    . FAG A 1 3 ? -0.522 -2.114 -0.172  1.00 0.00 ? 3 FAG A C5M    4 
HETATM 593  C C5B    . FAG A 1 3 ? 0.846  -2.383 -0.497  1.00 0.00 ? 3 FAG A C5B    4 
HETATM 594  C C4B    . FAG A 1 3 ? 1.213  -3.613 -1.017  1.00 0.00 ? 3 FAG A C4B    4 
HETATM 595  O O4     . FAG A 1 3 ? 2.505  -3.865 -1.345  1.00 0.00 ? 3 FAG A O4     4 
HETATM 596  C CM     . FAG A 1 3 ? 3.355  -2.719 -1.167  1.00 0.00 ? 3 FAG A CM     4 
HETATM 597  C C4A    . FAG A 1 3 ? 0.255  -4.600 -1.201  1.00 0.00 ? 3 FAG A C4A    4 
HETATM 598  C CAA    . FAG A 1 3 ? -1.088 -4.396 -0.904  1.00 0.00 ? 3 FAG A CAA    4 
HETATM 599  O O10    . FAG A 1 3 ? -2.073 -5.337 -1.069  1.00 0.00 ? 3 FAG A O10    4 
HETATM 600  C C11    . FAG A 1 3 ? -1.714 -6.571 -1.506  1.00 0.00 ? 3 FAG A C11    4 
HETATM 601  O O11    . FAG A 1 3 ? -2.516 -7.470 -1.650  1.00 0.00 ? 3 FAG A O11    4 
HETATM 602  C CBA    . FAG A 1 3 ? -0.365 -6.795 -1.825  1.00 0.00 ? 3 FAG A CBA    4 
HETATM 603  H H31    . FAG A 1 3 ? 2.736  -6.292 -1.298  1.00 0.00 ? 3 FAG A H31    4 
HETATM 604  H H32    . FAG A 1 3 ? 2.385  -5.871 -2.998  1.00 0.00 ? 3 FAG A H32    4 
HETATM 605  H H2A1   . FAG A 1 3 ? 2.175  -8.496 -1.670  1.00 0.00 ? 3 FAG A H2A1   4 
HETATM 606  H H2A2   . FAG A 1 3 ? 2.020  -8.141 -3.414  1.00 0.00 ? 3 FAG A H2A2   4 
HETATM 607  H "H5'1" . FAG A 1 3 ? 2.243  2.047  -1.149  1.00 0.00 ? 3 FAG A "H5'1" 4 
HETATM 608  H "H5'2" . FAG A 1 3 ? 3.051  3.235  -2.202  1.00 0.00 ? 3 FAG A "H5'2" 4 
HETATM 609  H "H4'"  . FAG A 1 3 ? 0.920  4.216  -2.877  1.00 0.00 ? 3 FAG A "H4'"  4 
HETATM 610  H "H1'"  . FAG A 1 3 ? 0.715  0.461  -1.854  1.00 0.00 ? 3 FAG A "H1'"  4 
HETATM 611  H HN9    . FAG A 1 3 ? -1.849 1.031  -3.264  1.00 0.00 ? 3 FAG A HN9    4 
HETATM 612  H HN21   . FAG A 1 3 ? 1.833  -3.611 -5.223  1.00 0.00 ? 3 FAG A HN21   4 
HETATM 613  H HN22   . FAG A 1 3 ? 2.459  -2.139 -4.836  1.00 0.00 ? 3 FAG A HN22   4 
HETATM 614  H H1     . FAG A 1 3 ? -0.267 -4.258 -4.703  1.00 0.00 ? 3 FAG A H1     4 
HETATM 615  H H8     . FAG A 1 3 ? -4.776 -0.222 -4.057  1.00 0.00 ? 3 FAG A H8     4 
HETATM 616  H "H2'1" . FAG A 1 3 ? -0.167 1.555  -0.074  1.00 0.00 ? 3 FAG A "H2'1" 4 
HETATM 617  H "H2'2" . FAG A 1 3 ? -1.712 1.798  -0.918  1.00 0.00 ? 3 FAG A "H2'2" 4 
HETATM 618  H "H3'"  . FAG A 1 3 ? 0.037  3.886  -0.314  1.00 0.00 ? 3 FAG A "H3'"  4 
HETATM 619  H H8A    . FAG A 1 3 ? -4.716 -0.842 -1.847  1.00 0.00 ? 3 FAG A H8A    4 
HETATM 620  H H9     . FAG A 1 3 ? -3.637 -3.469 -1.838  1.00 0.00 ? 3 FAG A H9     4 
HETATM 621  H HO9    . FAG A 1 3 ? -5.212 -3.673 -0.186  1.00 0.00 ? 3 FAG A HO9    4 
HETATM 622  H H9A    . FAG A 1 3 ? -3.202 -3.093 0.901   1.00 0.00 ? 3 FAG A H9A    4 
HETATM 623  H H6A    . FAG A 1 3 ? -3.043 -0.678 1.039   1.00 0.00 ? 3 FAG A H6A    4 
HETATM 624  H H5B    . FAG A 1 3 ? 1.601  -1.616 -0.343  1.00 0.00 ? 3 FAG A H5B    4 
HETATM 625  H HM1    . FAG A 1 3 ? 3.414  -2.468 -0.106  1.00 0.00 ? 3 FAG A HM1    4 
HETATM 626  H HM2    . FAG A 1 3 ? 4.354  -2.946 -1.544  1.00 0.00 ? 3 FAG A HM2    4 
HETATM 627  H HM3    . FAG A 1 3 ? 2.944  -1.871 -1.718  1.00 0.00 ? 3 FAG A HM3    4 
ATOM   628  P P      . DA  A 1 4 ? -1.419 5.671  -1.870  1.00 0.00 ? 4 DA  A P      4 
ATOM   629  O OP1    . DA  A 1 4 ? -0.592 6.166  -0.823  1.00 0.00 ? 4 DA  A OP1    4 
ATOM   630  O OP2    . DA  A 1 4 ? -2.792 6.086  -1.924  1.00 0.00 ? 4 DA  A OP2    4 
ATOM   631  O "O5'"  . DA  A 1 4 ? -0.765 6.067  -3.209  1.00 0.00 ? 4 DA  A "O5'"  4 
ATOM   632  C "C5'"  . DA  A 1 4 ? -1.444 6.128  -4.431  1.00 0.00 ? 4 DA  A "C5'"  4 
ATOM   633  C "C4'"  . DA  A 1 4 ? -0.544 5.995  -5.553  1.00 0.00 ? 4 DA  A "C4'"  4 
ATOM   634  O "O4'"  . DA  A 1 4 ? -0.169 4.699  -5.651  1.00 0.00 ? 4 DA  A "O4'"  4 
ATOM   635  C "C3'"  . DA  A 1 4 ? -1.151 6.315  -6.886  1.00 0.00 ? 4 DA  A "C3'"  4 
ATOM   636  O "O3'"  . DA  A 1 4 ? -0.624 7.355  -7.466  1.00 0.00 ? 4 DA  A "O3'"  4 
ATOM   637  C "C2'"  . DA  A 1 4 ? -0.926 5.198  -7.701  1.00 0.00 ? 4 DA  A "C2'"  4 
ATOM   638  C "C1'"  . DA  A 1 4 ? -0.050 4.326  -6.966  1.00 0.00 ? 4 DA  A "C1'"  4 
ATOM   639  N N9     . DA  A 1 4 ? -0.452 2.928  -7.205  1.00 0.00 ? 4 DA  A N9     4 
ATOM   640  C C8     . DA  A 1 4 ? -1.607 2.481  -7.807  1.00 0.00 ? 4 DA  A C8     4 
ATOM   641  N N7     . DA  A 1 4 ? -1.688 1.189  -7.966  1.00 0.00 ? 4 DA  A N7     4 
ATOM   642  C C5     . DA  A 1 4 ? -0.484 0.727  -7.453  1.00 0.00 ? 4 DA  A C5     4 
ATOM   643  C C6     . DA  A 1 4 ? 0.133  -0.560 -7.314  1.00 0.00 ? 4 DA  A C6     4 
ATOM   644  N N6     . DA  A 1 4 ? -0.467 -1.717 -7.714  1.00 0.00 ? 4 DA  A N6     4 
ATOM   645  N N1     . DA  A 1 4 ? 1.356  -0.619 -6.774  1.00 0.00 ? 4 DA  A N1     4 
ATOM   646  C C2     . DA  A 1 4 ? 1.964  0.492  -6.383  1.00 0.00 ? 4 DA  A C2     4 
ATOM   647  N N3     . DA  A 1 4 ? 1.545  1.747  -6.432  1.00 0.00 ? 4 DA  A N3     4 
ATOM   648  C C4     . DA  A 1 4 ? 0.308  1.806  -6.979  1.00 0.00 ? 4 DA  A C4     4 
ATOM   649  H "H5'"  . DA  A 1 4 ? -1.925 7.016  -4.501  1.00 0.00 ? 4 DA  A "H5'"  4 
ATOM   650  H "H5''" . DA  A 1 4 ? -2.129 5.396  -4.477  1.00 0.00 ? 4 DA  A "H5''" 4 
ATOM   651  H "H4'"  . DA  A 1 4 ? 0.275  6.559  -5.389  1.00 0.00 ? 4 DA  A "H4'"  4 
ATOM   652  H "H3'"  . DA  A 1 4 ? -2.105 6.459  -6.802  1.00 0.00 ? 4 DA  A "H3'"  4 
ATOM   653  H "H2'"  . DA  A 1 4 ? -1.727 4.750  -7.877  1.00 0.00 ? 4 DA  A "H2'"  4 
ATOM   654  H "H2''" . DA  A 1 4 ? -0.572 5.474  -8.551  1.00 0.00 ? 4 DA  A "H2''" 4 
ATOM   655  H "H1'"  . DA  A 1 4 ? 0.875  4.503  -7.234  1.00 0.00 ? 4 DA  A "H1'"  4 
ATOM   656  H H8     . DA  A 1 4 ? -2.394 3.153  -8.116  1.00 0.00 ? 4 DA  A H8     4 
ATOM   657  H H61    . DA  A 1 4 ? -1.420 -1.763 -8.068  1.00 0.00 ? 4 DA  A H61    4 
ATOM   658  H H62    . DA  A 1 4 ? -0.071 -2.642 -7.556  1.00 0.00 ? 4 DA  A H62    4 
ATOM   659  H H2     . DA  A 1 4 ? 2.950  0.353  -5.962  1.00 0.00 ? 4 DA  A H2     4 
ATOM   660  O "O5'"  . DC  A 1 1 ? -3.399 2.132  9.487   1.00 0.00 ? 1 DC  A "O5'"  5 
ATOM   661  C "C5'"  . DC  A 1 1 ? -2.547 1.052  9.403   1.00 0.00 ? 1 DC  A "C5'"  5 
ATOM   662  C "C4'"  . DC  A 1 1 ? -1.254 1.405  8.703   1.00 0.00 ? 1 DC  A "C4'"  5 
ATOM   663  O "O4'"  . DC  A 1 1 ? -0.379 0.292  8.796   1.00 0.00 ? 1 DC  A "O4'"  5 
ATOM   664  C "C3'"  . DC  A 1 1 ? -1.400 1.678  7.224   1.00 0.00 ? 1 DC  A "C3'"  5 
ATOM   665  O "O3'"  . DC  A 1 1 ? -0.697 2.873  6.877   1.00 0.00 ? 1 DC  A "O3'"  5 
ATOM   666  C "C2'"  . DC  A 1 1 ? -0.783 0.491  6.554   1.00 0.00 ? 1 DC  A "C2'"  5 
ATOM   667  C "C1'"  . DC  A 1 1 ? 0.233  -0.034 7.548   1.00 0.00 ? 1 DC  A "C1'"  5 
ATOM   668  N N1     . DC  A 1 1 ? 0.411  -1.493 7.408   1.00 0.00 ? 1 DC  A N1     5 
ATOM   669  C C2     . DC  A 1 1 ? 1.612  -1.948 6.892   1.00 0.00 ? 1 DC  A C2     5 
ATOM   670  O O2     . DC  A 1 1 ? 2.481  -1.152 6.596   1.00 0.00 ? 1 DC  A O2     5 
ATOM   671  N N3     . DC  A 1 1 ? 1.787  -3.286 6.713   1.00 0.00 ? 1 DC  A N3     5 
ATOM   672  C C4     . DC  A 1 1 ? 0.833  -4.172 7.018   1.00 0.00 ? 1 DC  A C4     5 
ATOM   673  N N4     . DC  A 1 1 ? 1.077  -5.497 6.805   1.00 0.00 ? 1 DC  A N4     5 
ATOM   674  C C5     . DC  A 1 1 ? -0.432 -3.757 7.544   1.00 0.00 ? 1 DC  A C5     5 
ATOM   675  C C6     . DC  A 1 1 ? -0.600 -2.352 7.720   1.00 0.00 ? 1 DC  A C6     5 
ATOM   676  H "H5'"  . DC  A 1 1 ? -3.032 0.275  8.902   1.00 0.00 ? 1 DC  A "H5'"  5 
ATOM   677  H "H5''" . DC  A 1 1 ? -2.342 0.707  10.362  1.00 0.00 ? 1 DC  A "H5''" 5 
ATOM   678  H "H4'"  . DC  A 1 1 ? -0.819 2.248  9.177   1.00 0.00 ? 1 DC  A "H4'"  5 
ATOM   679  H "H3'"  . DC  A 1 1 ? -2.426 1.750  6.968   1.00 0.00 ? 1 DC  A "H3'"  5 
ATOM   680  H "H2'"  . DC  A 1 1 ? -1.545 -0.269 6.367   1.00 0.00 ? 1 DC  A "H2'"  5 
ATOM   681  H "H2''" . DC  A 1 1 ? -0.308 0.761  5.639   1.00 0.00 ? 1 DC  A "H2''" 5 
ATOM   682  H "H1'"  . DC  A 1 1 ? 1.181  0.498  7.457   1.00 0.00 ? 1 DC  A "H1'"  5 
ATOM   683  H H41    . DC  A 1 1 ? 0.370  -6.221 6.917   1.00 0.00 ? 1 DC  A H41    5 
ATOM   684  H H42    . DC  A 1 1 ? 1.910  -5.845 6.336   1.00 0.00 ? 1 DC  A H42    5 
ATOM   685  H H5     . DC  A 1 1 ? -1.230 -4.437 7.798   1.00 0.00 ? 1 DC  A H5     5 
ATOM   686  H H6     . DC  A 1 1 ? -1.529 -1.962 8.110   1.00 0.00 ? 1 DC  A H6     5 
ATOM   687  H "HO5'" . DC  A 1 1 ? -3.666 2.279  9.901   1.00 0.00 ? 1 DC  A "HO5'" 5 
ATOM   688  P P      . DT  A 1 2 ? -0.824 3.586  5.475   1.00 0.00 ? 2 DT  A P      5 
ATOM   689  O OP1    . DT  A 1 2 ? -0.467 4.968  5.674   1.00 0.00 ? 2 DT  A OP1    5 
ATOM   690  O OP2    . DT  A 1 2 ? -2.117 3.280  4.921   1.00 0.00 ? 2 DT  A OP2    5 
ATOM   691  O "O5'"  . DT  A 1 2 ? 0.269  2.940  4.535   1.00 0.00 ? 2 DT  A "O5'"  5 
ATOM   692  C "C5'"  . DT  A 1 2 ? 1.659  3.051  4.812   1.00 0.00 ? 2 DT  A "C5'"  5 
ATOM   693  C "C4'"  . DT  A 1 2 ? 2.553  2.370  3.776   1.00 0.00 ? 2 DT  A "C4'"  5 
ATOM   694  O "O4'"  . DT  A 1 2 ? 2.487  0.960  4.009   1.00 0.00 ? 2 DT  A "O4'"  5 
ATOM   695  C "C3'"  . DT  A 1 2 ? 2.131  2.573  2.324   1.00 0.00 ? 2 DT  A "C3'"  5 
ATOM   696  O "O3'"  . DT  A 1 2 ? 3.283  2.644  1.459   1.00 0.00 ? 2 DT  A "O3'"  5 
ATOM   697  C "C2'"  . DT  A 1 2 ? 1.413  1.292  2.016   1.00 0.00 ? 2 DT  A "C2'"  5 
ATOM   698  C "C1'"  . DT  A 1 2 ? 2.172  0.270  2.822   1.00 0.00 ? 2 DT  A "C1'"  5 
ATOM   699  N N1     . DT  A 1 2 ? 1.415  -0.973 3.066   1.00 0.00 ? 2 DT  A N1     5 
ATOM   700  C C2     . DT  A 1 2 ? 2.095  -2.167 2.906   1.00 0.00 ? 2 DT  A C2     5 
ATOM   701  O O2     . DT  A 1 2 ? 3.273  -2.181 2.614   1.00 0.00 ? 2 DT  A O2     5 
ATOM   702  N N3     . DT  A 1 2 ? 1.344  -3.335 3.092   1.00 0.00 ? 2 DT  A N3     5 
ATOM   703  C C4     . DT  A 1 2 ? -0.016 -3.396 3.419   1.00 0.00 ? 2 DT  A C4     5 
ATOM   704  O O4     . DT  A 1 2 ? -0.634 -4.427 3.579   1.00 0.00 ? 2 DT  A O4     5 
ATOM   705  C C5     . DT  A 1 2 ? -0.651 -2.150 3.564   1.00 0.00 ? 2 DT  A C5     5 
ATOM   706  C C7     . DT  A 1 2 ? -2.110 -2.092 3.944   1.00 0.00 ? 2 DT  A C7     5 
ATOM   707  C C6     . DT  A 1 2 ? 0.087  -0.942 3.379   1.00 0.00 ? 2 DT  A C6     5 
ATOM   708  H "H5'"  . DT  A 1 2 ? 1.824  2.608  5.765   1.00 0.00 ? 2 DT  A "H5'"  5 
ATOM   709  H "H5''" . DT  A 1 2 ? 1.926  4.076  4.867   1.00 0.00 ? 2 DT  A "H5''" 5 
ATOM   710  H "H4'"  . DT  A 1 2 ? 3.567  2.704  3.905   1.00 0.00 ? 2 DT  A "H4'"  5 
ATOM   711  H "H3'"  . DT  A 1 2 ? 1.497  3.423  2.203   1.00 0.00 ? 2 DT  A "H3'"  5 
ATOM   712  H "H2'"  . DT  A 1 2 ? 0.393  1.399  2.330   1.00 0.00 ? 2 DT  A "H2'"  5 
ATOM   713  H "H2''" . DT  A 1 2 ? 1.418  1.040  0.975   1.00 0.00 ? 2 DT  A "H2''" 5 
ATOM   714  H "H1'"  . DT  A 1 2 ? 3.088  0.078  2.299   1.00 0.00 ? 2 DT  A "H1'"  5 
ATOM   715  H H3     . DT  A 1 2 ? 1.830  -4.214 2.978   1.00 0.00 ? 2 DT  A H3     5 
ATOM   716  H H71    . DT  A 1 2 ? -2.290 -2.724 4.815   1.00 0.00 ? 2 DT  A H71    5 
ATOM   717  H H72    . DT  A 1 2 ? -2.396 -1.065 4.182   1.00 0.00 ? 2 DT  A H72    5 
ATOM   718  H H73    . DT  A 1 2 ? -2.726 -2.458 3.120   1.00 0.00 ? 2 DT  A H73    5 
ATOM   719  H H6     . DT  A 1 2 ? -0.406 0.012  3.496   1.00 0.00 ? 2 DT  A H6     5 
HETATM 720  C C3A    . FAG A 1 3 ? 0.911  -5.668 -1.701  1.00 0.00 ? 3 FAG A C3A    5 
HETATM 721  C C3     . FAG A 1 3 ? 2.274  -6.184 -2.063  1.00 0.00 ? 3 FAG A C3     5 
HETATM 722  C C2A    . FAG A 1 3 ? 1.944  -7.610 -2.588  1.00 0.00 ? 3 FAG A C2A    5 
HETATM 723  C C1     . FAG A 1 3 ? 0.434  -7.760 -2.466  1.00 0.00 ? 3 FAG A C1     5 
HETATM 724  O O1     . FAG A 1 3 ? -0.237 -8.727 -2.768  1.00 0.00 ? 3 FAG A O1     5 
HETATM 725  P P      . FAG A 1 3 ? 3.584  3.968  0.592   1.00 0.00 ? 3 FAG A P      5 
HETATM 726  O O1P    . FAG A 1 3 ? 4.814  3.737  -0.197  1.00 0.00 ? 3 FAG A O1P    5 
HETATM 727  O O2P    . FAG A 1 3 ? 3.496  5.138  1.495   1.00 0.00 ? 3 FAG A O2P    5 
HETATM 728  O "O5'"  . FAG A 1 3 ? 2.334  4.018  -0.423  1.00 0.00 ? 3 FAG A "O5'"  5 
HETATM 729  C "C5'"  . FAG A 1 3 ? 2.197  3.055  -1.486  1.00 0.00 ? 3 FAG A "C5'"  5 
HETATM 730  C "C4'"  . FAG A 1 3 ? 0.876  3.342  -2.216  1.00 0.00 ? 3 FAG A "C4'"  5 
HETATM 731  O "O4'"  . FAG A 1 3 ? 0.518  2.194  -3.015  1.00 0.00 ? 3 FAG A "O4'"  5 
HETATM 732  C "C1'"  . FAG A 1 3 ? -0.079 1.191  -2.161  1.00 0.00 ? 3 FAG A "C1'"  5 
HETATM 733  N N9     . FAG A 1 3 ? -1.136 0.434  -2.846  1.00 0.00 ? 3 FAG A N9     5 
HETATM 734  C C4     . FAG A 1 3 ? -0.905 -0.818 -3.333  1.00 0.00 ? 3 FAG A C4     5 
HETATM 735  N N3     . FAG A 1 3 ? 0.411  -1.129 -3.634  1.00 0.00 ? 3 FAG A N3     5 
HETATM 736  C C2     . FAG A 1 3 ? 0.590  -2.361 -4.130  1.00 0.00 ? 3 FAG A C2     5 
HETATM 737  N N2     . FAG A 1 3 ? 1.837  -2.765 -4.514  1.00 0.00 ? 3 FAG A N2     5 
HETATM 738  N N1     . FAG A 1 3 ? -0.409 -3.299 -4.335  1.00 0.00 ? 3 FAG A N1     5 
HETATM 739  C C6     . FAG A 1 3 ? -1.744 -3.043 -4.045  1.00 0.00 ? 3 FAG A C6     5 
HETATM 740  O O6     . FAG A 1 3 ? -2.658 -3.822 -4.219  1.00 0.00 ? 3 FAG A O6     5 
HETATM 741  C C5     . FAG A 1 3 ? -1.968 -1.756 -3.540  1.00 0.00 ? 3 FAG A C5     5 
HETATM 742  N N7     . FAG A 1 3 ? -3.247 -1.358 -3.293  1.00 0.00 ? 3 FAG A N7     5 
HETATM 743  C C8     . FAG A 1 3 ? -4.088 -1.045 -4.310  1.00 0.00 ? 3 FAG A C8     5 
HETATM 744  O O8     . FAG A 1 3 ? -4.029 -1.618 -5.379  1.00 0.00 ? 3 FAG A O8     5 
HETATM 745  C "C2'"  . FAG A 1 3 ? -0.682 1.970  -0.984  1.00 0.00 ? 3 FAG A "C2'"  5 
HETATM 746  C "C3'"  . FAG A 1 3 ? -0.262 3.423  -1.197  1.00 0.00 ? 3 FAG A "C3'"  5 
HETATM 747  O "O3'"  . FAG A 1 3 ? -1.367 4.147  -1.765  1.00 0.00 ? 3 FAG A "O3'"  5 
HETATM 748  C C8A    . FAG A 1 3 ? -3.656 -1.220 -1.888  1.00 0.00 ? 3 FAG A C8A    5 
HETATM 749  C C9     . FAG A 1 3 ? -3.696 -2.586 -1.187  1.00 0.00 ? 3 FAG A C9     5 
HETATM 750  O O9     . FAG A 1 3 ? -4.993 -2.776 -0.625  1.00 0.00 ? 3 FAG A O9     5 
HETATM 751  C C9A    . FAG A 1 3 ? -2.683 -2.488 -0.047  1.00 0.00 ? 3 FAG A C9A    5 
HETATM 752  C C9B    . FAG A 1 3 ? -1.319 -2.972 -0.404  1.00 0.00 ? 3 FAG A C9B    5 
HETATM 753  O O7     . FAG A 1 3 ? -2.717 -0.404 -1.155  1.00 0.00 ? 3 FAG A O7     5 
HETATM 754  C C6A    . FAG A 1 3 ? -2.383 -0.981 0.125   1.00 0.00 ? 3 FAG A C6A    5 
HETATM 755  O O6A    . FAG A 1 3 ? -0.946 -0.831 0.364   1.00 0.00 ? 3 FAG A O6A    5 
HETATM 756  C C5M    . FAG A 1 3 ? -0.378 -1.961 -0.130  1.00 0.00 ? 3 FAG A C5M    5 
HETATM 757  C C5B    . FAG A 1 3 ? 1.006  -2.221 -0.379  1.00 0.00 ? 3 FAG A C5B    5 
HETATM 758  C C4B    . FAG A 1 3 ? 1.411  -3.442 -0.889  1.00 0.00 ? 3 FAG A C4B    5 
HETATM 759  O O4     . FAG A 1 3 ? 2.730  -3.678 -1.107  1.00 0.00 ? 3 FAG A O4     5 
HETATM 760  C CM     . FAG A 1 3 ? 3.525  -2.495 -0.912  1.00 0.00 ? 3 FAG A CM     5 
HETATM 761  C C4A    . FAG A 1 3 ? 0.473  -4.426 -1.167  1.00 0.00 ? 3 FAG A C4A    5 
HETATM 762  C CAA    . FAG A 1 3 ? -0.886 -4.232 -0.938  1.00 0.00 ? 3 FAG A CAA    5 
HETATM 763  O O10    . FAG A 1 3 ? -1.860 -5.168 -1.186  1.00 0.00 ? 3 FAG A O10    5 
HETATM 764  C C11    . FAG A 1 3 ? -1.481 -6.366 -1.697  1.00 0.00 ? 3 FAG A C11    5 
HETATM 765  O O11    . FAG A 1 3 ? -2.275 -7.249 -1.948  1.00 0.00 ? 3 FAG A O11    5 
HETATM 766  C CBA    . FAG A 1 3 ? -0.117 -6.585 -1.942  1.00 0.00 ? 3 FAG A CBA    5 
HETATM 767  H H31    . FAG A 1 3 ? 2.929  -6.227 -1.190  1.00 0.00 ? 3 FAG A H31    5 
HETATM 768  H H32    . FAG A 1 3 ? 2.737  -5.576 -2.844  1.00 0.00 ? 3 FAG A H32    5 
HETATM 769  H H2A1   . FAG A 1 3 ? 2.451  -8.365 -1.984  1.00 0.00 ? 3 FAG A H2A1   5 
HETATM 770  H H2A2   . FAG A 1 3 ? 2.251  -7.713 -3.631  1.00 0.00 ? 3 FAG A H2A2   5 
HETATM 771  H "H5'1" . FAG A 1 3 ? 2.177  2.054  -1.048  1.00 0.00 ? 3 FAG A "H5'1" 5 
HETATM 772  H "H5'2" . FAG A 1 3 ? 3.046  3.132  -2.166  1.00 0.00 ? 3 FAG A "H5'2" 5 
HETATM 773  H "H4'"  . FAG A 1 3 ? 0.949  4.244  -2.827  1.00 0.00 ? 3 FAG A "H4'"  5 
HETATM 774  H "H1'"  . FAG A 1 3 ? 0.702  0.519  -1.797  1.00 0.00 ? 3 FAG A "H1'"  5 
HETATM 775  H HN9    . FAG A 1 3 ? -1.845 1.040  -3.252  1.00 0.00 ? 3 FAG A HN9    5 
HETATM 776  H HN21   . FAG A 1 3 ? 1.938  -3.492 -5.219  1.00 0.00 ? 3 FAG A HN21   5 
HETATM 777  H HN22   . FAG A 1 3 ? 2.568  -2.076 -4.668  1.00 0.00 ? 3 FAG A HN22   5 
HETATM 778  H H1     . FAG A 1 3 ? -0.171 -4.205 -4.717  1.00 0.00 ? 3 FAG A H1     5 
HETATM 779  H H8     . FAG A 1 3 ? -4.378 0.006  -4.292  1.00 0.00 ? 3 FAG A H8     5 
HETATM 780  H "H2'1" . FAG A 1 3 ? -0.280 1.586  -0.044  1.00 0.00 ? 3 FAG A "H2'1" 5 
HETATM 781  H "H2'2" . FAG A 1 3 ? -1.770 1.881  -0.967  1.00 0.00 ? 3 FAG A "H2'2" 5 
HETATM 782  H "H3'"  . FAG A 1 3 ? 0.045  3.900  -0.264  1.00 0.00 ? 3 FAG A "H3'"  5 
HETATM 783  H H8A    . FAG A 1 3 ? -4.642 -0.753 -1.836  1.00 0.00 ? 3 FAG A H8A    5 
HETATM 784  H H9     . FAG A 1 3 ? -3.455 -3.404 -1.868  1.00 0.00 ? 3 FAG A H9     5 
HETATM 785  H HO9    . FAG A 1 3 ? -5.634 -2.844 -1.356  1.00 0.00 ? 3 FAG A HO9    5 
HETATM 786  H H9A    . FAG A 1 3 ? -3.043 -2.950 0.875   1.00 0.00 ? 3 FAG A H9A    5 
HETATM 787  H H6A    . FAG A 1 3 ? -2.979 -0.519 0.916   1.00 0.00 ? 3 FAG A H6A    5 
HETATM 788  H H5B    . FAG A 1 3 ? 1.745  -1.453 -0.163  1.00 0.00 ? 3 FAG A H5B    5 
HETATM 789  H HM1    . FAG A 1 3 ? 4.583  -2.766 -0.890  1.00 0.00 ? 3 FAG A HM1    5 
HETATM 790  H HM2    . FAG A 1 3 ? 3.345  -1.795 -1.730  1.00 0.00 ? 3 FAG A HM2    5 
HETATM 791  H HM3    . FAG A 1 3 ? 3.251  -2.025 0.035   1.00 0.00 ? 3 FAG A HM3    5 
ATOM   792  P P      . DA  A 1 4 ? -1.336 5.756  -1.836  1.00 0.00 ? 4 DA  A P      5 
ATOM   793  O OP1    . DA  A 1 4 ? -0.458 6.225  -0.800  1.00 0.00 ? 4 DA  A OP1    5 
ATOM   794  O OP2    . DA  A 1 4 ? -2.694 6.232  -1.865  1.00 0.00 ? 4 DA  A OP2    5 
ATOM   795  O "O5'"  . DA  A 1 4 ? -0.684 6.095  -3.195  1.00 0.00 ? 4 DA  A "O5'"  5 
ATOM   796  C "C5'"  . DA  A 1 4 ? -1.406 6.059  -4.413  1.00 0.00 ? 4 DA  A "C5'"  5 
ATOM   797  C "C4'"  . DA  A 1 4 ? -0.487 5.723  -5.548  1.00 0.00 ? 4 DA  A "C4'"  5 
ATOM   798  O "O4'"  . DA  A 1 4 ? -0.153 4.350  -5.489  1.00 0.00 ? 4 DA  A "O4'"  5 
ATOM   799  C "C3'"  . DA  A 1 4 ? -1.132 5.882  -6.903  1.00 0.00 ? 4 DA  A "C3'"  5 
ATOM   800  O "O3'"  . DA  A 1 4 ? -0.632 6.820  -7.622  1.00 0.00 ? 4 DA  A "O3'"  5 
ATOM   801  C "C2'"  . DA  A 1 4 ? -0.937 4.680  -7.594  1.00 0.00 ? 4 DA  A "C2'"  5 
ATOM   802  C "C1'"  . DA  A 1 4 ? -0.129 3.753  -6.757  1.00 0.00 ? 4 DA  A "C1'"  5 
ATOM   803  N N9     . DA  A 1 4 ? -0.668 2.382  -6.742  1.00 0.00 ? 4 DA  A N9     5 
ATOM   804  C C8     . DA  A 1 4 ? -1.943 1.957  -6.445  1.00 0.00 ? 4 DA  A C8     5 
ATOM   805  N N7     . DA  A 1 4 ? -2.143 0.671  -6.580  1.00 0.00 ? 4 DA  A N7     5 
ATOM   806  C C5     . DA  A 1 4 ? -0.914 0.195  -7.016  1.00 0.00 ? 4 DA  A C5     5 
ATOM   807  C C6     . DA  A 1 4 ? -0.388 -1.085 -7.390  1.00 0.00 ? 4 DA  A C6     5 
ATOM   808  N N6     . DA  A 1 4 ? -1.125 -2.232 -7.370  1.00 0.00 ? 4 DA  A N6     5 
ATOM   809  N N1     . DA  A 1 4 ? 0.888  -1.154 -7.792  1.00 0.00 ? 4 DA  A N1     5 
ATOM   810  C C2     . DA  A 1 4 ? 1.631  -0.057 -7.836  1.00 0.00 ? 4 DA  A C2     5 
ATOM   811  N N3     . DA  A 1 4 ? 1.310  1.190  -7.531  1.00 0.00 ? 4 DA  A N3     5 
ATOM   812  C C4     . DA  A 1 4 ? 0.022  1.258  -7.125  1.00 0.00 ? 4 DA  A C4     5 
ATOM   813  H "H5'"  . DA  A 1 4 ? -1.859 7.005  -4.564  1.00 0.00 ? 4 DA  A "H5'"  5 
ATOM   814  H "H5''" . DA  A 1 4 ? -2.167 5.334  -4.365  1.00 0.00 ? 4 DA  A "H5''" 5 
ATOM   815  H "H4'"  . DA  A 1 4 ? 0.398  6.295  -5.486  1.00 0.00 ? 4 DA  A "H4'"  5 
ATOM   816  H "H3'"  . DA  A 1 4 ? -2.073 6.039  -6.812  1.00 0.00 ? 4 DA  A "H3'"  5 
ATOM   817  H "H2'"  . DA  A 1 4 ? -1.761 4.300  -7.795  1.00 0.00 ? 4 DA  A "H2'"  5 
ATOM   818  H "H2''" . DA  A 1 4 ? -0.518 4.882  -8.413  1.00 0.00 ? 4 DA  A "H2''" 5 
ATOM   819  H "H1'"  . DA  A 1 4 ? 0.855  3.750  -7.092  1.00 0.00 ? 4 DA  A "H1'"  5 
ATOM   820  H H8     . DA  A 1 4 ? -2.718 2.634  -6.117  1.00 0.00 ? 4 DA  A H8     5 
ATOM   821  H H61    . DA  A 1 4 ? -2.130 -2.244 -7.211  1.00 0.00 ? 4 DA  A H61    5 
ATOM   822  H H62    . DA  A 1 4 ? -0.794 -3.112 -7.761  1.00 0.00 ? 4 DA  A H62    5 
ATOM   823  H H2     . DA  A 1 4 ? 2.646  -0.202 -8.172  1.00 0.00 ? 4 DA  A H2     5 
ATOM   824  O "O5'"  . DC  A 1 1 ? -3.673 2.804  9.194   1.00 0.00 ? 1 DC  A "O5'"  6 
ATOM   825  C "C5'"  . DC  A 1 1 ? -3.015 1.561  9.422   1.00 0.00 ? 1 DC  A "C5'"  6 
ATOM   826  C "C4'"  . DC  A 1 1 ? -1.574 1.638  8.899   1.00 0.00 ? 1 DC  A "C4'"  6 
ATOM   827  O "O4'"  . DC  A 1 1 ? -0.930 0.366  9.154   1.00 0.00 ? 1 DC  A "O4'"  6 
ATOM   828  C "C3'"  . DC  A 1 1 ? -1.527 1.845  7.374   1.00 0.00 ? 1 DC  A "C3'"  6 
ATOM   829  O "O3'"  . DC  A 1 1 ? -0.745 3.016  7.055   1.00 0.00 ? 1 DC  A "O3'"  6 
ATOM   830  C "C2'"  . DC  A 1 1 ? -0.771 0.644  6.831   1.00 0.00 ? 1 DC  A "C2'"  6 
ATOM   831  C "C1'"  . DC  A 1 1 ? -0.099 -0.004 8.040   1.00 0.00 ? 1 DC  A "C1'"  6 
ATOM   832  N N1     . DC  A 1 1 ? -0.034 -1.465 7.856   1.00 0.00 ? 1 DC  A N1     6 
ATOM   833  C C2     . DC  A 1 1 ? 1.188  -2.011 7.497   1.00 0.00 ? 1 DC  A C2     6 
ATOM   834  O O2     . DC  A 1 1 ? 2.168  -1.297 7.425   1.00 0.00 ? 1 DC  A O2     6 
ATOM   835  N N3     . DC  A 1 1 ? 1.257  -3.339 7.210   1.00 0.00 ? 1 DC  A N3     6 
ATOM   836  C C4     . DC  A 1 1 ? 0.182  -4.133 7.258   1.00 0.00 ? 1 DC  A C4     6 
ATOM   837  N N4     . DC  A 1 1 ? 0.324  -5.454 6.948   1.00 0.00 ? 1 DC  A N4     6 
ATOM   838  C C5     . DC  A 1 1 ? -1.108 -3.619 7.610   1.00 0.00 ? 1 DC  A C5     6 
ATOM   839  C C6     . DC  A 1 1 ? -1.165 -2.226 7.904   1.00 0.00 ? 1 DC  A C6     6 
ATOM   840  H "H5'"  . DC  A 1 1 ? -3.556 0.763  8.909   1.00 0.00 ? 1 DC  A "H5'"  6 
ATOM   841  H "H5''" . DC  A 1 1 ? -3.012 1.342  10.492  1.00 0.00 ? 1 DC  A "H5''" 6 
ATOM   842  H "H4'"  . DC  A 1 1 ? -1.016 2.427  9.406   1.00 0.00 ? 1 DC  A "H4'"  6 
ATOM   843  H "H3'"  . DC  A 1 1 ? -2.527 1.937  6.945   1.00 0.00 ? 1 DC  A "H3'"  6 
ATOM   844  H "H2'"  . DC  A 1 1 ? -1.454 -0.056 6.344   1.00 0.00 ? 1 DC  A "H2'"  6 
ATOM   845  H "H2''" . DC  A 1 1 ? -0.018 0.992  6.137   1.00 0.00 ? 1 DC  A "H2''" 6 
ATOM   846  H "H1'"  . DC  A 1 1 ? 0.899  0.416  8.187   1.00 0.00 ? 1 DC  A "H1'"  6 
ATOM   847  H H41    . DC  A 1 1 ? -0.461 -6.093 6.851   1.00 0.00 ? 1 DC  A H41    6 
ATOM   848  H H42    . DC  A 1 1 ? 1.187  -5.851 6.579   1.00 0.00 ? 1 DC  A H42    6 
ATOM   849  H H5     . DC  A 1 1 ? -2.005 -4.222 7.651   1.00 0.00 ? 1 DC  A H5     6 
ATOM   850  H H6     . DC  A 1 1 ? -2.105 -1.764 8.166   1.00 0.00 ? 1 DC  A H6     6 
ATOM   851  H "HO5'" . DC  A 1 1 ? -3.734 2.945  8.232   1.00 0.00 ? 1 DC  A "HO5'" 6 
ATOM   852  P P      . DT  A 1 2 ? -0.863 3.754  5.613   1.00 0.00 ? 2 DT  A P      6 
ATOM   853  O OP1    . DT  A 1 2 ? -0.468 5.111  5.834   1.00 0.00 ? 2 DT  A OP1    6 
ATOM   854  O OP2    . DT  A 1 2 ? -2.174 3.491  5.107   1.00 0.00 ? 2 DT  A OP2    6 
ATOM   855  O "O5'"  . DT  A 1 2 ? 0.179  3.102  4.631   1.00 0.00 ? 2 DT  A "O5'"  6 
ATOM   856  C "C5'"  . DT  A 1 2 ? 1.573  3.199  4.857   1.00 0.00 ? 2 DT  A "C5'"  6 
ATOM   857  C "C4'"  . DT  A 1 2 ? 2.423  2.449  3.833   1.00 0.00 ? 2 DT  A "C4'"  6 
ATOM   858  O "O4'"  . DT  A 1 2 ? 2.275  1.042  4.089   1.00 0.00 ? 2 DT  A "O4'"  6 
ATOM   859  C "C3'"  . DT  A 1 2 ? 2.008  2.661  2.377   1.00 0.00 ? 2 DT  A "C3'"  6 
ATOM   860  O "O3'"  . DT  A 1 2 ? 3.162  2.627  1.518   1.00 0.00 ? 2 DT  A "O3'"  6 
ATOM   861  C "C2'"  . DT  A 1 2 ? 1.198  1.426  2.090   1.00 0.00 ? 2 DT  A "C2'"  6 
ATOM   862  C "C1'"  . DT  A 1 2 ? 1.896  0.362  2.909   1.00 0.00 ? 2 DT  A "C1'"  6 
ATOM   863  N N1     . DT  A 1 2 ? 1.052  -0.817 3.177   1.00 0.00 ? 2 DT  A N1     6 
ATOM   864  C C2     . DT  A 1 2 ? 1.634  -2.062 3.016   1.00 0.00 ? 2 DT  A C2     6 
ATOM   865  O O2     . DT  A 1 2 ? 2.798  -2.170 2.683   1.00 0.00 ? 2 DT  A O2     6 
ATOM   866  N N3     . DT  A 1 2 ? 0.805  -3.167 3.245   1.00 0.00 ? 2 DT  A N3     6 
ATOM   867  C C4     . DT  A 1 2 ? -0.542 -3.120 3.623   1.00 0.00 ? 2 DT  A C4     6 
ATOM   868  O O4     . DT  A 1 2 ? -1.232 -4.100 3.814   1.00 0.00 ? 2 DT  A O4     6 
ATOM   869  C C5     . DT  A 1 2 ? -1.080 -1.828 3.754   1.00 0.00 ? 2 DT  A C5     6 
ATOM   870  C C7     . DT  A 1 2 ? -2.529 -1.652 4.147   1.00 0.00 ? 2 DT  A C7     6 
ATOM   871  C C6     . DT  A 1 2 ? -0.263 -0.682 3.513   1.00 0.00 ? 2 DT  A C6     6 
ATOM   872  H "H5'"  . DT  A 1 2 ? 1.763  2.797  5.820   1.00 0.00 ? 2 DT  A "H5'"  6 
ATOM   873  H "H5''" . DT  A 1 2 ? 1.856  4.216  4.852   1.00 0.00 ? 2 DT  A "H5''" 6 
ATOM   874  H "H4'"  . DT  A 1 2 ? 3.453  2.725  3.958   1.00 0.00 ? 2 DT  A "H4'"  6 
ATOM   875  H "H3'"  . DT  A 1 2 ? 1.439  3.556  2.232   1.00 0.00 ? 2 DT  A "H3'"  6 
ATOM   876  H "H2'"  . DT  A 1 2 ? 0.190  1.604  2.409   1.00 0.00 ? 2 DT  A "H2'"  6 
ATOM   877  H "H2''" . DT  A 1 2 ? 1.165  1.165  1.051   1.00 0.00 ? 2 DT  A "H2''" 6 
ATOM   878  H "H1'"  . DT  A 1 2 ? 2.792  0.096  2.391   1.00 0.00 ? 2 DT  A "H1'"  6 
ATOM   879  H H3     . DT  A 1 2 ? 1.216  -4.083 3.124   1.00 0.00 ? 2 DT  A H3     6 
ATOM   880  H H71    . DT  A 1 2 ? -3.171 -2.194 3.450   1.00 0.00 ? 2 DT  A H71    6 
ATOM   881  H H72    . DT  A 1 2 ? -2.693 -2.056 5.148   1.00 0.00 ? 2 DT  A H72    6 
ATOM   882  H H73    . DT  A 1 2 ? -2.798 -0.594 4.136   1.00 0.00 ? 2 DT  A H73    6 
ATOM   883  H H6     . DT  A 1 2 ? -0.685 0.307  3.612   1.00 0.00 ? 2 DT  A H6     6 
HETATM 884  C C3A    . FAG A 1 3 ? 1.299  -5.316 -1.564  1.00 0.00 ? 3 FAG A C3A    6 
HETATM 885  C C3     . FAG A 1 3 ? 2.699  -5.700 -1.944  1.00 0.00 ? 3 FAG A C3     6 
HETATM 886  C C2A    . FAG A 1 3 ? 2.497  -7.146 -2.472  1.00 0.00 ? 3 FAG A C2A    6 
HETATM 887  C C1     . FAG A 1 3 ? 1.010  -7.443 -2.328  1.00 0.00 ? 3 FAG A C1     6 
HETATM 888  O O1     . FAG A 1 3 ? 0.426  -8.454 -2.656  1.00 0.00 ? 3 FAG A O1     6 
HETATM 889  P P      . FAG A 1 3 ? 3.555  3.903  0.619   1.00 0.00 ? 3 FAG A P      6 
HETATM 890  O O1P    . FAG A 1 3 ? 4.787  3.581  -0.135  1.00 0.00 ? 3 FAG A O1P    6 
HETATM 891  O O2P    . FAG A 1 3 ? 3.512  5.107  1.479   1.00 0.00 ? 3 FAG A O2P    6 
HETATM 892  O "O5'"  . FAG A 1 3 ? 2.331  3.985  -0.427  1.00 0.00 ? 3 FAG A "O5'"  6 
HETATM 893  C "C5'"  . FAG A 1 3 ? 2.160  2.985  -1.448  1.00 0.00 ? 3 FAG A "C5'"  6 
HETATM 894  C "C4'"  . FAG A 1 3 ? 0.884  3.326  -2.231  1.00 0.00 ? 3 FAG A "C4'"  6 
HETATM 895  O "O4'"  . FAG A 1 3 ? 0.511  2.191  -3.042  1.00 0.00 ? 3 FAG A "O4'"  6 
HETATM 896  C "C1'"  . FAG A 1 3 ? -0.152 1.219  -2.204  1.00 0.00 ? 3 FAG A "C1'"  6 
HETATM 897  N N9     . FAG A 1 3 ? -1.171 0.452  -2.931  1.00 0.00 ? 3 FAG A N9     6 
HETATM 898  C C4     . FAG A 1 3 ? -0.906 -0.808 -3.379  1.00 0.00 ? 3 FAG A C4     6 
HETATM 899  N N3     . FAG A 1 3 ? 0.402  -1.068 -3.752  1.00 0.00 ? 3 FAG A N3     6 
HETATM 900  C C2     . FAG A 1 3 ? 0.611  -2.310 -4.211  1.00 0.00 ? 3 FAG A C2     6 
HETATM 901  N N2     . FAG A 1 3 ? 1.844  -2.666 -4.674  1.00 0.00 ? 3 FAG A N2     6 
HETATM 902  N N1     . FAG A 1 3 ? -0.351 -3.303 -4.311  1.00 0.00 ? 3 FAG A N1     6 
HETATM 903  C C6     . FAG A 1 3 ? -1.678 -3.094 -3.951  1.00 0.00 ? 3 FAG A C6     6 
HETATM 904  O O6     . FAG A 1 3 ? -2.564 -3.919 -4.044  1.00 0.00 ? 3 FAG A O6     6 
HETATM 905  C C5     . FAG A 1 3 ? -1.933 -1.800 -3.474  1.00 0.00 ? 3 FAG A C5     6 
HETATM 906  N N7     . FAG A 1 3 ? -3.219 -1.444 -3.192  1.00 0.00 ? 3 FAG A N7     6 
HETATM 907  C C8     . FAG A 1 3 ? -4.095 -1.153 -4.192  1.00 0.00 ? 3 FAG A C8     6 
HETATM 908  O O8     . FAG A 1 3 ? -3.923 -1.549 -5.325  1.00 0.00 ? 3 FAG A O8     6 
HETATM 909  C "C2'"  . FAG A 1 3 ? -0.816 2.036  -1.086  1.00 0.00 ? 3 FAG A "C2'"  6 
HETATM 910  C "C3'"  . FAG A 1 3 ? -0.292 3.462  -1.262  1.00 0.00 ? 3 FAG A "C3'"  6 
HETATM 911  O "O3'"  . FAG A 1 3 ? -1.320 4.262  -1.872  1.00 0.00 ? 3 FAG A "O3'"  6 
HETATM 912  C C8A    . FAG A 1 3 ? -3.613 -1.329 -1.779  1.00 0.00 ? 3 FAG A C8A    6 
HETATM 913  C C9     . FAG A 1 3 ? -3.536 -2.683 -1.062  1.00 0.00 ? 3 FAG A C9     6 
HETATM 914  O O9     . FAG A 1 3 ? -4.820 -2.997 -0.531  1.00 0.00 ? 3 FAG A O9     6 
HETATM 915  C C9A    . FAG A 1 3 ? -2.559 -2.474 0.095   1.00 0.00 ? 3 FAG A C9A    6 
HETATM 916  C C9B    . FAG A 1 3 ? -1.158 -2.835 -0.251  1.00 0.00 ? 3 FAG A C9B    6 
HETATM 917  O O7     . FAG A 1 3 ? -2.736 -0.430 -1.065  1.00 0.00 ? 3 FAG A O7     6 
HETATM 918  C C6A    . FAG A 1 3 ? -2.392 -0.942 0.238   1.00 0.00 ? 3 FAG A C6A    6 
HETATM 919  O O6A    . FAG A 1 3 ? -0.979 -0.663 0.496   1.00 0.00 ? 3 FAG A O6A    6 
HETATM 920  C C5M    . FAG A 1 3 ? -0.313 -1.737 0.007   1.00 0.00 ? 3 FAG A C5M    6 
HETATM 921  C C5B    . FAG A 1 3 ? 1.083  -1.860 -0.281  1.00 0.00 ? 3 FAG A C5B    6 
HETATM 922  C C4B    . FAG A 1 3 ? 1.592  -3.039 -0.798  1.00 0.00 ? 3 FAG A C4B    6 
HETATM 923  O O4     . FAG A 1 3 ? 2.912  -3.132 -1.092  1.00 0.00 ? 3 FAG A O4     6 
HETATM 924  C CM     . FAG A 1 3 ? 3.487  -1.840 -1.353  1.00 0.00 ? 3 FAG A CM     6 
HETATM 925  C C4A    . FAG A 1 3 ? 0.752  -4.119 -1.031  1.00 0.00 ? 3 FAG A C4A    6 
HETATM 926  C CAA    . FAG A 1 3 ? -0.615 -4.055 -0.777  1.00 0.00 ? 3 FAG A CAA    6 
HETATM 927  O O10    . FAG A 1 3 ? -1.499 -5.080 -1.005  1.00 0.00 ? 3 FAG A O10    6 
HETATM 928  C C11    . FAG A 1 3 ? -1.018 -6.232 -1.536  1.00 0.00 ? 3 FAG A C11    6 
HETATM 929  O O11    . FAG A 1 3 ? -1.732 -7.181 -1.786  1.00 0.00 ? 3 FAG A O11    6 
HETATM 930  C CBA    . FAG A 1 3 ? 0.358  -6.325 -1.792  1.00 0.00 ? 3 FAG A CBA    6 
HETATM 931  H H31    . FAG A 1 3 ? 3.363  -5.685 -1.077  1.00 0.00 ? 3 FAG A H31    6 
HETATM 932  H H32    . FAG A 1 3 ? 3.097  -5.046 -2.722  1.00 0.00 ? 3 FAG A H32    6 
HETATM 933  H H2A1   . FAG A 1 3 ? 3.082  -7.853 -1.878  1.00 0.00 ? 3 FAG A H2A1   6 
HETATM 934  H H2A2   . FAG A 1 3 ? 2.797  -7.216 -3.519  1.00 0.00 ? 3 FAG A H2A2   6 
HETATM 935  H "H5'1" . FAG A 1 3 ? 2.063  2.008  -0.971  1.00 0.00 ? 3 FAG A "H5'1" 6 
HETATM 936  H "H5'2" . FAG A 1 3 ? 3.032  2.979  -2.106  1.00 0.00 ? 3 FAG A "H5'2" 6 
HETATM 937  H "H4'"  . FAG A 1 3 ? 1.020  4.219  -2.843  1.00 0.00 ? 3 FAG A "H4'"  6 
HETATM 938  H "H1'"  . FAG A 1 3 ? 0.598  0.553  -1.772  1.00 0.00 ? 3 FAG A "H1'"  6 
HETATM 939  H HN9    . FAG A 1 3 ? -1.846 1.053  -3.401  1.00 0.00 ? 3 FAG A HN9    6 
HETATM 940  H HN21   . FAG A 1 3 ? 2.476  -1.953 -5.030  1.00 0.00 ? 3 FAG A HN21   6 
HETATM 941  H HN22   . FAG A 1 3 ? 1.942  -3.492 -5.263  1.00 0.00 ? 3 FAG A HN22   6 
HETATM 942  H H1     . FAG A 1 3 ? -0.091 -4.212 -4.673  1.00 0.00 ? 3 FAG A H1     6 
HETATM 943  H H8     . FAG A 1 3 ? -4.598 -0.200 -4.033  1.00 0.00 ? 3 FAG A H8     6 
HETATM 944  H "H2'1" . FAG A 1 3 ? -0.529 1.634  -0.113  1.00 0.00 ? 3 FAG A "H2'1" 6 
HETATM 945  H "H2'2" . FAG A 1 3 ? -1.904 2.013  -1.173  1.00 0.00 ? 3 FAG A "H2'2" 6 
HETATM 946  H "H3'"  . FAG A 1 3 ? 0.000  3.910  -0.309  1.00 0.00 ? 3 FAG A "H3'"  6 
HETATM 947  H H8A    . FAG A 1 3 ? -4.632 -0.941 -1.714  1.00 0.00 ? 3 FAG A H8A    6 
HETATM 948  H H9     . FAG A 1 3 ? -3.197 -3.477 -1.731  1.00 0.00 ? 3 FAG A H9     6 
HETATM 949  H HO9    . FAG A 1 3 ? -4.768 -3.872 -0.108  1.00 0.00 ? 3 FAG A HO9    6 
HETATM 950  H H9A    . FAG A 1 3 ? -2.888 -2.952 1.021   1.00 0.00 ? 3 FAG A H9A    6 
HETATM 951  H H6A    . FAG A 1 3 ? -3.048 -0.513 1.000   1.00 0.00 ? 3 FAG A H6A    6 
HETATM 952  H H5B    . FAG A 1 3 ? 1.746  -1.018 -0.100  1.00 0.00 ? 3 FAG A H5B    6 
HETATM 953  H HM1    . FAG A 1 3 ? 3.297  -1.174 -0.510  1.00 0.00 ? 3 FAG A HM1    6 
HETATM 954  H HM2    . FAG A 1 3 ? 4.564  -1.942 -1.505  1.00 0.00 ? 3 FAG A HM2    6 
HETATM 955  H HM3    . FAG A 1 3 ? 3.035  -1.421 -2.254  1.00 0.00 ? 3 FAG A HM3    6 
ATOM   956  P P      . DA  A 1 4 ? -1.210 5.866  -1.853  1.00 0.00 ? 4 DA  A P      6 
ATOM   957  O OP1    . DA  A 1 4 ? -0.446 6.239  -0.684  1.00 0.00 ? 4 DA  A OP1    6 
ATOM   958  O OP2    . DA  A 1 4 ? -2.540 6.411  -2.029  1.00 0.00 ? 4 DA  A OP2    6 
ATOM   959  O "O5'"  . DA  A 1 4 ? -0.377 6.242  -3.108  1.00 0.00 ? 4 DA  A "O5'"  6 
ATOM   960  C "C5'"  . DA  A 1 4 ? -0.970 6.402  -4.397  1.00 0.00 ? 4 DA  A "C5'"  6 
ATOM   961  C "C4'"  . DA  A 1 4 ? 0.022  6.081  -5.456  1.00 0.00 ? 4 DA  A "C4'"  6 
ATOM   962  O "O4'"  . DA  A 1 4 ? 0.212  4.691  -5.450  1.00 0.00 ? 4 DA  A "O4'"  6 
ATOM   963  C "C3'"  . DA  A 1 4 ? -0.468 6.450  -6.854  1.00 0.00 ? 4 DA  A "C3'"  6 
ATOM   964  O "O3'"  . DA  A 1 4 ? 0.646  6.922  -7.610  1.00 0.00 ? 4 DA  A "O3'"  6 
ATOM   965  C "C2'"  . DA  A 1 4 ? -0.927 5.114  -7.414  1.00 0.00 ? 4 DA  A "C2'"  6 
ATOM   966  C "C1'"  . DA  A 1 4 ? -0.026 4.107  -6.714  1.00 0.00 ? 4 DA  A "C1'"  6 
ATOM   967  N N9     . DA  A 1 4 ? -0.680 2.789  -6.596  1.00 0.00 ? 4 DA  A N9     6 
ATOM   968  C C8     . DA  A 1 4 ? -1.859 2.471  -5.961  1.00 0.00 ? 4 DA  A C8     6 
ATOM   969  N N7     . DA  A 1 4 ? -2.221 1.218  -6.059  1.00 0.00 ? 4 DA  A N7     6 
ATOM   970  C C5     . DA  A 1 4 ? -1.220 0.652  -6.836  1.00 0.00 ? 4 DA  A C5     6 
ATOM   971  C C6     . DA  A 1 4 ? -0.954 -0.656 -7.363  1.00 0.00 ? 4 DA  A C6     6 
ATOM   972  N N6     . DA  A 1 4 ? -1.770 -1.728 -7.147  1.00 0.00 ? 4 DA  A N6     6 
ATOM   973  N N1     . DA  A 1 4 ? 0.142  -0.828 -8.109  1.00 0.00 ? 4 DA  A N1     6 
ATOM   974  C C2     . DA  A 1 4 ? 0.953  0.196  -8.344  1.00 0.00 ? 4 DA  A C2     6 
ATOM   975  N N3     . DA  A 1 4 ? 0.862  1.453  -7.940  1.00 0.00 ? 4 DA  A N3     6 
ATOM   976  C C4     . DA  A 1 4 ? -0.248 1.627  -7.186  1.00 0.00 ? 4 DA  A C4     6 
ATOM   977  H "H5'"  . DA  A 1 4 ? -1.311 7.387  -4.502  1.00 0.00 ? 4 DA  A "H5'"  6 
ATOM   978  H "H5''" . DA  A 1 4 ? -1.794 5.769  -4.502  1.00 0.00 ? 4 DA  A "H5''" 6 
ATOM   979  H "H4'"  . DA  A 1 4 ? 0.944  6.551  -5.255  1.00 0.00 ? 4 DA  A "H4'"  6 
ATOM   980  H "H3'"  . DA  A 1 4 ? -1.263 7.197  -6.836  1.00 0.00 ? 4 DA  A "H3'"  6 
ATOM   981  H "HO3'" . DA  A 1 4 ? 0.312  7.335  -8.426  1.00 0.00 ? 4 DA  A "HO3'" 6 
ATOM   982  H "H2'"  . DA  A 1 4 ? -1.974 4.930  -7.164  1.00 0.00 ? 4 DA  A "H2'"  6 
ATOM   983  H "H2''" . DA  A 1 4 ? -0.773 5.056  -8.478  1.00 0.00 ? 4 DA  A "H2''" 6 
ATOM   984  H "H1'"  . DA  A 1 4 ? 0.901  4.031  -7.203  1.00 0.00 ? 4 DA  A "H1'"  6 
ATOM   985  H H8     . DA  A 1 4 ? -2.437 3.199  -5.412  1.00 0.00 ? 4 DA  A H8     6 
ATOM   986  H H61    . DA  A 1 4 ? -2.677 -1.656 -6.692  1.00 0.00 ? 4 DA  A H61    6 
ATOM   987  H H62    . DA  A 1 4 ? -1.650 -2.624 -7.615  1.00 0.00 ? 4 DA  A H62    6 
ATOM   988  H H2     . DA  A 1 4 ? 1.813  -0.030 -8.955  1.00 0.00 ? 4 DA  A H2     6 
ATOM   989  O "O5'"  . DC  A 1 1 ? -2.093 1.112  11.067  1.00 0.00 ? 1 DC  A "O5'"  7 
ATOM   990  C "C5'"  . DC  A 1 1 ? -2.225 1.289  9.658   1.00 0.00 ? 1 DC  A "C5'"  7 
ATOM   991  C "C4'"  . DC  A 1 1 ? -0.909 1.830  9.081   1.00 0.00 ? 1 DC  A "C4'"  7 
ATOM   992  O "O4'"  . DC  A 1 1 ? 0.087  0.786  9.150   1.00 0.00 ? 1 DC  A "O4'"  7 
ATOM   993  C "C3'"  . DC  A 1 1 ? -1.062 2.162  7.590   1.00 0.00 ? 1 DC  A "C3'"  7 
ATOM   994  O "O3'"  . DC  A 1 1 ? -0.281 3.267  7.285   1.00 0.00 ? 1 DC  A "O3'"  7 
ATOM   995  C "C2'"  . DC  A 1 1 ? -0.572 1.000  6.879   1.00 0.00 ? 1 DC  A "C2'"  7 
ATOM   996  C "C1'"  . DC  A 1 1 ? 0.382  0.275  7.832   1.00 0.00 ? 1 DC  A "C1'"  7 
ATOM   997  N N1     . DC  A 1 1 ? 0.205  -1.186 7.740   1.00 0.00 ? 1 DC  A N1     7 
ATOM   998  C C2     . DC  A 1 1 ? 1.229  -1.906 7.152   1.00 0.00 ? 1 DC  A C2     7 
ATOM   999  O O2     . DC  A 1 1 ? 2.235  -1.333 6.785   1.00 0.00 ? 1 DC  A O2     7 
ATOM   1000 N N3     . DC  A 1 1 ? 1.081  -3.249 6.984   1.00 0.00 ? 1 DC  A N3     7 
ATOM   1001 C C4     . DC  A 1 1 ? -0.028 -3.891 7.367   1.00 0.00 ? 1 DC  A C4     7 
ATOM   1002 N N4     . DC  A 1 1 ? -0.103 -5.238 7.167   1.00 0.00 ? 1 DC  A N4     7 
ATOM   1003 C C5     . DC  A 1 1 ? -1.124 -3.193 7.967   1.00 0.00 ? 1 DC  A C5     7 
ATOM   1004 C C6     . DC  A 1 1 ? -0.956 -1.786 8.130   1.00 0.00 ? 1 DC  A C6     7 
ATOM   1005 H "H5'"  . DC  A 1 1 ? -3.035 1.997  9.464   1.00 0.00 ? 1 DC  A "H5'"  7 
ATOM   1006 H "H5''" . DC  A 1 1 ? -2.481 0.338  9.187   1.00 0.00 ? 1 DC  A "H5''" 7 
ATOM   1007 H "H4'"  . DC  A 1 1 ? -0.578 2.706  9.643   1.00 0.00 ? 1 DC  A "H4'"  7 
ATOM   1008 H "H3'"  . DC  A 1 1 ? -2.032 2.344  7.352   1.00 0.00 ? 1 DC  A "H3'"  7 
ATOM   1009 H "H2'"  . DC  A 1 1 ? -1.352 0.436  6.601   1.00 0.00 ? 1 DC  A "H2'"  7 
ATOM   1010 H "H2''" . DC  A 1 1 ? -0.073 1.295  6.030   1.00 0.00 ? 1 DC  A "H2''" 7 
ATOM   1011 H "H1'"  . DC  A 1 1 ? 1.414  0.538  7.591   1.00 0.00 ? 1 DC  A "H1'"  7 
ATOM   1012 H H41    . DC  A 1 1 ? -0.921 -5.799 7.392   1.00 0.00 ? 1 DC  A H41    7 
ATOM   1013 H H42    . DC  A 1 1 ? 0.625  -5.781 6.707   1.00 0.00 ? 1 DC  A H42    7 
ATOM   1014 H H5     . DC  A 1 1 ? -2.040 -3.672 8.284   1.00 0.00 ? 1 DC  A H5     7 
ATOM   1015 H H6     . DC  A 1 1 ? -1.744 -1.192 8.570   1.00 0.00 ? 1 DC  A H6     7 
ATOM   1016 H "HO5'" . DC  A 1 1 ? -2.018 1.992  11.478  1.00 0.00 ? 1 DC  A "HO5'" 7 
ATOM   1017 P P      . DT  A 1 2 ? -0.386 4.068  5.950   1.00 0.00 ? 2 DT  A P      7 
ATOM   1018 O OP1    . DT  A 1 2 ? 0.153  5.349  6.215   1.00 0.00 ? 2 DT  A OP1    7 
ATOM   1019 O OP2    . DT  A 1 2 ? -1.718 3.980  5.487   1.00 0.00 ? 2 DT  A OP2    7 
ATOM   1020 O "O5'"  . DT  A 1 2 ? 0.547  3.350  4.895   1.00 0.00 ? 2 DT  A "O5'"  7 
ATOM   1021 C "C5'"  . DT  A 1 2 ? 1.933  3.286  5.052   1.00 0.00 ? 2 DT  A "C5'"  7 
ATOM   1022 C "C4'"  . DT  A 1 2 ? 2.680  2.568  3.931   1.00 0.00 ? 2 DT  A "C4'"  7 
ATOM   1023 O "O4'"  . DT  A 1 2 ? 2.457  1.177  4.094   1.00 0.00 ? 2 DT  A "O4'"  7 
ATOM   1024 C "C3'"  . DT  A 1 2 ? 2.213  2.902  2.531   1.00 0.00 ? 2 DT  A "C3'"  7 
ATOM   1025 O "O3'"  . DT  A 1 2 ? 3.321  2.862  1.607   1.00 0.00 ? 2 DT  A "O3'"  7 
ATOM   1026 C "C2'"  . DT  A 1 2 ? 1.308  1.761  2.213   1.00 0.00 ? 2 DT  A "C2'"  7 
ATOM   1027 C "C1'"  . DT  A 1 2 ? 1.963  0.610  2.909   1.00 0.00 ? 2 DT  A "C1'"  7 
ATOM   1028 N N1     . DT  A 1 2 ? 1.063  -0.529 3.168   1.00 0.00 ? 2 DT  A N1     7 
ATOM   1029 C C2     . DT  A 1 2 ? 1.579  -1.798 2.968   1.00 0.00 ? 2 DT  A C2     7 
ATOM   1030 O O2     . DT  A 1 2 ? 2.730  -1.958 2.619   1.00 0.00 ? 2 DT  A O2     7 
ATOM   1031 N N3     . DT  A 1 2 ? 0.694  -2.863 3.183   1.00 0.00 ? 2 DT  A N3     7 
ATOM   1032 C C4     . DT  A 1 2 ? -0.641 -2.754 3.595   1.00 0.00 ? 2 DT  A C4     7 
ATOM   1033 O O4     . DT  A 1 2 ? -1.381 -3.700 3.774   1.00 0.00 ? 2 DT  A O4     7 
ATOM   1034 C C5     . DT  A 1 2 ? -1.099 -1.441 3.796   1.00 0.00 ? 2 DT  A C5     7 
ATOM   1035 C C7     . DT  A 1 2 ? -2.513 -1.197 4.264   1.00 0.00 ? 2 DT  A C7     7 
ATOM   1036 C C6     . DT  A 1 2 ? -0.227 -0.332 3.565   1.00 0.00 ? 2 DT  A C6     7 
ATOM   1037 H "H5'"  . DT  A 1 2 ? 2.097  2.799  5.954   1.00 0.00 ? 2 DT  A "H5'"  7 
ATOM   1038 H "H5''" . DT  A 1 2 ? 2.302  4.241  5.131   1.00 0.00 ? 2 DT  A "H5''" 7 
ATOM   1039 H "H4'"  . DT  A 1 2 ? 3.726  2.767  4.012   1.00 0.00 ? 2 DT  A "H4'"  7 
ATOM   1040 H "H3'"  . DT  A 1 2 ? 1.706  3.830  2.498   1.00 0.00 ? 2 DT  A "H3'"  7 
ATOM   1041 H "H2'"  . DT  A 1 2 ? 0.340  1.986  2.606   1.00 0.00 ? 2 DT  A "H2'"  7 
ATOM   1042 H "H2''" . DT  A 1 2 ? 1.210  1.579  1.169   1.00 0.00 ? 2 DT  A "H2''" 7 
ATOM   1043 H "H1'"  . DT  A 1 2 ? 2.799  0.318  2.309   1.00 0.00 ? 2 DT  A "H1'"  7 
ATOM   1044 H H3     . DT  A 1 2 ? 1.052  -3.795 3.032   1.00 0.00 ? 2 DT  A H3     7 
ATOM   1045 H H71    . DT  A 1 2 ? -2.697 -0.125 4.367   1.00 0.00 ? 2 DT  A H71    7 
ATOM   1046 H H72    . DT  A 1 2 ? -3.221 -1.617 3.546   1.00 0.00 ? 2 DT  A H72    7 
ATOM   1047 H H73    . DT  A 1 2 ? -2.672 -1.683 5.228   1.00 0.00 ? 2 DT  A H73    7 
ATOM   1048 H H6     . DT  A 1 2 ? -0.583 0.674  3.723   1.00 0.00 ? 2 DT  A H6     7 
HETATM 1049 C C3A    . FAG A 1 3 ? 1.140  -5.485 -1.943  1.00 0.00 ? 3 FAG A C3A    7 
HETATM 1050 C C3     . FAG A 1 3 ? 2.532  -5.868 -2.351  1.00 0.00 ? 3 FAG A C3     7 
HETATM 1051 C C2A    . FAG A 1 3 ? 2.316  -7.303 -2.910  1.00 0.00 ? 3 FAG A C2A    7 
HETATM 1052 C C1     . FAG A 1 3 ? 0.825  -7.585 -2.771  1.00 0.00 ? 3 FAG A C1     7 
HETATM 1053 O O1     . FAG A 1 3 ? 0.238  -8.606 -3.066  1.00 0.00 ? 3 FAG A O1     7 
HETATM 1054 P P      . FAG A 1 3 ? 3.586  4.073  0.577   1.00 0.00 ? 3 FAG A P      7 
HETATM 1055 O O1P    . FAG A 1 3 ? 4.785  3.742  -0.225  1.00 0.00 ? 3 FAG A O1P    7 
HETATM 1056 O O2P    . FAG A 1 3 ? 3.542  5.341  1.340   1.00 0.00 ? 3 FAG A O2P    7 
HETATM 1057 O "O5'"  . FAG A 1 3 ? 2.304  4.030  -0.398  1.00 0.00 ? 3 FAG A "O5'"  7 
HETATM 1058 C "C5'"  . FAG A 1 3 ? 2.163  3.010  -1.406  1.00 0.00 ? 3 FAG A "C5'"  7 
HETATM 1059 C "C4'"  . FAG A 1 3 ? 0.858  3.281  -2.168  1.00 0.00 ? 3 FAG A "C4'"  7 
HETATM 1060 O "O4'"  . FAG A 1 3 ? 0.502  2.112  -2.933  1.00 0.00 ? 3 FAG A "O4'"  7 
HETATM 1061 C "C1'"  . FAG A 1 3 ? -0.129 1.147  -2.061  1.00 0.00 ? 3 FAG A "C1'"  7 
HETATM 1062 N N9     . FAG A 1 3 ? -1.186 0.390  -2.747  1.00 0.00 ? 3 FAG A N9     7 
HETATM 1063 C C4     . FAG A 1 3 ? -0.932 -0.841 -3.274  1.00 0.00 ? 3 FAG A C4     7 
HETATM 1064 N N3     . FAG A 1 3 ? 0.389  -1.126 -3.578  1.00 0.00 ? 3 FAG A N3     7 
HETATM 1065 C C2     . FAG A 1 3 ? 0.587  -2.341 -4.106  1.00 0.00 ? 3 FAG A C2     7 
HETATM 1066 N N2     . FAG A 1 3 ? 1.838  -2.719 -4.495  1.00 0.00 ? 3 FAG A N2     7 
HETATM 1067 N N1     . FAG A 1 3 ? -0.399 -3.289 -4.342  1.00 0.00 ? 3 FAG A N1     7 
HETATM 1068 C C6     . FAG A 1 3 ? -1.740 -3.053 -4.057  1.00 0.00 ? 3 FAG A C6     7 
HETATM 1069 O O6     . FAG A 1 3 ? -2.644 -3.840 -4.257  1.00 0.00 ? 3 FAG A O6     7 
HETATM 1070 C C5     . FAG A 1 3 ? -1.982 -1.787 -3.508  1.00 0.00 ? 3 FAG A C5     7 
HETATM 1071 N N7     . FAG A 1 3 ? -3.269 -1.415 -3.252  1.00 0.00 ? 3 FAG A N7     7 
HETATM 1072 C C8     . FAG A 1 3 ? -4.121 -1.097 -4.263  1.00 0.00 ? 3 FAG A C8     7 
HETATM 1073 O O8     . FAG A 1 3 ? -3.839 -1.312 -5.425  1.00 0.00 ? 3 FAG A O8     7 
HETATM 1074 C "C2'"  . FAG A 1 3 ? -0.745 1.973  -0.922  1.00 0.00 ? 3 FAG A "C2'"  7 
HETATM 1075 C "C3'"  . FAG A 1 3 ? -0.296 3.412  -1.172  1.00 0.00 ? 3 FAG A "C3'"  7 
HETATM 1076 O "O3'"  . FAG A 1 3 ? -1.378 4.141  -1.778  1.00 0.00 ? 3 FAG A "O3'"  7 
HETATM 1077 C C8A    . FAG A 1 3 ? -3.727 -1.397 -1.853  1.00 0.00 ? 3 FAG A C8A    7 
HETATM 1078 C C9     . FAG A 1 3 ? -3.683 -2.797 -1.222  1.00 0.00 ? 3 FAG A C9     7 
HETATM 1079 O O9     . FAG A 1 3 ? -4.964 -3.093 -0.670  1.00 0.00 ? 3 FAG A O9     7 
HETATM 1080 C C9A    . FAG A 1 3 ? -2.671 -2.696 -0.080  1.00 0.00 ? 3 FAG A C9A    7 
HETATM 1081 C C9B    . FAG A 1 3 ? -1.277 -3.051 -0.474  1.00 0.00 ? 3 FAG A C9B    7 
HETATM 1082 O O7     . FAG A 1 3 ? -2.882 -0.548 -1.045  1.00 0.00 ? 3 FAG A O7     7 
HETATM 1083 C C6A    . FAG A 1 3 ? -2.484 -1.183 0.188   1.00 0.00 ? 3 FAG A C6A    7 
HETATM 1084 O O6A    . FAG A 1 3 ? -1.057 -0.936 0.416   1.00 0.00 ? 3 FAG A O6A    7 
HETATM 1085 C C5M    . FAG A 1 3 ? -0.413 -1.985 -0.151  1.00 0.00 ? 3 FAG A C5M    7 
HETATM 1086 C C5B    . FAG A 1 3 ? 0.981  -2.117 -0.440  1.00 0.00 ? 3 FAG A C5B    7 
HETATM 1087 C C4B    . FAG A 1 3 ? 1.473  -3.267 -1.036  1.00 0.00 ? 3 FAG A C4B    7 
HETATM 1088 O O4     . FAG A 1 3 ? 2.794  -3.368 -1.323  1.00 0.00 ? 3 FAG A O4     7 
HETATM 1089 C CM     . FAG A 1 3 ? 3.541  -2.245 -0.822  1.00 0.00 ? 3 FAG A CM     7 
HETATM 1090 C C4A    . FAG A 1 3 ? 0.611  -4.311 -1.343  1.00 0.00 ? 3 FAG A C4A    7 
HETATM 1091 C CAA    . FAG A 1 3 ? -0.754 -4.244 -1.075  1.00 0.00 ? 3 FAG A CAA    7 
HETATM 1092 O O10    . FAG A 1 3 ? -1.651 -5.245 -1.349  1.00 0.00 ? 3 FAG A O10    7 
HETATM 1093 C C11    . FAG A 1 3 ? -1.183 -6.391 -1.906  1.00 0.00 ? 3 FAG A C11    7 
HETATM 1094 O O11    . FAG A 1 3 ? -1.905 -7.329 -2.171  1.00 0.00 ? 3 FAG A O11    7 
HETATM 1095 C CBA    . FAG A 1 3 ? 0.188  -6.479 -2.193  1.00 0.00 ? 3 FAG A CBA    7 
HETATM 1096 H H31    . FAG A 1 3 ? 3.212  -5.877 -1.495  1.00 0.00 ? 3 FAG A H31    7 
HETATM 1097 H H32    . FAG A 1 3 ? 2.919  -5.200 -3.124  1.00 0.00 ? 3 FAG A H32    7 
HETATM 1098 H H2A1   . FAG A 1 3 ? 2.894  -8.027 -2.332  1.00 0.00 ? 3 FAG A H2A1   7 
HETATM 1099 H H2A2   . FAG A 1 3 ? 2.614  -7.351 -3.959  1.00 0.00 ? 3 FAG A H2A2   7 
HETATM 1100 H "H5'1" . FAG A 1 3 ? 2.122  2.035  -0.915  1.00 0.00 ? 3 FAG A "H5'1" 7 
HETATM 1101 H "H5'2" . FAG A 1 3 ? 3.020  3.036  -2.079  1.00 0.00 ? 3 FAG A "H5'2" 7 
HETATM 1102 H "H4'"  . FAG A 1 3 ? 0.951  4.162  -2.809  1.00 0.00 ? 3 FAG A "H4'"  7 
HETATM 1103 H "H1'"  . FAG A 1 3 ? 0.629  0.474  -1.659  1.00 0.00 ? 3 FAG A "H1'"  7 
HETATM 1104 H HN9    . FAG A 1 3 ? -1.882 1.006  -3.164  1.00 0.00 ? 3 FAG A HN9    7 
HETATM 1105 H HN21   . FAG A 1 3 ? 2.527  -2.013 -4.743  1.00 0.00 ? 3 FAG A HN21   7 
HETATM 1106 H HN22   . FAG A 1 3 ? 1.955  -3.506 -5.130  1.00 0.00 ? 3 FAG A HN22   7 
HETATM 1107 H H1     . FAG A 1 3 ? -0.147 -4.182 -4.745  1.00 0.00 ? 3 FAG A H1     7 
HETATM 1108 H H8     . FAG A 1 3 ? -4.744 -0.237 -4.022  1.00 0.00 ? 3 FAG A H8     7 
HETATM 1109 H "H2'1" . FAG A 1 3 ? -0.370 1.614  0.038   1.00 0.00 ? 3 FAG A "H2'1" 7 
HETATM 1110 H "H2'2" . FAG A 1 3 ? -1.835 1.902  -0.926  1.00 0.00 ? 3 FAG A "H2'2" 7 
HETATM 1111 H "H3'"  . FAG A 1 3 ? 0.004  3.911  -0.248  1.00 0.00 ? 3 FAG A "H3'"  7 
HETATM 1112 H H8A    . FAG A 1 3 ? -4.722 -1.004 -1.834  1.00 0.00 ? 3 FAG A H8A    7 
HETATM 1113 H H9     . FAG A 1 3 ? -3.398 -3.561 -1.947  1.00 0.00 ? 3 FAG A H9     7 
HETATM 1114 H HO9    . FAG A 1 3 ? -4.924 -3.983 -0.273  1.00 0.00 ? 3 FAG A HO9    7 
HETATM 1115 H H9A    . FAG A 1 3 ? -2.988 -3.242 0.811   1.00 0.00 ? 3 FAG A H9A    7 
HETATM 1116 H H6A    . FAG A 1 3 ? -3.099 -0.821 1.013   1.00 0.00 ? 3 FAG A H6A    7 
HETATM 1117 H H5B    . FAG A 1 3 ? 1.660  -1.301 -0.202  1.00 0.00 ? 3 FAG A H5B    7 
HETATM 1118 H HM1    . FAG A 1 3 ? 3.075  -1.316 -1.157  1.00 0.00 ? 3 FAG A HM1    7 
HETATM 1119 H HM2    . FAG A 1 3 ? 3.552  -2.272 0.271   1.00 0.00 ? 3 FAG A HM2    7 
HETATM 1120 H HM3    . FAG A 1 3 ? 4.567  -2.293 -1.195  1.00 0.00 ? 3 FAG A HM3    7 
ATOM   1121 P P      . DA  A 1 4 ? -1.315 5.745  -1.880  1.00 0.00 ? 4 DA  A P      7 
ATOM   1122 O OP1    . DA  A 1 4 ? -0.376 6.209  -0.901  1.00 0.00 ? 4 DA  A OP1    7 
ATOM   1123 O OP2    . DA  A 1 4 ? -2.664 6.244  -1.830  1.00 0.00 ? 4 DA  A OP2    7 
ATOM   1124 O "O5'"  . DA  A 1 4 ? -0.733 6.043  -3.288  1.00 0.00 ? 4 DA  A "O5'"  7 
ATOM   1125 C "C5'"  . DA  A 1 4 ? -1.524 6.330  -4.411  1.00 0.00 ? 4 DA  A "C5'"  7 
ATOM   1126 C "C4'"  . DA  A 1 4 ? -0.745 6.104  -5.660  1.00 0.00 ? 4 DA  A "C4'"  7 
ATOM   1127 O "O4'"  . DA  A 1 4 ? -0.606 4.671  -5.844  1.00 0.00 ? 4 DA  A "O4'"  7 
ATOM   1128 C "C3'"  . DA  A 1 4 ? -1.410 6.634  -6.892  1.00 0.00 ? 4 DA  A "C3'"  7 
ATOM   1129 O "O3'"  . DA  A 1 4 ? -0.424 7.244  -7.721  1.00 0.00 ? 4 DA  A "O3'"  7 
ATOM   1130 C "C2'"  . DA  A 1 4 ? -1.944 5.407  -7.588  1.00 0.00 ? 4 DA  A "C2'"  7 
ATOM   1131 C "C1'"  . DA  A 1 4 ? -0.972 4.306  -7.186  1.00 0.00 ? 4 DA  A "C1'"  7 
ATOM   1132 N N9     . DA  A 1 4 ? -1.615 2.981  -7.269  1.00 0.00 ? 4 DA  A N9     7 
ATOM   1133 C C8     . DA  A 1 4 ? -2.936 2.691  -7.522  1.00 0.00 ? 4 DA  A C8     7 
ATOM   1134 N N7     . DA  A 1 4 ? -3.213 1.420  -7.642  1.00 0.00 ? 4 DA  A N7     7 
ATOM   1135 C C5     . DA  A 1 4 ? -1.980 0.805  -7.482  1.00 0.00 ? 4 DA  A C5     7 
ATOM   1136 C C6     . DA  A 1 4 ? -1.506 -0.549 -7.512  1.00 0.00 ? 4 DA  A C6     7 
ATOM   1137 N N6     . DA  A 1 4 ? -2.324 -1.619 -7.720  1.00 0.00 ? 4 DA  A N6     7 
ATOM   1138 N N1     . DA  A 1 4 ? -0.197 -0.764 -7.339  1.00 0.00 ? 4 DA  A N1     7 
ATOM   1139 C C2     . DA  A 1 4 ? 0.624  0.259  -7.143  1.00 0.00 ? 4 DA  A C2     7 
ATOM   1140 N N3     . DA  A 1 4 ? 0.359  1.554  -7.082  1.00 0.00 ? 4 DA  A N3     7 
ATOM   1141 C C4     . DA  A 1 4 ? -0.964 1.772  -7.257  1.00 0.00 ? 4 DA  A C4     7 
ATOM   1142 H "H5'"  . DA  A 1 4 ? -1.823 7.332  -4.351  1.00 0.00 ? 4 DA  A "H5'"  7 
ATOM   1143 H "H5''" . DA  A 1 4 ? -2.411 5.695  -4.402  1.00 0.00 ? 4 DA  A "H5''" 7 
ATOM   1144 H "H4'"  . DA  A 1 4 ? 0.213  6.510  -5.558  1.00 0.00 ? 4 DA  A "H4'"  7 
ATOM   1145 H "H3'"  . DA  A 1 4 ? -2.199 7.350  -6.655  1.00 0.00 ? 4 DA  A "H3'"  7 
ATOM   1146 H "HO3'" . DA  A 1 4 ? -0.877 7.665  -8.474  1.00 0.00 ? 4 DA  A "HO3'" 7 
ATOM   1147 H "H2'"  . DA  A 1 4 ? -2.958 5.175  -7.254  1.00 0.00 ? 4 DA  A "H2'"  7 
ATOM   1148 H "H2''" . DA  A 1 4 ? -1.913 5.593  -8.643  1.00 0.00 ? 4 DA  A "H2''" 7 
ATOM   1149 H "H1'"  . DA  A 1 4 ? -0.080 4.343  -7.815  1.00 0.00 ? 4 DA  A "H1'"  7 
ATOM   1150 H H8     . DA  A 1 4 ? -3.692 3.459  -7.608  1.00 0.00 ? 4 DA  A H8     7 
ATOM   1151 H H61    . DA  A 1 4 ? -3.338 -1.548 -7.774  1.00 0.00 ? 4 DA  A H61    7 
ATOM   1152 H H62    . DA  A 1 4 ? -2.013 -2.587 -7.655  1.00 0.00 ? 4 DA  A H62    7 
ATOM   1153 H H2     . DA  A 1 4 ? 1.664  -0.005 -7.015  1.00 0.00 ? 4 DA  A H2     7 
ATOM   1154 O "O5'"  . DC  A 1 1 ? -3.259 1.907  9.553   1.00 0.00 ? 1 DC  A "O5'"  8 
ATOM   1155 C "C5'"  . DC  A 1 1 ? -2.470 0.817  9.082   1.00 0.00 ? 1 DC  A "C5'"  8 
ATOM   1156 C "C4'"  . DC  A 1 1 ? -1.023 1.316  8.857   1.00 0.00 ? 1 DC  A "C4'"  8 
ATOM   1157 O "O4'"  . DC  A 1 1 ? -0.152 0.180  9.009   1.00 0.00 ? 1 DC  A "O4'"  8 
ATOM   1158 C "C3'"  . DC  A 1 1 ? -1.067 1.655  7.400   1.00 0.00 ? 1 DC  A "C3'"  8 
ATOM   1159 O "O3'"  . DC  A 1 1 ? -0.440 2.894  7.140   1.00 0.00 ? 1 DC  A "O3'"  8 
ATOM   1160 C "C2'"  . DC  A 1 1 ? -0.385 0.515  6.702   1.00 0.00 ? 1 DC  A "C2'"  8 
ATOM   1161 C "C1'"  . DC  A 1 1 ? 0.513  -0.062 7.767   1.00 0.00 ? 1 DC  A "C1'"  8 
ATOM   1162 N N1     . DC  A 1 1 ? 0.792  -1.492 7.542   1.00 0.00 ? 1 DC  A N1     8 
ATOM   1163 C C2     . DC  A 1 1 ? 2.034  -1.844 7.039   1.00 0.00 ? 1 DC  A C2     8 
ATOM   1164 O O2     . DC  A 1 1 ? 2.875  -0.988 6.858   1.00 0.00 ? 1 DC  A O2     8 
ATOM   1165 N N3     . DC  A 1 1 ? 2.272  -3.152 6.738   1.00 0.00 ? 1 DC  A N3     8 
ATOM   1166 C C4     . DC  A 1 1 ? 1.346  -4.102 6.913   1.00 0.00 ? 1 DC  A C4     8 
ATOM   1167 N N4     . DC  A 1 1 ? 1.654  -5.389 6.584   1.00 0.00 ? 1 DC  A N4     8 
ATOM   1168 C C5     . DC  A 1 1 ? 0.045  -3.790 7.421   1.00 0.00 ? 1 DC  A C5     8 
ATOM   1169 C C6     . DC  A 1 1 ? -0.192 -2.418 7.723   1.00 0.00 ? 1 DC  A C6     8 
ATOM   1170 H "H5'"  . DC  A 1 1 ? -2.908 0.453  8.149   1.00 0.00 ? 1 DC  A "H5'"  8 
ATOM   1171 H "H5''" . DC  A 1 1 ? -2.497 0.022  9.831   1.00 0.00 ? 1 DC  A "H5''" 8 
ATOM   1172 H "H4'"  . DC  A 1 1 ? -0.641 2.117  9.369   1.00 0.00 ? 1 DC  A "H4'"  8 
ATOM   1173 H "H3'"  . DC  A 1 1 ? -2.047 1.651  7.088   1.00 0.00 ? 1 DC  A "H3'"  8 
ATOM   1174 H "H2'"  . DC  A 1 1 ? -1.102 -0.222 6.336   1.00 0.00 ? 1 DC  A "H2'"  8 
ATOM   1175 H "H2''" . DC  A 1 1 ? 0.201  0.932  5.911   1.00 0.00 ? 1 DC  A "H2''" 8 
ATOM   1176 H "H1'"  . DC  A 1 1 ? 1.381  0.571  7.745   1.00 0.00 ? 1 DC  A "H1'"  8 
ATOM   1177 H H41    . DC  A 1 1 ? 0.967  -6.139 6.571   1.00 0.00 ? 1 DC  A H41    8 
ATOM   1178 H H42    . DC  A 1 1 ? 2.512  -5.652 6.102   1.00 0.00 ? 1 DC  A H42    8 
ATOM   1179 H H5     . DC  A 1 1 ? -0.734 -4.524 7.568   1.00 0.00 ? 1 DC  A H5     8 
ATOM   1180 H H6     . DC  A 1 1 ? -1.154 -2.105 8.101   1.00 0.00 ? 1 DC  A H6     8 
ATOM   1181 H "HO5'" . DC  A 1 1 ? -4.179 1.598  9.639   1.00 0.00 ? 1 DC  A "HO5'" 8 
ATOM   1182 P P      . DT  A 1 2 ? -0.611 3.699  5.812   1.00 0.00 ? 2 DT  A P      8 
ATOM   1183 O OP1    . DT  A 1 2 ? -0.207 5.044  6.085   1.00 0.00 ? 2 DT  A OP1    8 
ATOM   1184 O OP2    . DT  A 1 2 ? -1.934 3.467  5.330   1.00 0.00 ? 2 DT  A OP2    8 
ATOM   1185 O "O5'"  . DT  A 1 2 ? 0.396  3.104  4.766   1.00 0.00 ? 2 DT  A "O5'"  8 
ATOM   1186 C "C5'"  . DT  A 1 2 ? 1.788  3.183  4.949   1.00 0.00 ? 2 DT  A "C5'"  8 
ATOM   1187 C "C4'"  . DT  A 1 2 ? 2.599  2.507  3.856   1.00 0.00 ? 2 DT  A "C4'"  8 
ATOM   1188 O "O4'"  . DT  A 1 2 ? 2.453  1.113  4.032   1.00 0.00 ? 2 DT  A "O4'"  8 
ATOM   1189 C "C3'"  . DT  A 1 2 ? 2.155  2.800  2.447   1.00 0.00 ? 2 DT  A "C3'"  8 
ATOM   1190 O "O3'"  . DT  A 1 2 ? 3.272  2.797  1.546   1.00 0.00 ? 2 DT  A "O3'"  8 
ATOM   1191 C "C2'"  . DT  A 1 2 ? 1.325  1.616  2.136   1.00 0.00 ? 2 DT  A "C2'"  8 
ATOM   1192 C "C1'"  . DT  A 1 2 ? 2.009  0.518  2.858   1.00 0.00 ? 2 DT  A "C1'"  8 
ATOM   1193 N N1     . DT  A 1 2 ? 1.151  -0.656 3.103   1.00 0.00 ? 2 DT  A N1     8 
ATOM   1194 C C2     . DT  A 1 2 ? 1.710  -1.904 2.881   1.00 0.00 ? 2 DT  A C2     8 
ATOM   1195 O O2     . DT  A 1 2 ? 2.867  -2.015 2.530   1.00 0.00 ? 2 DT  A O2     8 
ATOM   1196 N N3     . DT  A 1 2 ? 0.866  -3.004 3.075   1.00 0.00 ? 2 DT  A N3     8 
ATOM   1197 C C4     . DT  A 1 2 ? -0.476 -2.952 3.467   1.00 0.00 ? 2 DT  A C4     8 
ATOM   1198 O O4     . DT  A 1 2 ? -1.179 -3.928 3.632   1.00 0.00 ? 2 DT  A O4     8 
ATOM   1199 C C5     . DT  A 1 2 ? -0.989 -1.659 3.667   1.00 0.00 ? 2 DT  A C5     8 
ATOM   1200 C C7     . DT  A 1 2 ? -2.420 -1.480 4.113   1.00 0.00 ? 2 DT  A C7     8 
ATOM   1201 C C6     . DT  A 1 2 ? -0.154 -0.516 3.475   1.00 0.00 ? 2 DT  A C6     8 
ATOM   1202 H "H5'"  . DT  A 1 2 ? 1.993  2.721  5.870   1.00 0.00 ? 2 DT  A "H5'"  8 
ATOM   1203 H "H5''" . DT  A 1 2 ? 2.076  4.185  5.006   1.00 0.00 ? 2 DT  A "H5''" 8 
ATOM   1204 H "H4'"  . DT  A 1 2 ? 3.620  2.769  3.959   1.00 0.00 ? 2 DT  A "H4'"  8 
ATOM   1205 H "H3'"  . DT  A 1 2 ? 1.612  3.696  2.385   1.00 0.00 ? 2 DT  A "H3'"  8 
ATOM   1206 H "H2'"  . DT  A 1 2 ? 0.349  1.799  2.498   1.00 0.00 ? 2 DT  A "H2'"  8 
ATOM   1207 H "H2''" . DT  A 1 2 ? 1.267  1.419  1.098   1.00 0.00 ? 2 DT  A "H2''" 8 
ATOM   1208 H "H1'"  . DT  A 1 2 ? 2.855  0.261  2.279   1.00 0.00 ? 2 DT  A "H1'"  8 
ATOM   1209 H H3     . DT  A 1 2 ? 1.262  -3.922 2.917   1.00 0.00 ? 2 DT  A H3     8 
ATOM   1210 H H71    . DT  A 1 2 ? -3.099 -1.791 3.317   1.00 0.00 ? 2 DT  A H71    8 
ATOM   1211 H H72    . DT  A 1 2 ? -2.614 -2.099 4.992   1.00 0.00 ? 2 DT  A H72    8 
ATOM   1212 H H73    . DT  A 1 2 ? -2.610 -0.434 4.362   1.00 0.00 ? 2 DT  A H73    8 
ATOM   1213 H H6     . DT  A 1 2 ? -0.552 0.475  3.638   1.00 0.00 ? 2 DT  A H6     8 
HETATM 1214 C C3A    . FAG A 1 3 ? 1.275  -5.376 -1.689  1.00 0.00 ? 3 FAG A C3A    8 
HETATM 1215 C C3     . FAG A 1 3 ? 2.681  -5.739 -2.065  1.00 0.00 ? 3 FAG A C3     8 
HETATM 1216 C C2A    . FAG A 1 3 ? 2.500  -7.180 -2.616  1.00 0.00 ? 3 FAG A C2A    8 
HETATM 1217 C C1     . FAG A 1 3 ? 1.014  -7.494 -2.487  1.00 0.00 ? 3 FAG A C1     8 
HETATM 1218 O O1     . FAG A 1 3 ? 0.446  -8.513 -2.818  1.00 0.00 ? 3 FAG A O1     8 
HETATM 1219 P P      . FAG A 1 3 ? 3.537  4.045  0.564   1.00 0.00 ? 3 FAG A P      8 
HETATM 1220 O O1P    . FAG A 1 3 ? 4.774  3.778  -0.202  1.00 0.00 ? 3 FAG A O1P    8 
HETATM 1221 O O2P    . FAG A 1 3 ? 3.419  5.287  1.360   1.00 0.00 ? 3 FAG A O2P    8 
HETATM 1222 O "O5'"  . FAG A 1 3 ? 2.291  3.981  -0.456  1.00 0.00 ? 3 FAG A "O5'"  8 
HETATM 1223 C "C5'"  . FAG A 1 3 ? 2.192  2.937  -1.442  1.00 0.00 ? 3 FAG A "C5'"  8 
HETATM 1224 C "C4'"  . FAG A 1 3 ? 0.908  3.164  -2.251  1.00 0.00 ? 3 FAG A "C4'"  8 
HETATM 1225 O "O4'"  . FAG A 1 3 ? 0.612  1.962  -2.994  1.00 0.00 ? 3 FAG A "O4'"  8 
HETATM 1226 C "C1'"  . FAG A 1 3 ? -0.029 1.000  -2.122  1.00 0.00 ? 3 FAG A "C1'"  8 
HETATM 1227 N N9     . FAG A 1 3 ? -1.124 0.294  -2.797  1.00 0.00 ? 3 FAG A N9     8 
HETATM 1228 C C4     . FAG A 1 3 ? -0.914 -0.944 -3.329  1.00 0.00 ? 3 FAG A C4     8 
HETATM 1229 N N3     . FAG A 1 3 ? 0.391  -1.243 -3.684  1.00 0.00 ? 3 FAG A N3     8 
HETATM 1230 C C2     . FAG A 1 3 ? 0.555  -2.460 -4.219  1.00 0.00 ? 3 FAG A C2     8 
HETATM 1231 N N2     . FAG A 1 3 ? 1.787  -2.847 -4.658  1.00 0.00 ? 3 FAG A N2     8 
HETATM 1232 N N1     . FAG A 1 3 ? -0.450 -3.395 -4.413  1.00 0.00 ? 3 FAG A N1     8 
HETATM 1233 C C6     . FAG A 1 3 ? -1.775 -3.147 -4.071  1.00 0.00 ? 3 FAG A C6     8 
HETATM 1234 O O6     . FAG A 1 3 ? -2.697 -3.920 -4.240  1.00 0.00 ? 3 FAG A O6     8 
HETATM 1235 C C5     . FAG A 1 3 ? -1.983 -1.876 -3.516  1.00 0.00 ? 3 FAG A C5     8 
HETATM 1236 N N7     . FAG A 1 3 ? -3.257 -1.475 -3.239  1.00 0.00 ? 3 FAG A N7     8 
HETATM 1237 C C8     . FAG A 1 3 ? -4.078 -1.039 -4.231  1.00 0.00 ? 3 FAG A C8     8 
HETATM 1238 O O8     . FAG A 1 3 ? -3.644 -0.458 -5.204  1.00 0.00 ? 3 FAG A O8     8 
HETATM 1239 C "C2'"  . FAG A 1 3 ? -0.583 1.818  -0.946  1.00 0.00 ? 3 FAG A "C2'"  8 
HETATM 1240 C "C3'"  . FAG A 1 3 ? -0.277 3.273  -1.294  1.00 0.00 ? 3 FAG A "C3'"  8 
HETATM 1241 O "O3'"  . FAG A 1 3 ? -1.406 3.848  -1.980  1.00 0.00 ? 3 FAG A "O3'"  8 
HETATM 1242 C C8A    . FAG A 1 3 ? -3.668 -1.403 -1.830  1.00 0.00 ? 3 FAG A C8A    8 
HETATM 1243 C C9     . FAG A 1 3 ? -3.591 -2.781 -1.160  1.00 0.00 ? 3 FAG A C9     8 
HETATM 1244 O O9     . FAG A 1 3 ? -4.883 -3.118 -0.657  1.00 0.00 ? 3 FAG A O9     8 
HETATM 1245 C C9A    . FAG A 1 3 ? -2.622 -2.609 0.012   1.00 0.00 ? 3 FAG A C9A    8 
HETATM 1246 C C9B    . FAG A 1 3 ? -1.214 -2.950 -0.332  1.00 0.00 ? 3 FAG A C9B    8 
HETATM 1247 O O7     . FAG A 1 3 ? -2.802 -0.526 -1.078  1.00 0.00 ? 3 FAG A O7     8 
HETATM 1248 C C6A    . FAG A 1 3 ? -2.464 -1.081 0.209   1.00 0.00 ? 3 FAG A C6A    8 
HETATM 1249 O O6A    . FAG A 1 3 ? -1.054 -0.801 0.484   1.00 0.00 ? 3 FAG A O6A    8 
HETATM 1250 C C5M    . FAG A 1 3 ? -0.376 -1.856 -0.032  1.00 0.00 ? 3 FAG A C5M    8 
HETATM 1251 C C5B    . FAG A 1 3 ? 1.023  -1.962 -0.304  1.00 0.00 ? 3 FAG A C5B    8 
HETATM 1252 C C4B    . FAG A 1 3 ? 1.546  -3.121 -0.853  1.00 0.00 ? 3 FAG A C4B    8 
HETATM 1253 O O4     . FAG A 1 3 ? 2.872  -3.200 -1.130  1.00 0.00 ? 3 FAG A O4     8 
HETATM 1254 C CM     . FAG A 1 3 ? 3.520  -1.920 -1.027  1.00 0.00 ? 3 FAG A CM     8 
HETATM 1255 C C4A    . FAG A 1 3 ? 0.713  -4.197 -1.130  1.00 0.00 ? 3 FAG A C4A    8 
HETATM 1256 C CAA    . FAG A 1 3 ? -0.655 -4.150 -0.888  1.00 0.00 ? 3 FAG A CAA    8 
HETATM 1257 O O10    . FAG A 1 3 ? -1.529 -5.176 -1.151  1.00 0.00 ? 3 FAG A O10    8 
HETATM 1258 C C11    . FAG A 1 3 ? -1.031 -6.319 -1.684  1.00 0.00 ? 3 FAG A C11    8 
HETATM 1259 O O11    . FAG A 1 3 ? -1.733 -7.274 -1.949  1.00 0.00 ? 3 FAG A O11    8 
HETATM 1260 C CBA    . FAG A 1 3 ? 0.348  -6.392 -1.937  1.00 0.00 ? 3 FAG A CBA    8 
HETATM 1261 H H31    . FAG A 1 3 ? 3.342  -5.730 -1.196  1.00 0.00 ? 3 FAG A H31    8 
HETATM 1262 H H32    . FAG A 1 3 ? 3.074  -5.070 -2.834  1.00 0.00 ? 3 FAG A H32    8 
HETATM 1263 H H2A1   . FAG A 1 3 ? 3.090  -7.889 -2.031  1.00 0.00 ? 3 FAG A H2A1   8 
HETATM 1264 H H2A2   . FAG A 1 3 ? 2.806  -7.229 -3.663  1.00 0.00 ? 3 FAG A H2A2   8 
HETATM 1265 H "H5'1" . FAG A 1 3 ? 2.150  1.975  -0.926  1.00 0.00 ? 3 FAG A "H5'1" 8 
HETATM 1266 H "H5'2" . FAG A 1 3 ? 3.072  2.958  -2.089  1.00 0.00 ? 3 FAG A "H5'2" 8 
HETATM 1267 H "H4'"  . FAG A 1 3 ? 0.996  4.032  -2.910  1.00 0.00 ? 3 FAG A "H4'"  8 
HETATM 1268 H "H1'"  . FAG A 1 3 ? 0.714  0.289  -1.757  1.00 0.00 ? 3 FAG A "H1'"  8 
HETATM 1269 H HN9    . FAG A 1 3 ? -1.793 0.939  -3.214  1.00 0.00 ? 3 FAG A HN9    8 
HETATM 1270 H HN21   . FAG A 1 3 ? 1.870  -3.594 -5.345  1.00 0.00 ? 3 FAG A HN21   8 
HETATM 1271 H HN22   . FAG A 1 3 ? 2.491  -2.144 -4.875  1.00 0.00 ? 3 FAG A HN22   8 
HETATM 1272 H H1     . FAG A 1 3 ? -0.226 -4.290 -4.830  1.00 0.00 ? 3 FAG A H1     8 
HETATM 1273 H H8     . FAG A 1 3 ? -4.961 -1.669 -4.343  1.00 0.00 ? 3 FAG A H8     8 
HETATM 1274 H "H2'1" . FAG A 1 3 ? -0.056 1.536  -0.032  1.00 0.00 ? 3 FAG A "H2'1" 8 
HETATM 1275 H "H2'2" . FAG A 1 3 ? -1.653 1.655  -0.804  1.00 0.00 ? 3 FAG A "H2'2" 8 
HETATM 1276 H "H3'"  . FAG A 1 3 ? -0.049 3.865  -0.405  1.00 0.00 ? 3 FAG A "H3'"  8 
HETATM 1277 H H8A    . FAG A 1 3 ? -4.689 -1.021 -1.765  1.00 0.00 ? 3 FAG A H8A    8 
HETATM 1278 H H9     . FAG A 1 3 ? -3.245 -3.547 -1.856  1.00 0.00 ? 3 FAG A H9     8 
HETATM 1279 H HO9    . FAG A 1 3 ? -4.875 -4.058 -0.400  1.00 0.00 ? 3 FAG A HO9    8 
HETATM 1280 H H9A    . FAG A 1 3 ? -2.955 -3.118 0.919   1.00 0.00 ? 3 FAG A H9A    8 
HETATM 1281 H H6A    . FAG A 1 3 ? -3.124 -0.679 0.980   1.00 0.00 ? 3 FAG A H6A    8 
HETATM 1282 H H5B    . FAG A 1 3 ? 1.679  -1.124 -0.087  1.00 0.00 ? 3 FAG A H5B    8 
HETATM 1283 H HM1    . FAG A 1 3 ? 3.413  -1.533 -0.012  1.00 0.00 ? 3 FAG A HM1    8 
HETATM 1284 H HM2    . FAG A 1 3 ? 4.580  -2.025 -1.268  1.00 0.00 ? 3 FAG A HM2    8 
HETATM 1285 H HM3    . FAG A 1 3 ? 3.058  -1.222 -1.730  1.00 0.00 ? 3 FAG A HM3    8 
ATOM   1286 P P      . DA  A 1 4 ? -1.616 5.445  -1.978  1.00 0.00 ? 4 DA  A P      8 
ATOM   1287 O OP1    . DA  A 1 4 ? -0.785 5.942  -1.053  1.00 0.00 ? 4 DA  A OP1    8 
ATOM   1288 O OP2    . DA  A 1 4 ? -2.872 5.654  -1.922  1.00 0.00 ? 4 DA  A OP2    8 
ATOM   1289 O "O5'"  . DA  A 1 4 ? -1.322 5.877  -3.326  1.00 0.00 ? 4 DA  A "O5'"  8 
ATOM   1290 C "C5'"  . DA  A 1 4 ? -1.869 7.067  -3.912  1.00 0.00 ? 4 DA  A "C5'"  8 
ATOM   1291 C "C4'"  . DA  A 1 4 ? -0.824 7.542  -4.931  1.00 0.00 ? 4 DA  A "C4'"  8 
ATOM   1292 O "O4'"  . DA  A 1 4 ? -0.504 6.437  -5.812  1.00 0.00 ? 4 DA  A "O4'"  8 
ATOM   1293 C "C3'"  . DA  A 1 4 ? -1.351 8.662  -5.842  1.00 0.00 ? 4 DA  A "C3'"  8 
ATOM   1294 O "O3'"  . DA  A 1 4 ? -0.308 9.615  -6.037  1.00 0.00 ? 4 DA  A "O3'"  8 
ATOM   1295 C "C2'"  . DA  A 1 4 ? -1.626 7.961  -7.172  1.00 0.00 ? 4 DA  A "C2'"  8 
ATOM   1296 C "C1'"  . DA  A 1 4 ? -0.570 6.856  -7.190  1.00 0.00 ? 4 DA  A "C1'"  8 
ATOM   1297 N N9     . DA  A 1 4 ? -0.941 5.747  -8.092  1.00 0.00 ? 4 DA  A N9     8 
ATOM   1298 C C8     . DA  A 1 4 ? -1.541 5.820  -9.329  1.00 0.00 ? 4 DA  A C8     8 
ATOM   1299 N N7     . DA  A 1 4 ? -1.692 4.673  -9.940  1.00 0.00 ? 4 DA  A N7     8 
ATOM   1300 C C5     . DA  A 1 4 ? -1.143 3.757  -9.053  1.00 0.00 ? 4 DA  A C5     8 
ATOM   1301 C C6     . DA  A 1 4 ? -0.942 2.337  -9.049  1.00 0.00 ? 4 DA  A C6     8 
ATOM   1302 N N6     . DA  A 1 4 ? -1.324 1.526  -10.078 1.00 0.00 ? 4 DA  A N6     8 
ATOM   1303 N N1     . DA  A 1 4 ? -0.348 1.785  -7.987  1.00 0.00 ? 4 DA  A N1     8 
ATOM   1304 C C2     . DA  A 1 4 ? 0.040  2.546  -6.973  1.00 0.00 ? 4 DA  A C2     8 
ATOM   1305 N N3     . DA  A 1 4 ? -0.063 3.857  -6.814  1.00 0.00 ? 4 DA  A N3     8 
ATOM   1306 C C4     . DA  A 1 4 ? -0.666 4.416  -7.887  1.00 0.00 ? 4 DA  A C4     8 
ATOM   1307 H "H5'"  . DA  A 1 4 ? -2.025 7.823  -3.141  1.00 0.00 ? 4 DA  A "H5'"  8 
ATOM   1308 H "H5''" . DA  A 1 4 ? -2.823 6.834  -4.392  1.00 0.00 ? 4 DA  A "H5''" 8 
ATOM   1309 H "H4'"  . DA  A 1 4 ? 0.082  7.869  -4.417  1.00 0.00 ? 4 DA  A "H4'"  8 
ATOM   1310 H "H3'"  . DA  A 1 4 ? -2.240 9.149  -5.435  1.00 0.00 ? 4 DA  A "H3'"  8 
ATOM   1311 H "HO3'" . DA  A 1 4 ? -0.091 10.005 -5.171  1.00 0.00 ? 4 DA  A "HO3'" 8 
ATOM   1312 H "H2'"  . DA  A 1 4 ? -2.624 7.519  -7.163  1.00 0.00 ? 4 DA  A "H2'"  8 
ATOM   1313 H "H2''" . DA  A 1 4 ? -1.535 8.637  -8.026  1.00 0.00 ? 4 DA  A "H2''" 8 
ATOM   1314 H "H1'"  . DA  A 1 4 ? 0.400  7.271  -7.474  1.00 0.00 ? 4 DA  A "H1'"  8 
ATOM   1315 H H8     . DA  A 1 4 ? -1.864 6.754  -9.761  1.00 0.00 ? 4 DA  A H8     8 
ATOM   1316 H H61    . DA  A 1 4 ? -1.755 1.865  -10.936 1.00 0.00 ? 4 DA  A H61    8 
ATOM   1317 H H62    . DA  A 1 4 ? -1.160 0.521  -10.098 1.00 0.00 ? 4 DA  A H62    8 
ATOM   1318 H H2     . DA  A 1 4 ? 0.514  2.020  -6.157  1.00 0.00 ? 4 DA  A H2     8 
# 
